data_2Y7C
#
_entry.id   2Y7C
#
_cell.length_a   1.000
_cell.length_b   1.000
_cell.length_c   1.000
_cell.angle_alpha   90.00
_cell.angle_beta   90.00
_cell.angle_gamma   90.00
#
_symmetry.space_group_name_H-M   'P 1'
#
loop_
_entity.id
_entity.type
_entity.pdbx_description
1 polymer 'TYPE-1 RESTRICTION ENZYME ECOKI SPECIFICITY PROTEIN'
2 polymer 'TYPE I RESTRICTION ENZYME ECOKI M PROTEIN'
3 polymer 'GENE 0.3 PROTEIN'
#
loop_
_entity_poly.entity_id
_entity_poly.type
_entity_poly.pdbx_seq_one_letter_code
_entity_poly.pdbx_strand_id
1 'polypeptide(L)'
;MSAGKLPEGWVIAPVSTVTTLIRGVTYKKEQAINYLKDDYLPLIRANNIQNGKFDTTDLVFVPKNLVKESQKISPEDIVI
AMSSGSKSVVGKSAHQHLPFECSFGAFCGVLRPEKLIFSGFIAHFTKSSLYRNKISSLSAGANINNIKPASFDLINIPIP
PLAEQKIIAEKLDTLLAQVDSTKARFEQIPQILKRFRQAVLGGAVNGKLTEKWRNFEPQHSVFKKLNFESILTELRNGLS
SKPNESGVGHPILRISSVRAGHVDQNDIRFLECSESELNRHKLQDGDLLFTRYNGSLEFVGVCGLLKKLQHQNLLYPDKL
IRARLTKDALPEYIEIFFSSPSARNAMMNCVKTTSGQKGISGKDIKSQVVLLPPVKEQAEIVRRVEQLFAYADTIEKQVN
NALARVNNLTQSILAKAFRGELTAQWRAENPDLISGENSAAALLEKIKAERAASGGKKASRKKS
;
A
2 'polypeptide(L)'
;MNNNDLVAKLWKLCDNLRDGGVSYQNYVNELASLLFLKMCKETGQEAEYLPEGYRWDDLKSRIGQEQLQFYRKMLVHLGE
DDKKLVQAVFHNVSTTITEPKQITALVSNMDSLDWYNGAHGKSRDDFGDMYEGLLQKNANETKSGAGQYFTPRPLIKTII
HLLKPQPREVVQDPAAGTAGFLIEADRYVKSQTNDLDDLDGDTQDFQIHRAFIGLELVPGTRRLALMNCLLHDIEGNLDH
GGAIRLGNTLGSDGENLPKAHIVATNPPFGSAAGTNITRTFVHPTSNKQLCFMQHIIETLHPGGRAAVVVPDNVLFEGGK
GTDIRRDLMDKCHLHTILRLPTGIFYAQGVKTNVLFFTKGTVANPNQDKNCTDDVWVYDLRTNMPSFGKRTPFTDEHLQP
FERVYGEDPHGLSPRTEGEWSFNAEETEVADSEENKNTDQHLATSRWRKFSREWIRTAKSDSLDISWLKDKDSIDADSLP
EPDVLAAEAMGELVQALSELDALMRELGASDEADLQRQLLEEAFGGVKE
;
B,C
3 'polypeptide(L)'
;MAMSNMTYNNVFDHAYEMLKENIRYDDIRDTDDLHDAIHMAADNAVPHYYADIFSVMASEGIDLEFEDSGLMPDTKDVIR
ILQARIYEQLTIDLWEDAEDLLNEYLEEVEEYEEDE
;
D,E
#
# COMPACT_ATOMS: atom_id res chain seq x y z
N MET A 1 -28.34 11.95 -43.33
CA MET A 1 -27.06 11.68 -42.64
C MET A 1 -26.83 12.72 -41.60
N SER A 2 -26.42 12.28 -40.39
CA SER A 2 -26.23 13.19 -39.30
C SER A 2 -25.40 12.44 -38.31
N ALA A 3 -25.88 12.37 -37.06
CA ALA A 3 -25.16 11.66 -36.05
C ALA A 3 -25.01 10.27 -36.55
N GLY A 4 -26.09 9.75 -37.16
CA GLY A 4 -26.05 8.43 -37.72
C GLY A 4 -27.04 8.43 -38.84
N LYS A 5 -27.14 7.30 -39.57
CA LYS A 5 -28.09 7.27 -40.64
C LYS A 5 -29.42 7.48 -39.98
N LEU A 6 -30.20 8.44 -40.49
CA LEU A 6 -31.45 8.69 -39.84
C LEU A 6 -32.50 8.70 -40.91
N PRO A 7 -33.62 8.20 -40.52
CA PRO A 7 -34.74 8.09 -41.42
C PRO A 7 -35.44 9.37 -41.75
N GLU A 8 -36.33 9.31 -42.76
CA GLU A 8 -37.09 10.38 -43.33
C GLU A 8 -37.95 11.03 -42.30
N GLY A 9 -38.69 10.23 -41.52
CA GLY A 9 -39.65 10.76 -40.62
C GLY A 9 -39.01 11.61 -39.57
N TRP A 10 -37.80 11.22 -39.12
CA TRP A 10 -37.33 11.83 -37.90
C TRP A 10 -36.50 13.01 -38.15
N VAL A 11 -36.34 13.78 -37.05
CA VAL A 11 -35.56 14.95 -37.02
C VAL A 11 -34.60 14.76 -35.89
N ILE A 12 -33.45 15.43 -35.97
CA ILE A 12 -32.50 15.34 -34.91
C ILE A 12 -32.68 16.61 -34.16
N ALA A 13 -33.15 16.50 -32.91
CA ALA A 13 -33.38 17.69 -32.17
C ALA A 13 -32.48 17.63 -30.98
N PRO A 14 -32.11 18.79 -30.51
CA PRO A 14 -31.27 18.83 -29.35
C PRO A 14 -32.09 18.45 -28.17
N VAL A 15 -31.44 17.91 -27.11
CA VAL A 15 -32.18 17.54 -25.94
C VAL A 15 -32.75 18.77 -25.33
N SER A 16 -32.01 19.89 -25.41
CA SER A 16 -32.48 21.10 -24.79
C SER A 16 -33.80 21.49 -25.38
N THR A 17 -33.94 21.43 -26.73
CA THR A 17 -35.18 21.86 -27.31
C THR A 17 -36.30 20.98 -26.83
N VAL A 18 -36.06 19.65 -26.85
CA VAL A 18 -37.03 18.66 -26.49
C VAL A 18 -37.27 18.62 -25.01
N THR A 19 -36.35 19.13 -24.16
CA THR A 19 -36.49 18.99 -22.72
C THR A 19 -37.00 20.26 -22.12
N THR A 20 -37.93 20.12 -21.14
CA THR A 20 -38.50 21.26 -20.48
C THR A 20 -37.47 21.94 -19.61
N LEU A 21 -36.73 21.18 -18.77
CA LEU A 21 -35.79 21.83 -17.89
C LEU A 21 -34.58 20.97 -17.73
N ILE A 22 -33.39 21.59 -17.83
CA ILE A 22 -32.17 20.88 -17.56
C ILE A 22 -31.41 21.74 -16.60
N ARG A 23 -31.13 21.22 -15.38
CA ARG A 23 -30.42 22.03 -14.43
C ARG A 23 -29.67 21.14 -13.50
N GLY A 24 -28.66 21.69 -12.79
CA GLY A 24 -27.89 20.92 -11.85
C GLY A 24 -28.52 21.06 -10.50
N VAL A 25 -27.82 20.53 -9.46
CA VAL A 25 -28.29 20.58 -8.11
C VAL A 25 -27.10 21.03 -7.31
N THR A 26 -27.24 21.31 -6.00
CA THR A 26 -26.07 21.81 -5.31
C THR A 26 -25.86 21.05 -4.03
N TYR A 27 -24.87 21.50 -3.22
CA TYR A 27 -24.49 20.82 -2.01
C TYR A 27 -24.79 21.71 -0.84
N LYS A 28 -25.40 21.10 0.20
CA LYS A 28 -25.83 21.71 1.42
C LYS A 28 -24.66 21.86 2.35
N LYS A 29 -24.78 22.78 3.33
CA LYS A 29 -23.71 22.94 4.27
C LYS A 29 -23.79 21.76 5.19
N GLU A 30 -22.76 20.92 5.14
CA GLU A 30 -22.71 19.71 5.91
C GLU A 30 -22.61 20.02 7.36
N GLN A 31 -21.90 21.10 7.71
CA GLN A 31 -21.62 21.40 9.09
C GLN A 31 -22.89 21.58 9.86
N ALA A 32 -23.90 22.27 9.29
CA ALA A 32 -25.08 22.51 10.07
C ALA A 32 -25.81 21.23 10.33
N ILE A 33 -26.19 21.01 11.60
CA ILE A 33 -26.92 19.86 12.06
C ILE A 33 -28.33 19.91 11.59
N ASN A 34 -28.94 21.11 11.61
CA ASN A 34 -30.33 21.31 11.33
C ASN A 34 -30.65 20.79 9.97
N TYR A 35 -29.72 20.95 9.00
CA TYR A 35 -30.07 20.54 7.67
C TYR A 35 -30.38 19.07 7.64
N LEU A 36 -29.52 18.21 8.22
CA LEU A 36 -29.76 16.79 8.24
C LEU A 36 -30.80 16.35 9.24
N LYS A 37 -30.80 16.96 10.44
CA LYS A 37 -31.57 16.48 11.56
C LYS A 37 -33.00 16.20 11.20
N ASP A 38 -33.49 15.03 11.67
CA ASP A 38 -34.85 14.57 11.53
C ASP A 38 -35.37 14.88 10.17
N ASP A 39 -34.86 14.19 9.12
CA ASP A 39 -35.27 14.52 7.79
C ASP A 39 -36.25 13.56 7.19
N TYR A 40 -37.36 14.13 6.67
CA TYR A 40 -38.40 13.51 5.90
C TYR A 40 -37.98 13.19 4.47
N LEU A 41 -37.26 14.10 3.77
CA LEU A 41 -37.07 13.98 2.33
C LEU A 41 -35.73 13.38 1.95
N PRO A 42 -35.78 12.24 1.32
CA PRO A 42 -34.58 11.52 0.96
C PRO A 42 -33.56 12.34 0.21
N LEU A 43 -32.25 12.16 0.54
CA LEU A 43 -31.16 12.85 -0.10
C LEU A 43 -30.35 11.83 -0.85
N ILE A 44 -29.97 12.12 -2.11
CA ILE A 44 -29.28 11.09 -2.83
C ILE A 44 -27.91 11.54 -3.24
N ARG A 45 -26.98 10.57 -3.27
CA ARG A 45 -25.62 10.79 -3.66
C ARG A 45 -25.42 10.03 -4.94
N ALA A 46 -24.23 10.18 -5.56
CA ALA A 46 -23.92 9.65 -6.85
C ALA A 46 -24.08 8.16 -6.84
N ASN A 47 -23.74 7.52 -5.72
CA ASN A 47 -23.78 6.09 -5.63
C ASN A 47 -25.17 5.59 -5.90
N ASN A 48 -26.20 6.36 -5.50
CA ASN A 48 -27.55 5.89 -5.60
C ASN A 48 -27.91 5.51 -7.01
N ILE A 49 -27.61 6.35 -8.02
CA ILE A 49 -28.02 5.97 -9.35
C ILE A 49 -27.29 4.73 -9.76
N GLN A 50 -26.00 4.64 -9.43
CA GLN A 50 -25.22 3.53 -9.88
C GLN A 50 -25.81 2.26 -9.35
N ASN A 51 -26.29 2.25 -8.10
CA ASN A 51 -26.77 1.00 -7.58
C ASN A 51 -28.24 0.84 -7.88
N GLY A 52 -28.54 0.04 -8.92
CA GLY A 52 -29.88 -0.36 -9.24
C GLY A 52 -30.71 0.81 -9.69
N LYS A 53 -32.04 0.56 -9.78
CA LYS A 53 -33.01 1.55 -10.14
C LYS A 53 -33.13 2.39 -8.91
N PHE A 54 -33.64 3.63 -9.01
CA PHE A 54 -33.56 4.39 -7.80
C PHE A 54 -34.78 4.23 -6.94
N ASP A 55 -34.83 3.14 -6.15
CA ASP A 55 -35.85 3.03 -5.13
C ASP A 55 -35.37 3.59 -3.81
N THR A 56 -34.08 3.38 -3.45
CA THR A 56 -33.61 3.65 -2.11
C THR A 56 -32.64 4.80 -2.08
N THR A 57 -32.58 5.45 -0.90
CA THR A 57 -31.74 6.61 -0.68
C THR A 57 -30.80 6.35 0.46
N ASP A 58 -29.48 6.53 0.23
CA ASP A 58 -28.49 6.32 1.25
C ASP A 58 -28.55 7.39 2.31
N LEU A 59 -28.64 8.68 1.89
CA LEU A 59 -28.60 9.75 2.85
C LEU A 59 -29.94 10.39 2.93
N VAL A 60 -30.12 11.24 3.95
CA VAL A 60 -31.38 11.86 4.23
C VAL A 60 -31.14 13.35 4.27
N PHE A 61 -32.04 14.16 3.65
CA PHE A 61 -31.86 15.59 3.49
C PHE A 61 -33.11 16.33 3.89
N VAL A 62 -33.04 17.23 4.90
CA VAL A 62 -34.23 17.89 5.41
C VAL A 62 -34.65 19.02 4.53
N PRO A 63 -35.92 19.32 4.59
CA PRO A 63 -36.47 20.42 3.85
C PRO A 63 -35.89 21.74 4.27
N LYS A 64 -35.45 21.88 5.54
CA LYS A 64 -34.84 23.13 5.90
C LYS A 64 -33.62 23.22 5.06
N ASN A 65 -32.95 22.07 4.90
CA ASN A 65 -31.75 21.99 4.14
C ASN A 65 -32.11 22.31 2.72
N LEU A 66 -33.30 21.86 2.27
CA LEU A 66 -33.73 22.07 0.92
C LEU A 66 -33.87 23.53 0.67
N VAL A 67 -34.47 24.27 1.62
CA VAL A 67 -34.68 25.67 1.42
C VAL A 67 -33.36 26.35 1.25
N LYS A 68 -32.41 26.05 2.14
CA LYS A 68 -31.14 26.71 2.01
C LYS A 68 -30.28 25.85 1.15
N GLU A 69 -30.54 25.86 -0.17
CA GLU A 69 -29.72 25.07 -1.04
C GLU A 69 -30.33 25.12 -2.41
N SER A 70 -29.51 24.90 -3.44
CA SER A 70 -29.92 24.90 -4.82
C SER A 70 -30.74 23.68 -5.09
N GLN A 71 -30.60 22.65 -4.24
CA GLN A 71 -31.27 21.39 -4.44
C GLN A 71 -32.75 21.64 -4.51
N LYS A 72 -33.42 20.99 -5.48
CA LYS A 72 -34.84 21.16 -5.68
C LYS A 72 -35.50 19.82 -5.64
N ILE A 73 -36.85 19.82 -5.67
CA ILE A 73 -37.59 18.59 -5.61
C ILE A 73 -37.83 18.12 -7.01
N SER A 74 -37.41 16.89 -7.32
CA SER A 74 -37.59 16.33 -8.63
C SER A 74 -38.91 15.62 -8.65
N PRO A 75 -39.47 15.52 -9.83
CA PRO A 75 -40.73 14.84 -10.01
C PRO A 75 -40.54 13.37 -10.12
N GLU A 76 -41.62 12.59 -9.94
CA GLU A 76 -41.58 11.16 -10.02
C GLU A 76 -41.46 10.79 -11.46
N ASP A 77 -41.01 9.54 -11.73
CA ASP A 77 -40.86 9.06 -13.07
C ASP A 77 -40.01 10.05 -13.81
N ILE A 78 -38.87 10.43 -13.21
CA ILE A 78 -37.97 11.37 -13.82
C ILE A 78 -36.64 10.71 -14.00
N VAL A 79 -35.93 11.07 -15.08
CA VAL A 79 -34.62 10.53 -15.38
C VAL A 79 -33.61 11.33 -14.61
N ILE A 80 -32.53 10.67 -14.14
CA ILE A 80 -31.54 11.38 -13.38
C ILE A 80 -30.18 10.99 -13.90
N ALA A 81 -29.19 11.91 -13.84
CA ALA A 81 -27.88 11.62 -14.36
C ALA A 81 -26.85 11.98 -13.33
N MET A 82 -25.66 11.32 -13.39
CA MET A 82 -24.61 11.62 -12.46
C MET A 82 -23.48 12.24 -13.21
N SER A 83 -23.13 13.49 -12.86
CA SER A 83 -22.09 14.20 -13.54
C SER A 83 -20.75 13.58 -13.25
N SER A 84 -20.40 13.45 -11.96
CA SER A 84 -19.09 12.98 -11.61
C SER A 84 -19.08 11.48 -11.59
N GLY A 85 -17.86 10.92 -11.79
CA GLY A 85 -17.65 9.51 -11.71
C GLY A 85 -17.88 8.92 -13.06
N SER A 86 -16.81 8.50 -13.75
CA SER A 86 -17.03 7.85 -15.02
C SER A 86 -15.71 7.63 -15.69
N LYS A 87 -15.74 7.07 -16.92
CA LYS A 87 -14.54 6.84 -17.65
C LYS A 87 -14.22 8.14 -18.30
N SER A 88 -13.98 9.14 -17.44
CA SER A 88 -13.64 10.50 -17.75
C SER A 88 -14.84 11.23 -18.30
N VAL A 89 -15.93 10.54 -18.77
CA VAL A 89 -17.05 11.35 -19.19
C VAL A 89 -18.25 10.57 -19.68
N VAL A 90 -18.70 9.47 -19.04
CA VAL A 90 -19.91 8.83 -19.53
C VAL A 90 -21.21 9.43 -19.04
N GLY A 91 -21.47 9.31 -17.70
CA GLY A 91 -22.72 9.71 -17.08
C GLY A 91 -23.57 8.49 -16.84
N LYS A 92 -24.22 8.42 -15.65
CA LYS A 92 -25.06 7.32 -15.27
C LYS A 92 -26.48 7.81 -15.33
N SER A 93 -27.47 6.90 -15.45
CA SER A 93 -28.85 7.34 -15.52
C SER A 93 -29.69 6.47 -14.63
N ALA A 94 -30.88 6.99 -14.24
CA ALA A 94 -31.79 6.24 -13.40
C ALA A 94 -33.16 6.84 -13.47
N HIS A 95 -34.18 6.11 -12.95
CA HIS A 95 -35.54 6.56 -12.95
C HIS A 95 -35.98 6.51 -11.51
N GLN A 96 -36.81 7.49 -11.06
CA GLN A 96 -37.18 7.48 -9.67
C GLN A 96 -38.65 7.27 -9.52
N HIS A 97 -39.05 6.05 -9.09
CA HIS A 97 -40.42 5.69 -8.85
C HIS A 97 -40.94 6.35 -7.60
N LEU A 98 -40.12 6.36 -6.53
CA LEU A 98 -40.52 6.86 -5.24
C LEU A 98 -40.83 8.32 -5.32
N PRO A 99 -41.57 8.85 -4.36
CA PRO A 99 -42.03 10.21 -4.41
C PRO A 99 -40.89 11.14 -4.68
N PHE A 100 -41.25 12.39 -5.06
CA PHE A 100 -40.33 13.43 -5.46
C PHE A 100 -39.18 13.40 -4.50
N GLU A 101 -37.95 13.44 -5.05
CA GLU A 101 -36.78 13.32 -4.24
C GLU A 101 -35.81 14.38 -4.65
N CYS A 102 -34.71 14.56 -3.87
CA CYS A 102 -33.75 15.59 -4.17
C CYS A 102 -32.40 14.94 -4.32
N SER A 103 -31.40 15.72 -4.80
CA SER A 103 -30.10 15.16 -4.99
C SER A 103 -29.06 16.23 -4.79
N PHE A 104 -27.78 15.93 -5.13
CA PHE A 104 -26.72 16.87 -4.95
C PHE A 104 -26.24 17.34 -6.29
N GLY A 105 -25.11 18.06 -6.29
CA GLY A 105 -24.60 18.72 -7.46
C GLY A 105 -24.32 17.78 -8.58
N ALA A 106 -23.78 16.59 -8.28
CA ALA A 106 -23.41 15.70 -9.34
C ALA A 106 -24.62 15.33 -10.15
N PHE A 107 -25.75 15.04 -9.47
CA PHE A 107 -26.93 14.62 -10.17
C PHE A 107 -27.52 15.75 -10.94
N CYS A 108 -28.12 15.43 -12.10
CA CYS A 108 -28.79 16.42 -12.89
C CYS A 108 -30.16 15.88 -13.18
N GLY A 109 -31.21 16.56 -12.66
CA GLY A 109 -32.55 16.11 -12.92
C GLY A 109 -32.90 16.55 -14.31
N VAL A 110 -33.66 15.72 -15.05
CA VAL A 110 -34.05 16.12 -16.37
C VAL A 110 -35.51 15.82 -16.53
N LEU A 111 -36.27 16.77 -17.10
CA LEU A 111 -37.67 16.54 -17.31
C LEU A 111 -37.97 16.64 -18.77
N ARG A 112 -38.73 15.66 -19.28
CA ARG A 112 -39.17 15.63 -20.64
C ARG A 112 -40.51 16.30 -20.67
N PRO A 113 -40.71 17.01 -21.74
CA PRO A 113 -41.98 17.66 -21.95
C PRO A 113 -43.03 16.63 -22.22
N GLU A 114 -44.29 16.94 -21.87
CA GLU A 114 -45.34 15.98 -22.00
C GLU A 114 -45.58 15.70 -23.43
N LYS A 115 -45.57 14.39 -23.76
CA LYS A 115 -45.84 13.85 -25.06
C LYS A 115 -44.75 14.24 -26.01
N LEU A 116 -43.86 15.18 -25.62
CA LEU A 116 -42.82 15.51 -26.53
C LEU A 116 -41.85 14.38 -26.57
N ILE A 117 -41.39 13.93 -25.39
CA ILE A 117 -40.45 12.85 -25.31
C ILE A 117 -40.76 12.04 -24.09
N PHE A 118 -40.58 10.70 -24.17
CA PHE A 118 -40.85 9.82 -23.06
C PHE A 118 -39.62 9.67 -22.22
N SER A 119 -39.83 9.46 -20.91
CA SER A 119 -38.75 9.24 -19.98
C SER A 119 -38.14 7.92 -20.31
N GLY A 120 -38.98 6.91 -20.59
CA GLY A 120 -38.49 5.59 -20.85
C GLY A 120 -37.63 5.60 -22.06
N PHE A 121 -38.07 6.35 -23.11
CA PHE A 121 -37.34 6.37 -24.34
C PHE A 121 -35.98 6.95 -24.11
N ILE A 122 -35.92 8.08 -23.37
CA ILE A 122 -34.67 8.76 -23.15
C ILE A 122 -33.73 7.91 -22.36
N ALA A 123 -34.23 7.21 -21.33
CA ALA A 123 -33.36 6.47 -20.46
C ALA A 123 -32.59 5.46 -21.23
N HIS A 124 -33.26 4.71 -22.12
CA HIS A 124 -32.57 3.71 -22.90
C HIS A 124 -31.61 4.40 -23.82
N PHE A 125 -32.03 5.56 -24.36
CA PHE A 125 -31.27 6.25 -25.37
C PHE A 125 -29.93 6.61 -24.79
N THR A 126 -29.92 7.18 -23.56
CA THR A 126 -28.69 7.58 -22.93
C THR A 126 -27.86 6.38 -22.65
N LYS A 127 -28.51 5.26 -22.29
CA LYS A 127 -27.84 4.05 -21.92
C LYS A 127 -27.01 3.58 -23.08
N SER A 128 -27.50 3.77 -24.32
CA SER A 128 -26.82 3.24 -25.47
C SER A 128 -25.40 3.71 -25.49
N SER A 129 -24.52 2.83 -26.02
CA SER A 129 -23.11 3.06 -26.13
C SER A 129 -22.87 4.15 -27.12
N LEU A 130 -23.80 4.30 -28.09
CA LEU A 130 -23.66 5.31 -29.10
C LEU A 130 -23.61 6.60 -28.38
N TYR A 131 -24.42 6.69 -27.30
CA TYR A 131 -24.50 7.87 -26.49
C TYR A 131 -23.15 8.14 -25.91
N ARG A 132 -22.46 7.08 -25.44
CA ARG A 132 -21.19 7.24 -24.79
C ARG A 132 -20.21 7.83 -25.76
N ASN A 133 -20.23 7.35 -27.02
CA ASN A 133 -19.29 7.78 -28.01
C ASN A 133 -19.45 9.25 -28.28
N LYS A 134 -20.71 9.71 -28.33
CA LYS A 134 -20.96 11.08 -28.68
C LYS A 134 -20.27 11.98 -27.70
N ILE A 135 -20.42 11.70 -26.40
CA ILE A 135 -19.84 12.52 -25.37
C ILE A 135 -18.35 12.45 -25.44
N SER A 136 -17.79 11.26 -25.71
CA SER A 136 -16.37 11.08 -25.69
C SER A 136 -15.75 12.00 -26.68
N SER A 137 -16.54 12.48 -27.65
CA SER A 137 -15.99 13.34 -28.67
C SER A 137 -15.44 14.56 -28.01
N LEU A 138 -16.04 14.99 -26.88
CA LEU A 138 -15.56 16.18 -26.25
C LEU A 138 -14.13 15.98 -25.86
N SER A 139 -13.83 14.83 -25.21
CA SER A 139 -12.52 14.42 -24.76
C SER A 139 -12.48 14.58 -23.28
N ALA A 140 -11.35 14.24 -22.64
CA ALA A 140 -11.24 14.38 -21.21
C ALA A 140 -11.42 15.83 -20.91
N GLY A 141 -10.75 16.69 -21.70
CA GLY A 141 -10.89 18.10 -21.52
C GLY A 141 -9.94 18.53 -20.45
N ALA A 142 -9.85 19.85 -20.20
CA ALA A 142 -8.98 20.32 -19.18
C ALA A 142 -9.81 21.00 -18.13
N ASN A 143 -9.57 20.62 -16.86
CA ASN A 143 -10.21 21.18 -15.70
C ASN A 143 -11.64 20.76 -15.66
N ILE A 144 -12.22 20.35 -16.81
CA ILE A 144 -13.58 19.90 -16.74
C ILE A 144 -13.53 18.48 -17.18
N ASN A 145 -13.35 17.55 -16.23
CA ASN A 145 -13.33 16.17 -16.64
C ASN A 145 -14.63 15.56 -16.26
N ASN A 146 -15.73 16.20 -16.70
CA ASN A 146 -17.05 15.72 -16.39
C ASN A 146 -17.91 16.07 -17.56
N ILE A 147 -19.23 15.81 -17.45
CA ILE A 147 -20.11 16.19 -18.53
C ILE A 147 -20.76 17.47 -18.10
N LYS A 148 -20.49 18.55 -18.86
CA LYS A 148 -21.04 19.82 -18.52
C LYS A 148 -22.47 19.82 -18.95
N PRO A 149 -23.33 20.26 -18.08
CA PRO A 149 -24.74 20.30 -18.35
C PRO A 149 -24.95 21.06 -19.62
N ALA A 150 -24.12 22.09 -19.89
CA ALA A 150 -24.28 22.87 -21.07
C ALA A 150 -24.03 21.98 -22.25
N SER A 151 -22.99 21.14 -22.16
CA SER A 151 -22.63 20.26 -23.24
C SER A 151 -23.74 19.28 -23.44
N PHE A 152 -24.41 18.90 -22.34
CA PHE A 152 -25.45 17.91 -22.37
C PHE A 152 -26.57 18.40 -23.23
N ASP A 153 -26.94 19.69 -23.09
CA ASP A 153 -28.06 20.25 -23.79
C ASP A 153 -27.82 20.20 -25.27
N LEU A 154 -26.56 20.39 -25.69
CA LEU A 154 -26.20 20.50 -27.08
C LEU A 154 -26.55 19.23 -27.79
N ILE A 155 -26.35 18.07 -27.13
CA ILE A 155 -26.53 16.72 -27.65
C ILE A 155 -27.63 16.65 -28.65
N ASN A 156 -27.38 15.91 -29.76
CA ASN A 156 -28.35 15.74 -30.80
C ASN A 156 -28.83 14.32 -30.73
N ILE A 157 -30.16 14.15 -30.61
CA ILE A 157 -30.75 12.84 -30.57
C ILE A 157 -31.89 12.83 -31.55
N PRO A 158 -32.12 11.70 -32.17
CA PRO A 158 -33.20 11.61 -33.12
C PRO A 158 -34.54 11.56 -32.44
N ILE A 159 -35.59 12.08 -33.09
CA ILE A 159 -36.89 12.08 -32.47
C ILE A 159 -37.87 11.35 -33.34
N PRO A 160 -38.41 10.32 -32.77
CA PRO A 160 -39.46 9.53 -33.37
C PRO A 160 -40.80 10.13 -33.13
N PRO A 161 -41.75 9.59 -33.84
CA PRO A 161 -43.10 9.95 -33.59
C PRO A 161 -43.44 9.49 -32.21
N LEU A 162 -44.41 10.17 -31.57
CA LEU A 162 -44.72 9.90 -30.20
C LEU A 162 -45.21 8.49 -30.08
N ALA A 163 -46.04 8.03 -31.03
CA ALA A 163 -46.62 6.72 -30.92
C ALA A 163 -45.53 5.68 -30.94
N GLU A 164 -44.55 5.81 -31.87
CA GLU A 164 -43.53 4.80 -31.99
C GLU A 164 -42.64 4.77 -30.79
N GLN A 165 -42.40 5.93 -30.15
CA GLN A 165 -41.49 5.91 -29.05
C GLN A 165 -42.01 4.98 -28.00
N LYS A 166 -43.32 4.99 -27.75
CA LYS A 166 -43.85 4.11 -26.75
C LYS A 166 -43.65 2.69 -27.17
N ILE A 167 -43.91 2.36 -28.44
CA ILE A 167 -43.82 0.99 -28.86
C ILE A 167 -42.41 0.51 -28.74
N ILE A 168 -41.45 1.33 -29.17
CA ILE A 168 -40.06 0.94 -29.19
C ILE A 168 -39.64 0.68 -27.77
N ALA A 169 -39.99 1.61 -26.86
CA ALA A 169 -39.56 1.54 -25.50
C ALA A 169 -40.12 0.30 -24.86
N GLU A 170 -41.38 -0.03 -25.18
CA GLU A 170 -42.02 -1.17 -24.57
C GLU A 170 -41.26 -2.40 -24.90
N LYS A 171 -40.81 -2.52 -26.17
CA LYS A 171 -40.14 -3.72 -26.60
C LYS A 171 -38.88 -3.89 -25.79
N LEU A 172 -38.12 -2.80 -25.60
CA LEU A 172 -36.88 -2.91 -24.87
C LEU A 172 -37.19 -3.30 -23.47
N ASP A 173 -38.27 -2.74 -22.90
CA ASP A 173 -38.60 -2.98 -21.53
C ASP A 173 -38.86 -4.44 -21.32
N THR A 174 -39.58 -5.09 -22.26
CA THR A 174 -39.91 -6.47 -22.07
C THR A 174 -38.65 -7.27 -22.04
N LEU A 175 -37.68 -6.96 -22.91
CA LEU A 175 -36.46 -7.71 -22.97
C LEU A 175 -35.77 -7.62 -21.65
N LEU A 176 -35.75 -6.41 -21.05
CA LEU A 176 -35.05 -6.24 -19.82
C LEU A 176 -35.70 -7.09 -18.78
N ALA A 177 -37.05 -7.17 -18.81
CA ALA A 177 -37.75 -7.97 -17.84
C ALA A 177 -37.35 -9.40 -17.98
N GLN A 178 -37.20 -9.86 -19.23
CA GLN A 178 -36.92 -11.25 -19.49
C GLN A 178 -35.62 -11.62 -18.86
N VAL A 179 -34.58 -10.77 -19.01
CA VAL A 179 -33.31 -11.13 -18.46
C VAL A 179 -33.46 -11.24 -16.98
N ASP A 180 -34.26 -10.33 -16.38
CA ASP A 180 -34.45 -10.35 -14.97
C ASP A 180 -35.11 -11.63 -14.59
N SER A 181 -36.12 -12.06 -15.39
CA SER A 181 -36.87 -13.23 -15.08
C SER A 181 -35.97 -14.43 -15.05
N THR A 182 -35.11 -14.58 -16.07
CA THR A 182 -34.26 -15.73 -16.13
C THR A 182 -33.35 -15.71 -14.95
N LYS A 183 -32.88 -14.51 -14.57
CA LYS A 183 -31.96 -14.38 -13.48
C LYS A 183 -32.61 -14.88 -12.24
N ALA A 184 -33.92 -14.59 -12.06
CA ALA A 184 -34.60 -15.01 -10.86
C ALA A 184 -34.60 -16.51 -10.78
N ARG A 185 -34.89 -17.18 -11.91
CA ARG A 185 -34.94 -18.61 -11.92
C ARG A 185 -33.57 -19.12 -11.63
N PHE A 186 -32.56 -18.45 -12.19
CA PHE A 186 -31.20 -18.85 -12.04
C PHE A 186 -30.84 -18.87 -10.59
N GLU A 187 -31.19 -17.80 -9.84
CA GLU A 187 -30.79 -17.77 -8.46
C GLU A 187 -31.43 -18.92 -7.74
N GLN A 188 -32.71 -19.18 -8.05
CA GLN A 188 -33.45 -20.18 -7.34
C GLN A 188 -32.86 -21.54 -7.56
N ILE A 189 -32.38 -21.85 -8.78
CA ILE A 189 -31.94 -23.18 -9.01
C ILE A 189 -30.79 -23.59 -8.12
N PRO A 190 -29.75 -22.83 -7.88
CA PRO A 190 -28.79 -23.36 -6.94
C PRO A 190 -29.33 -23.48 -5.56
N GLN A 191 -30.35 -22.68 -5.21
CA GLN A 191 -30.88 -22.82 -3.87
C GLN A 191 -31.48 -24.18 -3.78
N ILE A 192 -32.24 -24.56 -4.83
CA ILE A 192 -32.93 -25.82 -4.86
C ILE A 192 -31.92 -26.92 -4.88
N LEU A 193 -30.84 -26.73 -5.67
CA LEU A 193 -29.83 -27.73 -5.84
C LEU A 193 -29.25 -27.99 -4.49
N LYS A 194 -29.07 -26.92 -3.69
CA LYS A 194 -28.46 -27.05 -2.40
C LYS A 194 -29.32 -27.96 -1.57
N ARG A 195 -30.65 -27.80 -1.65
CA ARG A 195 -31.56 -28.58 -0.86
C ARG A 195 -31.45 -30.02 -1.21
N PHE A 196 -31.34 -30.34 -2.52
CA PHE A 196 -31.28 -31.71 -2.93
C PHE A 196 -30.06 -32.33 -2.33
N ARG A 197 -28.97 -31.55 -2.28
CA ARG A 197 -27.71 -32.06 -1.84
C ARG A 197 -27.88 -32.65 -0.47
N GLN A 198 -28.47 -31.90 0.47
CA GLN A 198 -28.61 -32.41 1.80
C GLN A 198 -29.56 -33.56 1.85
N ALA A 199 -30.76 -33.39 1.27
CA ALA A 199 -31.80 -34.39 1.37
C ALA A 199 -31.45 -35.66 0.69
N VAL A 200 -30.95 -35.58 -0.55
CA VAL A 200 -30.70 -36.77 -1.32
C VAL A 200 -29.65 -37.60 -0.67
N LEU A 201 -28.54 -36.98 -0.26
CA LEU A 201 -27.47 -37.78 0.25
C LEU A 201 -27.90 -38.52 1.48
N GLY A 202 -28.35 -37.79 2.51
CA GLY A 202 -28.71 -38.46 3.74
C GLY A 202 -29.96 -39.26 3.57
N GLY A 203 -31.03 -38.61 3.03
CA GLY A 203 -32.31 -39.25 2.93
C GLY A 203 -32.30 -40.38 1.94
N ALA A 204 -31.75 -40.14 0.73
CA ALA A 204 -31.78 -41.18 -0.25
C ALA A 204 -33.22 -41.41 -0.62
N VAL A 205 -33.48 -42.27 -1.62
CA VAL A 205 -34.85 -42.56 -1.92
C VAL A 205 -35.16 -43.87 -1.26
N ASN A 206 -36.09 -43.85 -0.28
CA ASN A 206 -36.40 -45.04 0.47
C ASN A 206 -37.73 -44.86 1.11
N GLY A 207 -37.72 -44.46 2.40
CA GLY A 207 -38.94 -44.30 3.16
C GLY A 207 -38.80 -45.03 4.46
N LYS A 208 -38.03 -46.13 4.51
CA LYS A 208 -37.83 -46.74 5.80
C LYS A 208 -36.44 -46.41 6.21
N LEU A 209 -36.28 -45.86 7.44
CA LEU A 209 -34.97 -45.49 7.88
C LEU A 209 -34.78 -45.96 9.29
N THR A 210 -33.50 -46.02 9.73
CA THR A 210 -33.19 -46.42 11.08
C THR A 210 -32.13 -45.51 11.61
N GLU A 211 -31.83 -45.62 12.91
CA GLU A 211 -30.82 -44.81 13.51
C GLU A 211 -29.50 -45.34 13.04
N LYS A 212 -28.49 -44.45 12.92
CA LYS A 212 -27.22 -44.90 12.43
C LYS A 212 -26.15 -44.18 13.17
N TRP A 213 -24.89 -44.67 13.04
CA TRP A 213 -23.79 -44.05 13.70
C TRP A 213 -23.71 -42.68 13.13
N ARG A 214 -23.81 -42.57 11.79
CA ARG A 214 -23.77 -41.29 11.14
C ARG A 214 -25.16 -40.88 10.79
N ASN A 215 -25.81 -40.15 11.71
CA ASN A 215 -27.13 -39.59 11.51
C ASN A 215 -28.11 -40.63 11.06
N PHE A 216 -29.38 -40.20 10.93
CA PHE A 216 -30.50 -41.02 10.53
C PHE A 216 -30.27 -41.31 9.08
N GLU A 217 -30.49 -42.58 8.65
CA GLU A 217 -30.19 -42.94 7.29
C GLU A 217 -31.14 -44.02 6.87
N PRO A 218 -31.14 -44.38 5.61
CA PRO A 218 -32.01 -45.43 5.16
C PRO A 218 -31.63 -46.77 5.72
N GLN A 219 -32.63 -47.64 5.91
CA GLN A 219 -32.46 -48.95 6.47
C GLN A 219 -31.63 -49.78 5.55
N HIS A 220 -31.88 -49.68 4.23
CA HIS A 220 -31.18 -50.49 3.27
C HIS A 220 -29.72 -50.13 3.26
N SER A 221 -29.38 -48.84 3.41
CA SER A 221 -28.01 -48.44 3.31
C SER A 221 -27.23 -49.07 4.41
N VAL A 222 -25.89 -49.15 4.21
CA VAL A 222 -25.00 -49.77 5.17
C VAL A 222 -23.91 -48.77 5.42
N PHE A 223 -23.15 -48.95 6.53
CA PHE A 223 -22.12 -48.01 6.88
C PHE A 223 -20.77 -48.64 6.73
N LYS A 224 -19.78 -47.82 6.30
CA LYS A 224 -18.41 -48.26 6.17
C LYS A 224 -17.54 -47.06 6.21
N LYS A 225 -16.20 -47.27 6.27
CA LYS A 225 -15.26 -46.18 6.30
C LYS A 225 -14.66 -46.08 4.94
N LEU A 226 -13.97 -44.96 4.66
CA LEU A 226 -13.39 -44.71 3.37
C LEU A 226 -12.35 -45.73 3.08
N ASN A 227 -11.54 -46.11 4.09
CA ASN A 227 -10.48 -47.03 3.85
C ASN A 227 -11.04 -48.31 3.33
N PHE A 228 -12.20 -48.74 3.86
CA PHE A 228 -12.73 -50.00 3.43
C PHE A 228 -12.97 -49.95 1.96
N GLU A 229 -13.77 -48.96 1.50
CA GLU A 229 -14.16 -48.87 0.12
C GLU A 229 -13.04 -48.46 -0.79
N SER A 230 -12.21 -47.48 -0.38
CA SER A 230 -11.24 -46.94 -1.31
C SER A 230 -9.86 -47.05 -0.75
N ILE A 231 -8.86 -46.79 -1.61
CA ILE A 231 -7.47 -46.84 -1.24
C ILE A 231 -6.92 -45.46 -1.39
N LEU A 232 -6.08 -45.04 -0.43
CA LEU A 232 -5.54 -43.70 -0.44
C LEU A 232 -4.14 -43.78 -0.97
N THR A 233 -3.76 -42.81 -1.85
CA THR A 233 -2.43 -42.76 -2.37
C THR A 233 -1.85 -41.42 -2.08
N GLU A 234 -0.55 -41.37 -1.71
CA GLU A 234 0.13 -40.15 -1.40
C GLU A 234 0.97 -39.77 -2.58
N LEU A 235 1.52 -38.54 -2.63
CA LEU A 235 2.18 -38.20 -3.85
C LEU A 235 3.31 -37.22 -3.60
N ARG A 236 4.38 -37.25 -4.46
CA ARG A 236 5.53 -36.38 -4.32
C ARG A 236 5.77 -35.65 -5.61
N ASN A 237 6.54 -34.52 -5.54
CA ASN A 237 6.81 -33.66 -6.66
C ASN A 237 8.19 -33.95 -7.19
N GLY A 238 8.43 -33.65 -8.49
CA GLY A 238 9.70 -33.88 -9.10
C GLY A 238 10.61 -32.75 -8.73
N LEU A 239 11.94 -32.97 -8.88
CA LEU A 239 12.88 -31.94 -8.54
C LEU A 239 12.85 -30.96 -9.68
N SER A 240 12.79 -29.65 -9.37
CA SER A 240 12.71 -28.61 -10.35
C SER A 240 13.99 -28.48 -11.11
N SER A 241 15.12 -28.84 -10.48
CA SER A 241 16.41 -28.62 -11.04
C SER A 241 16.58 -29.35 -12.33
N LYS A 242 16.05 -30.58 -12.46
CA LYS A 242 16.29 -31.32 -13.66
C LYS A 242 15.30 -30.94 -14.72
N PRO A 243 15.84 -30.50 -15.83
CA PRO A 243 15.07 -30.13 -16.99
C PRO A 243 14.50 -31.33 -17.70
N ASN A 244 15.06 -32.53 -17.46
CA ASN A 244 14.61 -33.70 -18.14
C ASN A 244 13.19 -33.91 -17.76
N GLU A 245 12.87 -33.65 -16.48
CA GLU A 245 11.55 -33.82 -15.98
C GLU A 245 10.65 -32.83 -16.66
N SER A 246 11.18 -31.61 -16.94
CA SER A 246 10.45 -30.49 -17.46
C SER A 246 9.88 -30.73 -18.83
N GLY A 247 10.60 -31.39 -19.77
CA GLY A 247 9.98 -31.59 -21.05
C GLY A 247 8.81 -32.48 -20.77
N VAL A 248 7.64 -32.29 -21.42
CA VAL A 248 6.56 -33.12 -20.93
C VAL A 248 5.67 -33.62 -22.05
N GLY A 249 4.33 -33.45 -21.93
CA GLY A 249 3.34 -34.07 -22.74
C GLY A 249 2.40 -34.87 -21.85
N HIS A 250 2.64 -34.92 -20.51
CA HIS A 250 1.76 -35.64 -19.59
C HIS A 250 1.35 -34.72 -18.48
N PRO A 251 0.07 -34.66 -18.18
CA PRO A 251 -0.43 -33.72 -17.18
C PRO A 251 -0.09 -33.99 -15.74
N ILE A 252 0.19 -32.93 -14.97
CA ILE A 252 0.42 -32.99 -13.54
C ILE A 252 -0.46 -31.92 -12.94
N LEU A 253 -1.44 -32.29 -12.08
CA LEU A 253 -2.40 -31.30 -11.67
C LEU A 253 -2.21 -30.88 -10.24
N ARG A 254 -1.89 -29.58 -10.04
CA ARG A 254 -1.66 -29.00 -8.75
C ARG A 254 -2.94 -28.45 -8.22
N ILE A 255 -2.92 -27.96 -6.96
CA ILE A 255 -4.09 -27.44 -6.30
C ILE A 255 -4.63 -26.31 -7.11
N SER A 256 -3.74 -25.50 -7.73
CA SER A 256 -4.18 -24.37 -8.48
C SER A 256 -5.11 -24.81 -9.56
N SER A 257 -4.79 -25.93 -10.25
CA SER A 257 -5.63 -26.40 -11.31
C SER A 257 -6.95 -26.79 -10.71
N VAL A 258 -6.92 -27.34 -9.48
CA VAL A 258 -8.11 -27.78 -8.82
C VAL A 258 -9.00 -26.59 -8.65
N ARG A 259 -8.40 -25.43 -8.33
CA ARG A 259 -9.18 -24.24 -8.12
C ARG A 259 -9.92 -23.96 -9.38
N ALA A 260 -9.28 -24.23 -10.54
CA ALA A 260 -9.90 -23.93 -11.80
C ALA A 260 -11.18 -24.68 -11.92
N GLY A 261 -11.19 -25.99 -11.58
CA GLY A 261 -12.43 -26.70 -11.69
C GLY A 261 -12.17 -28.08 -12.22
N HIS A 262 -13.10 -28.58 -13.06
CA HIS A 262 -13.02 -29.90 -13.63
C HIS A 262 -11.72 -29.95 -14.37
N VAL A 263 -11.00 -31.10 -14.33
CA VAL A 263 -9.70 -31.04 -14.91
C VAL A 263 -9.41 -32.14 -15.89
N ASP A 264 -9.38 -31.79 -17.19
CA ASP A 264 -8.86 -32.69 -18.20
C ASP A 264 -7.37 -32.49 -18.31
N GLN A 265 -6.90 -31.22 -18.22
CA GLN A 265 -5.53 -30.85 -18.49
C GLN A 265 -4.99 -30.01 -17.37
N ASN A 266 -3.66 -29.78 -17.36
CA ASN A 266 -3.03 -28.96 -16.36
C ASN A 266 -2.07 -28.02 -17.03
N ASP A 267 -1.78 -26.89 -16.34
CA ASP A 267 -0.89 -25.85 -16.81
C ASP A 267 0.49 -26.42 -16.98
N ILE A 268 0.97 -27.18 -15.98
CA ILE A 268 2.30 -27.70 -16.05
C ILE A 268 2.17 -29.19 -16.17
N ARG A 269 3.13 -29.84 -16.86
CA ARG A 269 3.01 -31.25 -17.09
C ARG A 269 4.31 -31.91 -16.71
N PHE A 270 4.31 -33.24 -16.45
CA PHE A 270 5.54 -33.89 -16.06
C PHE A 270 5.84 -35.01 -17.03
N LEU A 271 7.13 -35.33 -17.22
CA LEU A 271 7.55 -36.27 -18.23
C LEU A 271 7.50 -37.68 -17.68
N GLU A 272 7.47 -38.68 -18.59
CA GLU A 272 7.44 -40.09 -18.30
C GLU A 272 8.69 -40.45 -17.55
N CYS A 273 9.83 -39.86 -17.93
CA CYS A 273 11.05 -40.19 -17.26
C CYS A 273 10.86 -39.81 -15.83
N SER A 274 10.19 -38.66 -15.59
CA SER A 274 9.98 -38.21 -14.25
C SER A 274 9.13 -39.21 -13.52
N GLU A 275 8.07 -39.75 -14.17
CA GLU A 275 7.18 -40.63 -13.45
C GLU A 275 7.91 -41.87 -13.04
N SER A 276 8.71 -42.45 -13.94
CA SER A 276 9.36 -43.69 -13.63
C SER A 276 10.36 -43.49 -12.52
N GLU A 277 11.28 -42.52 -12.67
CA GLU A 277 12.32 -42.37 -11.70
C GLU A 277 11.74 -41.98 -10.37
N LEU A 278 10.85 -40.97 -10.38
CA LEU A 278 10.24 -40.46 -9.20
C LEU A 278 9.29 -41.46 -8.62
N ASN A 279 8.69 -42.32 -9.47
CA ASN A 279 7.71 -43.27 -9.01
C ASN A 279 6.46 -42.55 -8.61
N ARG A 280 6.01 -41.61 -9.47
CA ARG A 280 4.80 -40.87 -9.22
C ARG A 280 3.66 -41.80 -9.47
N HIS A 281 2.48 -41.49 -8.89
CA HIS A 281 1.34 -42.35 -9.07
C HIS A 281 0.54 -41.81 -10.22
N LYS A 282 0.28 -42.70 -11.21
CA LYS A 282 -0.48 -42.34 -12.38
C LYS A 282 -1.92 -42.54 -12.03
N LEU A 283 -2.83 -41.74 -12.64
CA LEU A 283 -4.20 -41.88 -12.27
C LEU A 283 -4.97 -42.21 -13.52
N GLN A 284 -5.91 -43.17 -13.42
CA GLN A 284 -6.75 -43.48 -14.55
C GLN A 284 -7.92 -42.56 -14.51
N ASP A 285 -8.70 -42.52 -15.60
CA ASP A 285 -9.80 -41.60 -15.68
C ASP A 285 -10.88 -42.02 -14.75
N GLY A 286 -11.76 -41.07 -14.42
CA GLY A 286 -12.90 -41.32 -13.60
C GLY A 286 -12.45 -41.41 -12.20
N ASP A 287 -11.18 -41.06 -11.93
CA ASP A 287 -10.71 -41.16 -10.58
C ASP A 287 -11.13 -39.94 -9.83
N LEU A 288 -10.99 -39.97 -8.49
CA LEU A 288 -11.39 -38.89 -7.64
C LEU A 288 -10.17 -38.08 -7.32
N LEU A 289 -10.32 -36.75 -7.17
CA LEU A 289 -9.19 -35.90 -6.92
C LEU A 289 -9.49 -35.14 -5.65
N PHE A 290 -8.47 -34.84 -4.81
CA PHE A 290 -8.72 -34.14 -3.58
C PHE A 290 -7.58 -33.19 -3.32
N THR A 291 -7.80 -32.14 -2.47
CA THR A 291 -6.75 -31.17 -2.22
C THR A 291 -6.20 -31.33 -0.83
N ARG A 292 -4.89 -31.64 -0.76
CA ARG A 292 -4.10 -31.82 0.41
C ARG A 292 -3.50 -30.57 0.99
N TYR A 293 -3.31 -29.47 0.22
CA TYR A 293 -2.62 -28.35 0.81
C TYR A 293 -3.30 -27.05 0.59
N ASN A 294 -2.73 -26.02 1.25
CA ASN A 294 -3.20 -24.66 1.29
C ASN A 294 -4.51 -24.71 1.98
N GLY A 295 -4.77 -25.85 2.65
CA GLY A 295 -5.98 -26.11 3.34
C GLY A 295 -7.07 -25.77 2.39
N SER A 296 -7.74 -24.66 2.73
CA SER A 296 -8.84 -24.04 2.08
C SER A 296 -9.19 -23.04 3.11
N LEU A 297 -10.48 -22.91 3.47
CA LEU A 297 -10.67 -22.08 4.61
C LEU A 297 -10.25 -22.97 5.73
N GLU A 298 -8.94 -22.95 6.06
CA GLU A 298 -8.38 -23.83 7.04
C GLU A 298 -8.84 -25.23 6.75
N PHE A 299 -8.77 -26.09 7.78
CA PHE A 299 -9.09 -27.49 7.69
C PHE A 299 -10.46 -27.64 7.09
N VAL A 300 -10.51 -28.00 5.77
CA VAL A 300 -11.72 -28.21 5.01
C VAL A 300 -11.25 -28.99 3.79
N GLY A 301 -12.16 -29.43 2.89
CA GLY A 301 -11.72 -30.21 1.76
C GLY A 301 -12.18 -29.61 0.46
N VAL A 302 -11.48 -29.96 -0.65
CA VAL A 302 -11.79 -29.52 -1.99
C VAL A 302 -11.76 -30.76 -2.86
N CYS A 303 -12.51 -30.77 -3.99
CA CYS A 303 -12.52 -31.97 -4.78
C CYS A 303 -12.62 -31.64 -6.25
N GLY A 304 -12.40 -32.66 -7.12
CA GLY A 304 -12.50 -32.53 -8.56
C GLY A 304 -12.46 -33.92 -9.13
N LEU A 305 -12.91 -34.09 -10.40
CA LEU A 305 -12.94 -35.41 -10.99
C LEU A 305 -12.14 -35.31 -12.27
N LEU A 306 -11.25 -36.29 -12.53
CA LEU A 306 -10.41 -36.25 -13.71
C LEU A 306 -11.17 -36.72 -14.92
N LYS A 307 -10.90 -36.10 -16.09
CA LYS A 307 -11.59 -36.46 -17.30
C LYS A 307 -10.62 -37.06 -18.26
N LYS A 308 -11.04 -38.12 -18.98
CA LYS A 308 -10.17 -38.64 -20.00
C LYS A 308 -10.98 -39.47 -20.94
N LEU A 309 -10.54 -39.52 -22.21
CA LEU A 309 -11.07 -40.41 -23.20
C LEU A 309 -9.93 -41.37 -23.23
N GLN A 310 -9.90 -42.42 -24.09
CA GLN A 310 -8.80 -43.33 -23.97
C GLN A 310 -7.52 -42.66 -24.41
N HIS A 311 -7.55 -41.35 -24.71
CA HIS A 311 -6.37 -40.62 -25.09
C HIS A 311 -5.50 -40.18 -23.94
N GLN A 312 -6.08 -39.74 -22.79
CA GLN A 312 -5.21 -39.13 -21.80
C GLN A 312 -5.51 -39.61 -20.41
N ASN A 313 -4.57 -39.29 -19.47
CA ASN A 313 -4.67 -39.62 -18.06
C ASN A 313 -3.90 -38.58 -17.28
N LEU A 314 -4.07 -38.51 -15.94
CA LEU A 314 -3.46 -37.43 -15.19
C LEU A 314 -2.74 -37.92 -13.96
N LEU A 315 -1.66 -37.18 -13.59
CA LEU A 315 -0.83 -37.42 -12.42
C LEU A 315 -0.79 -36.07 -11.71
N TYR A 316 -0.60 -36.04 -10.36
CA TYR A 316 -0.63 -34.77 -9.66
C TYR A 316 0.55 -34.65 -8.71
N PRO A 317 0.61 -33.54 -7.99
CA PRO A 317 1.65 -33.31 -7.01
C PRO A 317 1.31 -33.75 -5.60
N ASP A 318 2.20 -33.45 -4.63
CA ASP A 318 2.09 -33.79 -3.23
C ASP A 318 0.88 -33.11 -2.68
N LYS A 319 0.63 -31.89 -3.18
CA LYS A 319 -0.39 -31.03 -2.67
C LYS A 319 -1.73 -31.70 -2.81
N LEU A 320 -1.87 -32.61 -3.79
CA LEU A 320 -3.14 -33.22 -4.04
C LEU A 320 -3.10 -34.65 -3.55
N ILE A 321 -4.29 -35.24 -3.25
CA ILE A 321 -4.40 -36.62 -2.78
C ILE A 321 -5.39 -37.32 -3.67
N ARG A 322 -5.19 -38.64 -3.92
CA ARG A 322 -6.03 -39.35 -4.83
C ARG A 322 -6.72 -40.49 -4.13
N ALA A 323 -7.90 -40.91 -4.67
CA ALA A 323 -8.61 -42.02 -4.10
C ALA A 323 -9.02 -42.92 -5.24
N ARG A 324 -8.89 -44.25 -5.05
CA ARG A 324 -9.29 -45.18 -6.06
C ARG A 324 -10.30 -46.12 -5.48
N LEU A 325 -11.41 -46.34 -6.21
CA LEU A 325 -12.47 -47.20 -5.75
C LEU A 325 -12.07 -48.62 -5.95
N THR A 326 -12.38 -49.48 -4.96
CA THR A 326 -12.12 -50.88 -5.11
C THR A 326 -13.03 -51.42 -6.16
N LYS A 327 -14.33 -51.07 -6.09
CA LYS A 327 -15.28 -51.57 -7.04
C LYS A 327 -16.56 -50.79 -6.90
N ASP A 328 -17.66 -51.50 -6.59
CA ASP A 328 -19.01 -51.04 -6.44
C ASP A 328 -19.00 -49.66 -5.86
N ALA A 329 -19.03 -48.65 -6.74
CA ALA A 329 -19.09 -47.28 -6.32
C ALA A 329 -19.24 -46.44 -7.55
N LEU A 330 -19.82 -45.23 -7.38
CA LEU A 330 -19.95 -44.33 -8.50
C LEU A 330 -19.22 -43.09 -8.09
N PRO A 331 -18.14 -42.81 -8.78
CA PRO A 331 -17.26 -41.71 -8.47
C PRO A 331 -17.93 -40.38 -8.40
N GLU A 332 -18.89 -40.09 -9.30
CA GLU A 332 -19.50 -38.79 -9.30
C GLU A 332 -20.25 -38.60 -8.01
N TYR A 333 -20.93 -39.66 -7.55
CA TYR A 333 -21.73 -39.56 -6.36
C TYR A 333 -20.86 -39.24 -5.20
N ILE A 334 -19.70 -39.91 -5.08
CA ILE A 334 -18.84 -39.71 -3.95
C ILE A 334 -18.30 -38.30 -3.97
N GLU A 335 -17.93 -37.80 -5.17
CA GLU A 335 -17.33 -36.50 -5.29
C GLU A 335 -18.26 -35.47 -4.75
N ILE A 336 -19.57 -35.55 -5.10
CA ILE A 336 -20.49 -34.56 -4.66
C ILE A 336 -20.57 -34.64 -3.16
N PHE A 337 -20.54 -35.87 -2.62
CA PHE A 337 -20.67 -36.10 -1.21
C PHE A 337 -19.57 -35.38 -0.48
N PHE A 338 -18.32 -35.49 -0.97
CA PHE A 338 -17.23 -34.88 -0.27
C PHE A 338 -17.42 -33.40 -0.19
N SER A 339 -17.76 -32.77 -1.33
CA SER A 339 -17.84 -31.33 -1.39
C SER A 339 -18.96 -30.85 -0.53
N SER A 340 -19.91 -31.73 -0.17
CA SER A 340 -21.04 -31.29 0.59
C SER A 340 -20.55 -30.68 1.87
N PRO A 341 -21.29 -29.71 2.31
CA PRO A 341 -20.96 -29.00 3.52
C PRO A 341 -21.08 -29.86 4.74
N SER A 342 -21.88 -30.94 4.69
CA SER A 342 -22.03 -31.76 5.86
C SER A 342 -20.68 -32.32 6.17
N ALA A 343 -19.93 -32.69 5.11
CA ALA A 343 -18.63 -33.25 5.27
C ALA A 343 -17.75 -32.23 5.91
N ARG A 344 -17.90 -30.96 5.50
CA ARG A 344 -17.04 -29.92 5.99
C ARG A 344 -17.16 -29.84 7.47
N ASN A 345 -18.41 -29.85 8.00
CA ASN A 345 -18.64 -29.69 9.40
C ASN A 345 -18.05 -30.83 10.16
N ALA A 346 -18.26 -32.08 9.69
CA ALA A 346 -17.82 -33.22 10.42
C ALA A 346 -16.33 -33.18 10.56
N MET A 347 -15.63 -32.84 9.47
CA MET A 347 -14.19 -32.82 9.47
C MET A 347 -13.72 -31.80 10.44
N MET A 348 -14.36 -30.62 10.44
CA MET A 348 -13.95 -29.54 11.30
C MET A 348 -14.14 -29.92 12.73
N ASN A 349 -15.27 -30.57 13.06
CA ASN A 349 -15.52 -30.89 14.43
C ASN A 349 -14.47 -31.86 14.89
N CYS A 350 -14.18 -32.89 14.08
CA CYS A 350 -13.24 -33.88 14.51
C CYS A 350 -11.93 -33.22 14.73
N VAL A 351 -11.46 -32.42 13.75
CA VAL A 351 -10.19 -31.78 13.95
C VAL A 351 -10.38 -30.31 13.82
N LYS A 352 -9.95 -29.57 14.86
CA LYS A 352 -10.01 -28.14 14.86
C LYS A 352 -8.71 -27.68 14.30
N THR A 353 -8.54 -26.35 14.12
CA THR A 353 -7.29 -25.91 13.60
C THR A 353 -6.25 -26.30 14.61
N THR A 354 -5.21 -27.02 14.15
CA THR A 354 -4.18 -27.48 15.02
C THR A 354 -2.90 -27.28 14.27
N SER A 355 -1.79 -27.84 14.80
CA SER A 355 -0.54 -27.68 14.13
C SER A 355 -0.72 -28.21 12.76
N GLY A 356 -1.22 -29.46 12.64
CA GLY A 356 -1.49 -29.96 11.33
C GLY A 356 -2.74 -29.27 10.89
N GLN A 357 -2.61 -28.33 9.95
CA GLN A 357 -3.77 -27.58 9.54
C GLN A 357 -3.56 -27.19 8.11
N LYS A 358 -4.62 -26.74 7.43
CA LYS A 358 -4.51 -26.40 6.05
C LYS A 358 -4.12 -27.63 5.30
N GLY A 359 -4.58 -28.80 5.77
CA GLY A 359 -4.26 -30.02 5.09
C GLY A 359 -5.04 -31.12 5.72
N ILE A 360 -5.16 -32.26 5.00
CA ILE A 360 -5.88 -33.39 5.51
C ILE A 360 -4.93 -34.53 5.60
N SER A 361 -4.92 -35.22 6.76
CA SER A 361 -4.02 -36.33 6.92
C SER A 361 -4.65 -37.51 6.22
N GLY A 362 -3.82 -38.50 5.86
CA GLY A 362 -4.29 -39.67 5.19
C GLY A 362 -5.19 -40.41 6.14
N LYS A 363 -4.82 -40.43 7.43
CA LYS A 363 -5.59 -41.16 8.39
C LYS A 363 -6.97 -40.57 8.46
N ASP A 364 -7.05 -39.23 8.43
CA ASP A 364 -8.32 -38.58 8.57
C ASP A 364 -9.21 -38.99 7.44
N ILE A 365 -8.70 -39.00 6.20
CA ILE A 365 -9.53 -39.31 5.08
C ILE A 365 -10.01 -40.73 5.15
N LYS A 366 -9.12 -41.68 5.51
CA LYS A 366 -9.49 -43.07 5.53
C LYS A 366 -10.57 -43.30 6.55
N SER A 367 -10.42 -42.70 7.74
CA SER A 367 -11.33 -42.91 8.83
C SER A 367 -12.65 -42.27 8.53
N GLN A 368 -12.71 -41.42 7.49
CA GLN A 368 -13.92 -40.67 7.23
C GLN A 368 -15.09 -41.60 7.07
N VAL A 369 -16.25 -41.12 7.57
CA VAL A 369 -17.54 -41.78 7.57
C VAL A 369 -18.18 -41.62 6.24
N VAL A 370 -18.83 -42.69 5.72
CA VAL A 370 -19.51 -42.58 4.46
C VAL A 370 -20.60 -43.61 4.40
N LEU A 371 -21.67 -43.32 3.61
CA LEU A 371 -22.78 -44.22 3.43
C LEU A 371 -22.50 -45.05 2.22
N LEU A 372 -23.11 -46.27 2.14
CA LEU A 372 -22.90 -47.09 0.98
C LEU A 372 -24.24 -47.48 0.44
N PRO A 373 -24.66 -46.79 -0.59
CA PRO A 373 -25.91 -47.13 -1.23
C PRO A 373 -25.68 -48.21 -2.23
N PRO A 374 -26.72 -48.74 -2.81
CA PRO A 374 -26.59 -49.74 -3.85
C PRO A 374 -26.09 -49.07 -5.09
N VAL A 375 -25.53 -49.84 -6.04
CA VAL A 375 -24.93 -49.30 -7.22
C VAL A 375 -25.96 -48.52 -7.99
N LYS A 376 -27.14 -49.12 -8.21
CA LYS A 376 -28.13 -48.50 -9.05
C LYS A 376 -28.57 -47.21 -8.47
N GLU A 377 -28.81 -47.17 -7.15
CA GLU A 377 -29.31 -45.97 -6.53
C GLU A 377 -28.29 -44.89 -6.68
N GLN A 378 -27.00 -45.24 -6.54
CA GLN A 378 -25.96 -44.26 -6.60
C GLN A 378 -25.98 -43.60 -7.94
N ALA A 379 -26.17 -44.38 -9.01
CA ALA A 379 -26.15 -43.84 -10.34
C ALA A 379 -27.28 -42.87 -10.49
N GLU A 380 -28.47 -43.22 -9.97
CA GLU A 380 -29.63 -42.41 -10.13
C GLU A 380 -29.41 -41.08 -9.48
N ILE A 381 -28.85 -41.07 -8.26
CA ILE A 381 -28.65 -39.84 -7.55
C ILE A 381 -27.69 -38.98 -8.31
N VAL A 382 -26.59 -39.60 -8.80
CA VAL A 382 -25.56 -38.87 -9.48
C VAL A 382 -26.08 -38.26 -10.73
N ARG A 383 -26.90 -39.01 -11.49
CA ARG A 383 -27.35 -38.53 -12.76
C ARG A 383 -28.14 -37.28 -12.53
N ARG A 384 -29.00 -37.29 -11.49
CA ARG A 384 -29.86 -36.18 -11.21
C ARG A 384 -29.03 -34.96 -10.88
N VAL A 385 -28.02 -35.12 -10.01
CA VAL A 385 -27.24 -34.00 -9.57
C VAL A 385 -26.51 -33.40 -10.74
N GLU A 386 -25.86 -34.25 -11.56
CA GLU A 386 -25.06 -33.76 -12.64
C GLU A 386 -25.93 -33.04 -13.63
N GLN A 387 -27.14 -33.58 -13.88
CA GLN A 387 -28.01 -33.00 -14.85
C GLN A 387 -28.38 -31.62 -14.42
N LEU A 388 -28.62 -31.41 -13.12
CA LEU A 388 -29.05 -30.13 -12.63
C LEU A 388 -27.95 -29.15 -12.90
N PHE A 389 -26.68 -29.55 -12.67
CA PHE A 389 -25.59 -28.64 -12.86
C PHE A 389 -25.57 -28.21 -14.30
N ALA A 390 -25.81 -29.15 -15.22
CA ALA A 390 -25.77 -28.83 -16.62
C ALA A 390 -26.82 -27.80 -16.89
N TYR A 391 -28.00 -27.93 -16.26
CA TYR A 391 -29.08 -27.03 -16.50
C TYR A 391 -28.67 -25.64 -16.13
N ALA A 392 -27.97 -25.49 -15.00
CA ALA A 392 -27.59 -24.17 -14.59
C ALA A 392 -26.72 -23.59 -15.65
N ASP A 393 -25.84 -24.41 -16.24
CA ASP A 393 -24.94 -23.91 -17.25
C ASP A 393 -25.71 -23.44 -18.44
N THR A 394 -26.73 -24.23 -18.86
CA THR A 394 -27.45 -23.88 -20.06
C THR A 394 -28.15 -22.58 -19.88
N ILE A 395 -28.74 -22.34 -18.69
CA ILE A 395 -29.46 -21.11 -18.50
C ILE A 395 -28.51 -19.97 -18.63
N GLU A 396 -27.28 -20.12 -18.10
CA GLU A 396 -26.35 -19.03 -18.15
C GLU A 396 -26.14 -18.68 -19.58
N LYS A 397 -25.96 -19.71 -20.43
CA LYS A 397 -25.68 -19.48 -21.83
C LYS A 397 -26.85 -18.79 -22.45
N GLN A 398 -28.08 -19.20 -22.07
CA GLN A 398 -29.24 -18.61 -22.68
C GLN A 398 -29.25 -17.14 -22.38
N VAL A 399 -28.90 -16.77 -21.14
CA VAL A 399 -28.91 -15.40 -20.75
C VAL A 399 -27.95 -14.65 -21.60
N ASN A 400 -26.77 -15.25 -21.86
CA ASN A 400 -25.75 -14.56 -22.59
C ASN A 400 -26.22 -14.24 -23.97
N ASN A 401 -26.84 -15.21 -24.67
CA ASN A 401 -27.26 -14.95 -26.02
C ASN A 401 -28.34 -13.91 -26.02
N ALA A 402 -29.24 -13.94 -25.02
CA ALA A 402 -30.32 -13.00 -24.98
C ALA A 402 -29.73 -11.62 -24.90
N LEU A 403 -28.67 -11.46 -24.08
CA LEU A 403 -28.08 -10.17 -23.92
C LEU A 403 -27.56 -9.73 -25.24
N ALA A 404 -26.92 -10.65 -25.99
CA ALA A 404 -26.34 -10.32 -27.26
C ALA A 404 -27.45 -9.91 -28.18
N ARG A 405 -28.60 -10.60 -28.10
CA ARG A 405 -29.71 -10.35 -28.98
C ARG A 405 -30.16 -8.93 -28.79
N VAL A 406 -30.21 -8.47 -27.53
CA VAL A 406 -30.68 -7.14 -27.27
C VAL A 406 -29.80 -6.18 -27.98
N ASN A 407 -28.48 -6.41 -27.95
CA ASN A 407 -27.56 -5.49 -28.54
C ASN A 407 -27.83 -5.40 -30.02
N ASN A 408 -28.03 -6.56 -30.68
CA ASN A 408 -28.25 -6.53 -32.10
C ASN A 408 -29.54 -5.85 -32.42
N LEU A 409 -30.61 -6.19 -31.69
CA LEU A 409 -31.92 -5.69 -31.96
C LEU A 409 -31.91 -4.21 -31.76
N THR A 410 -31.22 -3.72 -30.71
CA THR A 410 -31.27 -2.33 -30.42
C THR A 410 -30.71 -1.56 -31.57
N GLN A 411 -29.64 -2.09 -32.21
CA GLN A 411 -29.01 -1.38 -33.28
C GLN A 411 -29.97 -1.20 -34.42
N SER A 412 -30.69 -2.27 -34.82
CA SER A 412 -31.58 -2.19 -35.95
C SER A 412 -32.73 -1.29 -35.65
N ILE A 413 -33.40 -1.50 -34.50
CA ILE A 413 -34.59 -0.79 -34.13
C ILE A 413 -34.31 0.65 -33.97
N LEU A 414 -33.11 1.01 -33.50
CA LEU A 414 -32.88 2.42 -33.36
C LEU A 414 -33.06 3.02 -34.71
N ALA A 415 -32.48 2.44 -35.77
CA ALA A 415 -32.67 3.04 -37.05
C ALA A 415 -34.09 2.90 -37.54
N LYS A 416 -34.65 1.67 -37.46
CA LYS A 416 -35.95 1.33 -38.00
C LYS A 416 -37.09 1.94 -37.27
N ALA A 417 -37.02 1.97 -35.94
CA ALA A 417 -38.05 2.53 -35.12
C ALA A 417 -38.12 3.95 -35.53
N PHE A 418 -36.94 4.51 -35.88
CA PHE A 418 -36.77 5.84 -36.35
C PHE A 418 -37.41 5.96 -37.70
N ARG A 419 -37.68 4.88 -38.44
CA ARG A 419 -38.39 5.22 -39.65
C ARG A 419 -39.87 5.32 -39.36
N GLY A 420 -40.58 6.15 -40.15
CA GLY A 420 -41.99 6.39 -40.00
C GLY A 420 -42.71 5.12 -40.23
N GLU A 421 -42.12 4.24 -41.06
CA GLU A 421 -42.75 3.00 -41.43
C GLU A 421 -43.09 2.25 -40.18
N LEU A 422 -42.25 2.36 -39.14
CA LEU A 422 -42.49 1.63 -37.91
C LEU A 422 -43.78 2.07 -37.27
N THR A 423 -44.13 3.37 -37.29
CA THR A 423 -45.38 3.73 -36.67
C THR A 423 -46.49 3.02 -37.38
N ALA A 424 -46.49 3.14 -38.72
CA ALA A 424 -47.56 2.57 -39.49
C ALA A 424 -47.43 1.09 -39.48
N GLN A 425 -48.58 0.40 -39.52
CA GLN A 425 -48.56 -1.03 -39.59
C GLN A 425 -48.49 -1.37 -41.04
N TRP A 426 -48.09 -2.63 -41.34
CA TRP A 426 -47.98 -2.99 -42.72
C TRP A 426 -49.37 -3.06 -43.28
N ARG A 427 -49.52 -2.63 -44.53
CA ARG A 427 -50.81 -2.60 -45.15
C ARG A 427 -51.24 -4.02 -45.35
N ALA A 428 -52.40 -4.38 -44.79
CA ALA A 428 -52.90 -5.71 -44.99
C ALA A 428 -54.36 -5.68 -44.71
N GLU A 429 -55.16 -6.33 -45.57
CA GLU A 429 -56.57 -6.39 -45.34
C GLU A 429 -56.82 -7.30 -44.19
N ASN A 430 -56.08 -8.42 -44.12
CA ASN A 430 -56.34 -9.38 -43.09
C ASN A 430 -55.12 -9.49 -42.22
N PRO A 431 -55.39 -9.74 -40.97
CA PRO A 431 -54.35 -9.93 -40.00
C PRO A 431 -53.63 -11.22 -40.25
N ASP A 432 -54.23 -12.11 -41.07
CA ASP A 432 -53.68 -13.39 -41.35
C ASP A 432 -52.37 -13.23 -42.05
N LEU A 433 -52.21 -12.13 -42.81
CA LEU A 433 -51.02 -11.96 -43.59
C LEU A 433 -49.83 -12.02 -42.67
N ILE A 434 -49.89 -11.27 -41.54
CA ILE A 434 -48.82 -11.22 -40.59
C ILE A 434 -48.67 -12.53 -39.88
N SER A 435 -49.80 -13.21 -39.58
CA SER A 435 -49.79 -14.36 -38.73
C SER A 435 -48.80 -15.38 -39.19
N GLY A 436 -48.79 -15.73 -40.50
CA GLY A 436 -47.85 -16.74 -40.90
C GLY A 436 -46.48 -16.18 -40.69
N GLU A 437 -45.52 -17.05 -40.30
CA GLU A 437 -44.20 -16.55 -40.06
C GLU A 437 -43.66 -16.04 -41.35
N ASN A 438 -43.74 -16.88 -42.41
CA ASN A 438 -43.24 -16.52 -43.71
C ASN A 438 -44.13 -15.47 -44.29
N SER A 439 -45.45 -15.62 -44.11
CA SER A 439 -46.40 -14.75 -44.73
C SER A 439 -46.19 -13.35 -44.27
N ALA A 440 -45.89 -13.15 -42.98
CA ALA A 440 -45.74 -11.83 -42.48
C ALA A 440 -44.60 -11.16 -43.19
N ALA A 441 -43.50 -11.90 -43.37
CA ALA A 441 -42.35 -11.33 -44.00
C ALA A 441 -42.70 -10.94 -45.40
N ALA A 442 -43.45 -11.80 -46.11
CA ALA A 442 -43.77 -11.55 -47.48
C ALA A 442 -44.58 -10.29 -47.56
N LEU A 443 -45.53 -10.11 -46.62
CA LEU A 443 -46.39 -8.97 -46.67
C LEU A 443 -45.56 -7.75 -46.51
N LEU A 444 -44.56 -7.81 -45.62
CA LEU A 444 -43.73 -6.66 -45.35
C LEU A 444 -43.05 -6.28 -46.62
N GLU A 445 -42.52 -7.28 -47.36
CA GLU A 445 -41.78 -6.99 -48.54
C GLU A 445 -42.65 -6.32 -49.54
N LYS A 446 -43.88 -6.82 -49.72
CA LYS A 446 -44.75 -6.26 -50.72
C LYS A 446 -45.06 -4.84 -50.38
N ILE A 447 -45.31 -4.57 -49.09
CA ILE A 447 -45.67 -3.24 -48.68
C ILE A 447 -44.54 -2.32 -48.98
N LYS A 448 -43.31 -2.76 -48.68
CA LYS A 448 -42.17 -1.91 -48.86
C LYS A 448 -42.05 -1.52 -50.29
N ALA A 449 -42.17 -2.50 -51.21
CA ALA A 449 -41.99 -2.21 -52.60
C ALA A 449 -43.05 -1.25 -53.05
N GLU A 450 -44.31 -1.49 -52.66
CA GLU A 450 -45.38 -0.67 -53.12
C GLU A 450 -45.20 0.72 -52.60
N ARG A 451 -44.83 0.85 -51.31
CA ARG A 451 -44.71 2.15 -50.71
C ARG A 451 -43.65 2.92 -51.43
N ALA A 452 -42.52 2.25 -51.73
CA ALA A 452 -41.43 2.93 -52.38
C ALA A 452 -41.89 3.43 -53.71
N ALA A 453 -42.67 2.61 -54.44
CA ALA A 453 -43.09 2.99 -55.75
C ALA A 453 -43.92 4.24 -55.64
N SER A 454 -44.83 4.29 -54.66
CA SER A 454 -45.68 5.43 -54.50
C SER A 454 -44.83 6.61 -54.15
N GLY A 455 -43.77 6.37 -53.36
CA GLY A 455 -42.87 7.39 -52.92
C GLY A 455 -42.21 7.99 -54.12
N GLY A 456 -42.02 7.16 -55.16
CA GLY A 456 -41.30 7.53 -56.34
C GLY A 456 -41.97 8.72 -56.95
N LYS A 457 -43.29 8.87 -56.75
CA LYS A 457 -44.02 9.95 -57.38
C LYS A 457 -43.35 11.24 -57.02
N LYS A 458 -43.04 11.47 -55.74
CA LYS A 458 -42.39 12.71 -55.44
C LYS A 458 -41.10 12.41 -54.75
N ALA A 459 -40.05 13.17 -55.13
CA ALA A 459 -38.73 13.01 -54.57
C ALA A 459 -38.81 13.35 -53.12
N SER A 460 -39.65 14.35 -52.79
CA SER A 460 -39.73 14.85 -51.45
C SER A 460 -40.09 13.75 -50.51
N ARG A 461 -40.89 12.77 -50.96
CA ARG A 461 -41.30 11.73 -50.06
C ARG A 461 -40.08 11.05 -49.54
N LYS A 462 -39.19 10.60 -50.44
CA LYS A 462 -37.98 9.95 -50.02
C LYS A 462 -37.02 10.95 -49.42
N LYS A 463 -36.91 12.12 -50.06
CA LYS A 463 -35.94 13.13 -49.74
C LYS A 463 -36.11 13.68 -48.36
N SER A 464 -37.35 13.99 -47.96
CA SER A 464 -37.55 14.64 -46.69
C SER A 464 -36.93 13.83 -45.55
N MET B 1 39.26 -1.59 -14.74
CA MET B 1 38.17 -0.67 -14.32
C MET B 1 37.21 -1.40 -13.46
N ASN B 2 37.09 -2.71 -13.67
CA ASN B 2 36.18 -3.50 -12.89
C ASN B 2 36.70 -3.51 -11.50
N ASN B 3 35.86 -3.91 -10.53
CA ASN B 3 36.33 -3.94 -9.17
C ASN B 3 37.39 -4.97 -9.13
N ASN B 4 38.46 -4.70 -8.37
CA ASN B 4 39.54 -5.63 -8.31
C ASN B 4 39.93 -5.79 -6.88
N ASP B 5 41.21 -6.21 -6.79
CA ASP B 5 41.97 -6.43 -5.56
C ASP B 5 41.87 -5.21 -4.63
N LEU B 6 41.85 -4.03 -5.23
CA LEU B 6 41.74 -2.79 -4.48
C LEU B 6 40.33 -2.63 -3.95
N VAL B 7 39.34 -2.91 -4.80
CA VAL B 7 37.95 -2.81 -4.43
C VAL B 7 37.60 -3.81 -3.34
N ALA B 8 38.19 -5.00 -3.42
CA ALA B 8 37.92 -6.01 -2.41
C ALA B 8 38.56 -5.60 -1.09
N LYS B 9 39.71 -4.92 -1.20
CA LYS B 9 40.47 -4.45 -0.04
C LYS B 9 39.75 -3.30 0.66
N LEU B 10 39.07 -2.46 -0.13
CA LEU B 10 38.31 -1.35 0.40
C LEU B 10 37.06 -1.89 1.04
N TRP B 11 36.51 -2.94 0.46
CA TRP B 11 35.30 -3.57 0.96
C TRP B 11 35.48 -4.09 2.38
N LYS B 12 36.59 -4.80 2.62
CA LYS B 12 36.88 -5.37 3.93
C LYS B 12 36.87 -4.32 5.02
N LEU B 13 37.33 -3.13 4.70
CA LEU B 13 37.36 -2.04 5.66
C LEU B 13 35.93 -1.62 6.01
N CYS B 14 35.03 -1.65 5.04
CA CYS B 14 33.64 -1.27 5.27
C CYS B 14 32.99 -2.16 6.33
N ASP B 15 33.65 -3.24 6.67
CA ASP B 15 33.12 -4.16 7.66
C ASP B 15 33.16 -3.45 9.01
N ASN B 16 34.12 -2.55 9.18
CA ASN B 16 34.25 -1.80 10.41
C ASN B 16 33.18 -0.75 10.47
N LEU B 17 32.89 -0.16 9.32
CA LEU B 17 31.88 0.87 9.19
C LEU B 17 30.50 0.27 9.43
N ARG B 18 30.30 -0.92 8.89
CA ARG B 18 29.04 -1.62 9.05
C ARG B 18 28.78 -1.86 10.53
N ASP B 19 29.78 -2.43 11.19
CA ASP B 19 29.67 -2.73 12.60
C ASP B 19 30.02 -1.51 13.46
N GLY B 20 30.06 -0.34 12.82
CA GLY B 20 30.37 0.88 13.56
C GLY B 20 29.18 1.82 13.60
N GLY B 21 28.12 1.42 12.89
CA GLY B 21 26.91 2.22 12.85
C GLY B 21 26.69 2.84 11.48
N VAL B 22 27.68 2.73 10.61
CA VAL B 22 27.58 3.32 9.29
C VAL B 22 26.73 2.48 8.34
N SER B 23 25.93 3.17 7.53
CA SER B 23 25.05 2.52 6.56
C SER B 23 25.83 2.16 5.29
N TYR B 24 25.28 1.29 4.47
CA TYR B 24 25.93 0.88 3.23
C TYR B 24 25.98 2.05 2.24
N GLN B 25 25.14 3.05 2.47
CA GLN B 25 25.08 4.21 1.59
C GLN B 25 26.22 5.18 1.86
N ASN B 26 26.72 5.22 3.09
CA ASN B 26 27.79 6.15 3.42
C ASN B 26 29.18 5.56 3.50
N TYR B 27 29.31 4.28 3.15
CA TYR B 27 30.60 3.62 3.20
C TYR B 27 31.67 4.44 2.50
N VAL B 28 31.47 4.66 1.19
CA VAL B 28 32.42 5.42 0.39
C VAL B 28 32.76 6.77 1.00
N ASN B 29 31.75 7.51 1.45
CA ASN B 29 31.96 8.83 2.05
C ASN B 29 32.90 8.76 3.24
N GLU B 30 32.66 7.77 4.10
CA GLU B 30 33.48 7.57 5.29
C GLU B 30 34.92 7.26 4.91
N LEU B 31 35.07 6.35 3.95
CA LEU B 31 36.39 5.93 3.46
C LEU B 31 37.15 7.04 2.75
N ALA B 32 36.47 7.77 1.88
CA ALA B 32 37.10 8.84 1.12
C ALA B 32 37.78 9.84 2.04
N SER B 33 37.08 10.24 3.08
CA SER B 33 37.60 11.19 4.06
C SER B 33 38.92 10.69 4.64
N LEU B 34 38.85 9.54 5.29
CA LEU B 34 40.04 8.96 5.89
C LEU B 34 41.15 8.76 4.88
N LEU B 35 40.81 8.20 3.73
CA LEU B 35 41.84 7.95 2.71
C LEU B 35 42.54 9.23 2.29
N PHE B 36 41.77 10.30 2.17
CA PHE B 36 42.31 11.58 1.74
C PHE B 36 43.36 12.07 2.73
N LEU B 37 43.00 12.09 4.00
CA LEU B 37 43.91 12.53 5.07
C LEU B 37 45.18 11.67 5.06
N LYS B 38 44.99 10.36 4.90
CA LYS B 38 46.07 9.39 4.86
C LYS B 38 46.98 9.65 3.67
N MET B 39 46.37 9.94 2.52
CA MET B 39 47.12 10.21 1.30
C MET B 39 47.91 11.52 1.40
N CYS B 40 47.33 12.53 2.04
CA CYS B 40 48.02 13.79 2.17
C CYS B 40 49.30 13.59 2.95
N LYS B 41 49.26 12.71 3.94
CA LYS B 41 50.46 12.49 4.69
C LYS B 41 51.45 11.78 3.76
N GLU B 42 51.01 10.69 3.12
CA GLU B 42 51.86 9.91 2.22
C GLU B 42 52.50 10.76 1.13
N THR B 43 51.87 11.88 0.84
CA THR B 43 52.37 12.79 -0.17
C THR B 43 53.67 13.41 0.30
N GLY B 44 53.79 13.60 1.61
CA GLY B 44 55.00 14.19 2.17
C GLY B 44 54.96 15.70 2.24
N GLN B 45 53.79 16.28 2.00
CA GLN B 45 53.64 17.73 2.05
C GLN B 45 52.28 18.09 2.62
N GLU B 46 51.79 17.28 3.55
CA GLU B 46 50.49 17.52 4.18
C GLU B 46 50.44 18.92 4.78
N ALA B 47 51.61 19.49 5.00
CA ALA B 47 51.72 20.82 5.56
C ALA B 47 51.13 21.87 4.63
N GLU B 48 51.03 21.52 3.35
CA GLU B 48 50.50 22.44 2.36
C GLU B 48 49.01 22.29 2.15
N TYR B 49 48.48 21.11 2.45
CA TYR B 49 47.06 20.82 2.28
C TYR B 49 46.22 20.99 3.56
N LEU B 50 46.63 20.33 4.63
CA LEU B 50 45.91 20.37 5.90
C LEU B 50 46.55 21.27 6.95
N PRO B 51 45.72 21.89 7.79
CA PRO B 51 46.19 22.78 8.85
C PRO B 51 46.83 22.03 9.99
N GLU B 52 47.82 22.63 10.62
CA GLU B 52 48.50 21.99 11.73
C GLU B 52 47.49 21.64 12.83
N GLY B 53 47.73 20.53 13.53
CA GLY B 53 46.82 20.12 14.59
C GLY B 53 45.70 19.23 14.11
N TYR B 54 45.48 19.20 12.81
CA TYR B 54 44.42 18.39 12.22
C TYR B 54 44.93 17.60 11.02
N ARG B 55 45.89 16.71 11.26
CA ARG B 55 46.44 15.90 10.19
C ARG B 55 46.33 14.43 10.53
N TRP B 56 46.72 13.57 9.60
CA TRP B 56 46.64 12.14 9.79
C TRP B 56 47.19 11.66 11.12
N ASP B 57 48.37 12.13 11.51
CA ASP B 57 48.95 11.69 12.78
C ASP B 57 48.08 12.07 13.99
N ASP B 58 47.44 13.24 13.92
CA ASP B 58 46.59 13.70 15.01
C ASP B 58 45.35 12.82 15.22
N LEU B 59 44.89 12.19 14.16
CA LEU B 59 43.72 11.33 14.22
C LEU B 59 44.16 9.88 14.48
N LYS B 60 45.12 9.42 13.69
CA LYS B 60 45.67 8.08 13.78
C LYS B 60 46.28 7.73 15.14
N SER B 61 46.88 8.70 15.82
CA SER B 61 47.52 8.45 17.10
C SER B 61 46.54 8.30 18.25
N ARG B 62 45.39 8.95 18.13
CA ARG B 62 44.38 8.91 19.18
C ARG B 62 43.66 7.56 19.22
N ILE B 63 42.85 7.32 20.24
CA ILE B 63 42.14 6.04 20.35
C ILE B 63 40.82 6.20 21.10
N GLY B 64 39.88 5.30 20.83
CA GLY B 64 38.60 5.32 21.51
C GLY B 64 37.76 6.57 21.33
N GLN B 65 36.94 6.87 22.33
CA GLN B 65 36.07 8.04 22.27
C GLN B 65 36.88 9.31 22.10
N GLU B 66 38.07 9.33 22.66
CA GLU B 66 38.92 10.50 22.56
C GLU B 66 39.19 10.78 21.08
N GLN B 67 39.17 9.73 20.27
CA GLN B 67 39.39 9.80 18.83
C GLN B 67 38.14 10.19 18.03
N LEU B 68 37.00 9.61 18.39
CA LEU B 68 35.75 9.90 17.71
C LEU B 68 35.38 11.36 17.91
N GLN B 69 35.58 11.85 19.13
CA GLN B 69 35.26 13.23 19.42
C GLN B 69 36.25 14.14 18.73
N PHE B 70 37.52 13.74 18.67
CA PHE B 70 38.50 14.58 18.02
C PHE B 70 38.20 14.60 16.55
N TYR B 71 37.79 13.44 16.02
CA TYR B 71 37.48 13.34 14.61
C TYR B 71 36.33 14.28 14.24
N ARG B 72 35.32 14.32 15.09
CA ARG B 72 34.17 15.20 14.86
C ARG B 72 34.62 16.65 14.76
N LYS B 73 35.30 17.11 15.80
CA LYS B 73 35.80 18.48 15.84
C LYS B 73 36.67 18.76 14.62
N MET B 74 37.37 17.73 14.16
CA MET B 74 38.26 17.85 13.02
C MET B 74 37.46 17.98 11.74
N LEU B 75 36.37 17.24 11.62
CA LEU B 75 35.53 17.32 10.42
C LEU B 75 34.95 18.72 10.29
N VAL B 76 34.64 19.32 11.43
CA VAL B 76 34.06 20.65 11.42
C VAL B 76 35.12 21.70 11.20
N HIS B 77 36.26 21.52 11.84
CA HIS B 77 37.33 22.49 11.70
C HIS B 77 37.84 22.60 10.28
N LEU B 78 37.90 21.48 9.57
CA LEU B 78 38.40 21.48 8.20
C LEU B 78 37.42 22.07 7.23
N GLY B 79 36.14 21.83 7.45
CA GLY B 79 35.12 22.33 6.56
C GLY B 79 34.75 23.79 6.76
N GLU B 80 35.54 24.51 7.56
CA GLU B 80 35.26 25.91 7.80
C GLU B 80 36.51 26.76 7.94
N ASP B 81 36.91 27.41 6.85
CA ASP B 81 38.09 28.28 6.85
C ASP B 81 38.26 28.93 5.49
N ASP B 82 39.17 29.89 5.40
CA ASP B 82 39.41 30.62 4.16
C ASP B 82 40.15 29.77 3.11
N LYS B 83 40.85 28.73 3.57
CA LYS B 83 41.61 27.82 2.71
C LYS B 83 40.63 26.96 1.93
N LYS B 84 39.59 27.62 1.45
CA LYS B 84 38.52 27.00 0.71
C LYS B 84 38.96 25.83 -0.18
N LEU B 85 40.24 25.75 -0.50
CA LEU B 85 40.70 24.64 -1.34
C LEU B 85 40.32 23.33 -0.67
N VAL B 86 40.86 23.10 0.52
CA VAL B 86 40.57 21.90 1.25
C VAL B 86 39.14 21.96 1.77
N GLN B 87 38.73 23.15 2.18
CA GLN B 87 37.40 23.35 2.71
C GLN B 87 36.30 22.79 1.78
N ALA B 88 36.54 22.90 0.61
CA ALA B 88 35.50 22.48 -0.29
C ALA B 88 35.26 21.02 -0.08
N VAL B 89 36.33 20.27 0.19
CA VAL B 89 36.29 18.81 0.28
C VAL B 89 35.66 18.31 1.58
N PHE B 90 35.60 19.17 2.58
CA PHE B 90 35.03 18.80 3.88
C PHE B 90 33.85 19.67 4.31
N HIS B 91 33.31 20.42 3.36
CA HIS B 91 32.17 21.30 3.60
C HIS B 91 30.91 20.45 3.77
N ASN B 92 30.21 20.65 4.88
CA ASN B 92 28.99 19.90 5.19
C ASN B 92 29.28 18.41 5.29
N VAL B 93 30.52 18.07 5.59
CA VAL B 93 30.92 16.68 5.71
C VAL B 93 30.92 16.28 7.17
N SER B 94 30.37 15.10 7.45
CA SER B 94 30.34 14.60 8.83
C SER B 94 30.33 13.07 8.82
N THR B 95 30.95 12.46 9.82
CA THR B 95 31.00 11.01 9.89
C THR B 95 29.76 10.42 10.53
N THR B 96 29.43 9.20 10.14
CA THR B 96 28.26 8.53 10.70
C THR B 96 28.70 7.37 11.59
N ILE B 97 29.93 7.43 12.07
CA ILE B 97 30.46 6.40 12.93
C ILE B 97 30.07 6.67 14.37
N THR B 98 29.63 5.63 15.07
CA THR B 98 29.23 5.76 16.45
C THR B 98 30.01 4.83 17.37
N GLU B 99 30.43 3.68 16.84
CA GLU B 99 31.22 2.73 17.63
C GLU B 99 32.69 3.12 17.66
N PRO B 100 33.18 3.65 18.81
CA PRO B 100 34.57 4.06 18.98
C PRO B 100 35.60 2.98 18.67
N LYS B 101 35.26 1.72 18.90
CA LYS B 101 36.22 0.66 18.61
C LYS B 101 36.37 0.48 17.10
N GLN B 102 35.31 0.82 16.36
CA GLN B 102 35.30 0.69 14.91
C GLN B 102 36.15 1.69 14.15
N ILE B 103 36.19 2.92 14.62
CA ILE B 103 36.99 3.93 13.95
C ILE B 103 38.46 3.59 14.16
N THR B 104 38.82 3.22 15.38
CA THR B 104 40.19 2.87 15.68
C THR B 104 40.63 1.71 14.79
N ALA B 105 39.70 0.78 14.55
CA ALA B 105 39.97 -0.37 13.70
C ALA B 105 40.08 0.00 12.23
N LEU B 106 39.40 1.08 11.85
CA LEU B 106 39.38 1.52 10.47
C LEU B 106 40.64 2.29 10.11
N VAL B 107 40.91 3.34 10.88
CA VAL B 107 42.06 4.18 10.64
C VAL B 107 43.35 3.37 10.59
N SER B 108 43.51 2.45 11.52
CA SER B 108 44.72 1.63 11.54
C SER B 108 44.74 0.63 10.40
N ASN B 109 43.55 0.19 10.02
CA ASN B 109 43.45 -0.77 8.95
C ASN B 109 44.01 -0.20 7.66
N MET B 110 43.50 0.95 7.24
CA MET B 110 43.98 1.53 6.01
C MET B 110 45.30 2.22 6.15
N ASP B 111 45.69 2.50 7.38
CA ASP B 111 46.97 3.14 7.61
C ASP B 111 48.02 2.16 7.11
N SER B 112 47.74 0.87 7.26
CA SER B 112 48.67 -0.14 6.81
C SER B 112 48.29 -0.71 5.44
N LEU B 113 47.59 0.09 4.63
CA LEU B 113 47.19 -0.36 3.30
C LEU B 113 48.28 0.04 2.31
N ASP B 114 48.23 -0.51 1.11
CA ASP B 114 49.21 -0.23 0.06
C ASP B 114 48.61 0.73 -0.97
N TRP B 115 49.53 1.11 -1.62
CA TRP B 115 49.26 1.83 -2.84
C TRP B 115 48.75 0.78 -3.76
N TYR B 116 48.05 -0.51 -2.93
CA TYR B 116 48.01 -1.75 -3.66
C TYR B 116 47.61 -1.47 -5.06
N ASN B 117 46.53 -0.72 -5.26
CA ASN B 117 46.36 -0.37 -6.62
C ASN B 117 47.13 0.89 -6.76
N GLY B 118 48.22 0.84 -7.54
CA GLY B 118 49.06 1.99 -7.69
C GLY B 118 49.49 1.98 -9.12
N ALA B 119 50.60 2.69 -9.41
CA ALA B 119 51.11 2.75 -10.75
C ALA B 119 52.37 3.54 -10.66
N HIS B 120 53.00 3.85 -11.80
CA HIS B 120 54.18 4.66 -11.70
C HIS B 120 53.71 5.97 -11.13
N GLY B 121 54.43 6.46 -10.12
CA GLY B 121 54.02 7.69 -9.50
C GLY B 121 52.90 7.31 -8.57
N LYS B 122 52.42 8.26 -7.76
CA LYS B 122 51.34 7.91 -6.89
C LYS B 122 50.14 7.70 -7.74
N SER B 123 49.36 6.65 -7.47
CA SER B 123 48.17 6.51 -8.26
C SER B 123 47.04 6.99 -7.42
N ARG B 124 46.95 8.33 -7.29
CA ARG B 124 45.88 8.92 -6.56
C ARG B 124 44.66 8.69 -7.37
N ASP B 125 44.84 8.68 -8.71
CA ASP B 125 43.75 8.55 -9.62
C ASP B 125 43.08 7.24 -9.39
N ASP B 126 43.87 6.20 -9.11
CA ASP B 126 43.35 4.89 -8.95
C ASP B 126 42.43 4.83 -7.78
N PHE B 127 42.80 5.44 -6.64
CA PHE B 127 41.97 5.34 -5.47
C PHE B 127 40.66 5.96 -5.79
N GLY B 128 40.67 7.12 -6.46
CA GLY B 128 39.45 7.80 -6.79
C GLY B 128 38.65 6.95 -7.72
N ASP B 129 39.30 6.29 -8.70
CA ASP B 129 38.59 5.49 -9.66
C ASP B 129 37.94 4.33 -8.96
N MET B 130 38.68 3.67 -8.05
CA MET B 130 38.19 2.51 -7.36
C MET B 130 37.04 2.93 -6.51
N TYR B 131 37.16 4.13 -5.92
CA TYR B 131 36.24 4.75 -5.04
C TYR B 131 34.94 4.91 -5.79
N GLU B 132 35.00 5.39 -7.04
CA GLU B 132 33.81 5.59 -7.82
C GLU B 132 33.18 4.26 -8.11
N GLY B 133 34.00 3.25 -8.47
CA GLY B 133 33.47 1.97 -8.85
C GLY B 133 32.75 1.35 -7.69
N LEU B 134 33.33 1.47 -6.47
CA LEU B 134 32.74 0.90 -5.29
C LEU B 134 31.44 1.55 -5.00
N LEU B 135 31.39 2.86 -5.27
CA LEU B 135 30.25 3.69 -5.02
C LEU B 135 29.15 3.17 -5.91
N GLN B 136 29.50 2.73 -7.14
CA GLN B 136 28.58 2.21 -8.11
C GLN B 136 27.94 0.97 -7.56
N LYS B 137 28.70 0.10 -6.88
CA LYS B 137 28.09 -1.09 -6.38
C LYS B 137 27.00 -0.70 -5.42
N ASN B 138 27.25 0.32 -4.59
CA ASN B 138 26.29 0.81 -3.62
C ASN B 138 25.14 1.45 -4.34
N ALA B 139 25.46 2.25 -5.36
CA ALA B 139 24.47 2.95 -6.10
C ALA B 139 23.55 1.91 -6.68
N ASN B 140 24.08 0.72 -7.03
CA ASN B 140 23.32 -0.36 -7.60
C ASN B 140 22.49 -1.11 -6.57
N GLU B 141 22.89 -1.13 -5.27
CA GLU B 141 22.22 -1.91 -4.27
C GLU B 141 20.93 -1.28 -3.83
N THR B 142 19.87 -2.10 -3.72
CA THR B 142 18.55 -1.69 -3.36
C THR B 142 18.48 -1.18 -1.94
N LYS B 143 18.87 -2.01 -0.97
CA LYS B 143 18.76 -1.67 0.42
C LYS B 143 19.24 -0.27 0.69
N SER B 144 20.31 0.16 0.01
CA SER B 144 20.98 1.41 0.26
C SER B 144 20.10 2.62 0.06
N GLY B 145 19.33 2.68 -1.05
CA GLY B 145 18.53 3.85 -1.29
C GLY B 145 19.33 4.80 -2.15
N ALA B 146 20.61 4.48 -2.37
CA ALA B 146 21.57 5.22 -3.15
C ALA B 146 21.18 5.22 -4.59
N GLY B 147 20.40 4.21 -4.97
CA GLY B 147 19.99 3.92 -6.31
C GLY B 147 19.32 5.11 -6.89
N GLN B 148 18.85 6.03 -6.01
CA GLN B 148 18.13 7.13 -6.50
C GLN B 148 19.03 7.79 -7.49
N TYR B 149 20.37 8.02 -7.04
CA TYR B 149 21.25 8.64 -8.04
C TYR B 149 22.18 7.65 -8.76
N PHE B 150 21.57 6.76 -9.54
CA PHE B 150 22.31 5.78 -10.33
C PHE B 150 21.76 5.84 -11.74
N THR B 151 22.63 5.86 -12.74
CA THR B 151 22.18 5.91 -14.11
C THR B 151 23.04 4.92 -14.91
N PRO B 152 22.40 4.00 -15.64
CA PRO B 152 23.17 3.04 -16.42
C PRO B 152 24.31 3.71 -17.19
N ARG B 153 25.55 3.30 -16.89
CA ARG B 153 26.74 3.81 -17.54
C ARG B 153 26.54 3.87 -19.05
N PRO B 154 26.13 2.75 -19.66
CA PRO B 154 25.94 2.78 -21.11
C PRO B 154 24.96 3.86 -21.61
N LEU B 155 24.08 4.33 -20.72
CA LEU B 155 23.09 5.35 -21.04
C LEU B 155 23.81 6.70 -21.03
N ILE B 156 24.64 6.89 -20.03
CA ILE B 156 25.38 8.13 -19.93
C ILE B 156 26.27 8.25 -21.16
N LYS B 157 27.11 7.25 -21.39
CA LYS B 157 27.97 7.27 -22.54
C LYS B 157 27.17 7.65 -23.79
N THR B 158 26.07 6.95 -24.04
CA THR B 158 25.23 7.19 -25.21
C THR B 158 24.66 8.60 -25.29
N ILE B 159 24.19 9.09 -24.16
CA ILE B 159 23.63 10.42 -24.13
C ILE B 159 24.71 11.43 -24.52
N ILE B 160 25.90 11.36 -23.93
CA ILE B 160 26.94 12.31 -24.28
C ILE B 160 27.45 12.14 -25.70
N HIS B 161 27.41 10.92 -26.18
CA HIS B 161 27.85 10.60 -27.53
C HIS B 161 26.94 11.25 -28.58
N LEU B 162 25.65 11.31 -28.29
CA LEU B 162 24.70 11.89 -29.20
C LEU B 162 24.64 13.42 -29.06
N LEU B 163 25.08 13.96 -27.93
CA LEU B 163 25.07 15.41 -27.73
C LEU B 163 26.34 15.99 -28.31
N LYS B 164 27.39 15.17 -28.35
CA LYS B 164 28.70 15.59 -28.88
C LYS B 164 29.15 16.96 -28.37
N PRO B 165 29.38 17.09 -27.07
CA PRO B 165 29.80 18.40 -26.55
C PRO B 165 31.17 18.86 -27.10
N GLN B 166 31.23 20.11 -27.52
CA GLN B 166 32.46 20.67 -28.08
C GLN B 166 33.12 21.58 -27.06
N PRO B 167 34.44 21.82 -27.20
CA PRO B 167 35.03 22.73 -26.20
C PRO B 167 34.40 24.10 -26.34
N ARG B 168 34.46 24.89 -25.26
CA ARG B 168 33.88 26.23 -25.20
C ARG B 168 32.37 26.21 -24.99
N GLU B 169 31.81 25.01 -24.95
CA GLU B 169 30.38 24.85 -24.68
C GLU B 169 30.22 24.53 -23.20
N VAL B 170 29.30 25.25 -22.57
CA VAL B 170 29.01 25.08 -21.16
C VAL B 170 27.96 23.97 -21.01
N VAL B 171 28.35 22.90 -20.34
CA VAL B 171 27.47 21.75 -20.11
C VAL B 171 26.95 21.80 -18.68
N GLN B 172 25.63 21.87 -18.52
CA GLN B 172 25.05 21.93 -17.19
C GLN B 172 24.32 20.66 -16.76
N ASP B 173 24.25 20.44 -15.45
CA ASP B 173 23.53 19.30 -14.88
C ASP B 173 22.79 19.75 -13.61
N PRO B 174 21.49 20.10 -13.74
CA PRO B 174 20.62 20.55 -12.65
C PRO B 174 20.56 19.56 -11.50
N ALA B 175 20.72 18.28 -11.83
CA ALA B 175 20.67 17.23 -10.83
C ALA B 175 21.95 16.43 -10.91
N ALA B 176 23.07 17.12 -10.75
CA ALA B 176 24.40 16.54 -10.82
C ALA B 176 24.55 15.16 -10.22
N GLY B 177 24.09 14.99 -8.99
CA GLY B 177 24.23 13.71 -8.32
C GLY B 177 25.72 13.57 -8.05
N THR B 178 26.33 12.51 -8.57
CA THR B 178 27.76 12.33 -8.37
C THR B 178 28.53 12.83 -9.58
N ALA B 179 27.93 13.72 -10.35
CA ALA B 179 28.54 14.30 -11.53
C ALA B 179 28.83 13.30 -12.66
N GLY B 180 27.99 12.27 -12.76
CA GLY B 180 28.20 11.29 -13.80
C GLY B 180 28.19 11.83 -15.22
N PHE B 181 27.22 12.68 -15.55
CA PHE B 181 27.15 13.23 -16.92
C PHE B 181 28.25 14.20 -17.23
N LEU B 182 28.61 15.02 -16.25
CA LEU B 182 29.65 15.99 -16.46
C LEU B 182 30.98 15.31 -16.69
N ILE B 183 31.29 14.32 -15.86
CA ILE B 183 32.57 13.63 -16.00
C ILE B 183 32.64 13.04 -17.40
N GLU B 184 31.57 12.40 -17.85
CA GLU B 184 31.53 11.80 -19.17
C GLU B 184 31.62 12.83 -20.28
N ALA B 185 31.00 13.98 -20.07
CA ALA B 185 31.04 15.00 -21.09
C ALA B 185 32.46 15.50 -21.21
N ASP B 186 33.14 15.62 -20.08
CA ASP B 186 34.51 16.08 -20.07
C ASP B 186 35.40 15.03 -20.73
N ARG B 187 35.13 13.75 -20.45
CA ARG B 187 35.92 12.66 -21.03
C ARG B 187 35.81 12.68 -22.56
N TYR B 188 34.60 12.91 -23.05
CA TYR B 188 34.36 12.97 -24.48
C TYR B 188 35.14 14.14 -25.07
N VAL B 189 35.06 15.31 -24.45
CA VAL B 189 35.79 16.44 -24.99
C VAL B 189 37.28 16.18 -25.02
N LYS B 190 37.81 15.57 -23.96
CA LYS B 190 39.23 15.28 -23.95
C LYS B 190 39.61 14.25 -25.02
N SER B 191 38.72 13.32 -25.32
CA SER B 191 39.01 12.31 -26.32
C SER B 191 39.01 12.86 -27.73
N GLN B 192 38.66 14.13 -27.88
CA GLN B 192 38.61 14.73 -29.21
C GLN B 192 39.60 15.86 -29.33
N THR B 193 40.39 16.07 -28.28
CA THR B 193 41.36 17.15 -28.28
C THR B 193 42.68 16.75 -27.62
N ASN B 194 43.00 15.47 -27.64
CA ASN B 194 44.24 15.02 -27.02
C ASN B 194 44.35 15.56 -25.60
N ASP B 195 43.33 15.31 -24.79
CA ASP B 195 43.32 15.77 -23.41
C ASP B 195 43.57 17.26 -23.27
N LEU B 196 42.90 18.02 -24.13
CA LEU B 196 42.98 19.47 -24.12
C LEU B 196 44.24 20.04 -24.75
N ASP B 197 45.16 19.17 -25.13
CA ASP B 197 46.43 19.61 -25.73
C ASP B 197 46.29 20.22 -27.12
N ASP B 198 45.16 20.03 -27.77
CA ASP B 198 44.95 20.59 -29.10
C ASP B 198 44.42 22.00 -28.98
N LEU B 199 44.13 22.41 -27.76
CA LEU B 199 43.55 23.71 -27.52
C LEU B 199 44.51 24.68 -26.85
N ASP B 200 44.31 25.97 -27.10
CA ASP B 200 45.17 26.97 -26.50
C ASP B 200 44.89 27.07 -25.01
N GLY B 201 45.94 27.39 -24.26
CA GLY B 201 45.84 27.50 -22.82
C GLY B 201 44.56 28.15 -22.32
N ASP B 202 44.10 29.21 -22.98
CA ASP B 202 42.90 29.88 -22.50
C ASP B 202 41.65 29.02 -22.61
N THR B 203 41.56 28.25 -23.67
CA THR B 203 40.41 27.39 -23.84
C THR B 203 40.51 26.26 -22.84
N GLN B 204 41.75 25.87 -22.52
CA GLN B 204 41.98 24.80 -21.55
C GLN B 204 41.48 25.27 -20.20
N ASP B 205 41.72 26.53 -19.90
CA ASP B 205 41.27 27.08 -18.64
C ASP B 205 39.75 27.12 -18.57
N PHE B 206 39.13 27.36 -19.72
CA PHE B 206 37.69 27.41 -19.82
C PHE B 206 37.11 26.04 -19.51
N GLN B 207 37.68 25.02 -20.13
CA GLN B 207 37.25 23.64 -19.92
C GLN B 207 37.47 23.19 -18.48
N ILE B 208 38.48 23.75 -17.84
CA ILE B 208 38.79 23.38 -16.49
C ILE B 208 37.95 24.09 -15.46
N HIS B 209 37.64 25.35 -15.71
CA HIS B 209 36.88 26.16 -14.78
C HIS B 209 35.50 26.60 -15.17
N ARG B 210 35.15 26.60 -16.45
CA ARG B 210 33.82 27.08 -16.81
C ARG B 210 32.96 26.18 -17.69
N ALA B 211 33.57 25.18 -18.30
CA ALA B 211 32.84 24.31 -19.20
C ALA B 211 31.76 23.47 -18.55
N PHE B 212 31.98 23.01 -17.33
CA PHE B 212 31.00 22.17 -16.66
C PHE B 212 30.49 22.71 -15.35
N ILE B 213 29.18 22.64 -15.19
CA ILE B 213 28.55 23.12 -14.00
C ILE B 213 27.46 22.17 -13.56
N GLY B 214 27.37 21.98 -12.25
CA GLY B 214 26.36 21.11 -11.69
C GLY B 214 25.73 21.75 -10.47
N LEU B 215 24.65 21.17 -9.99
CA LEU B 215 23.95 21.64 -8.81
C LEU B 215 23.36 20.41 -8.12
N GLU B 216 23.69 20.22 -6.84
CA GLU B 216 23.21 19.08 -6.06
C GLU B 216 22.60 19.57 -4.75
N LEU B 217 21.43 19.02 -4.41
CA LEU B 217 20.73 19.41 -3.19
C LEU B 217 21.34 18.82 -1.92
N VAL B 218 21.59 17.52 -1.97
CA VAL B 218 22.13 16.82 -0.82
C VAL B 218 23.63 17.05 -0.65
N PRO B 219 24.01 17.81 0.38
CA PRO B 219 25.42 18.10 0.64
C PRO B 219 26.32 16.88 0.68
N GLY B 220 25.80 15.78 1.20
CA GLY B 220 26.60 14.56 1.26
C GLY B 220 26.96 14.11 -0.13
N THR B 221 25.96 14.08 -1.02
CA THR B 221 26.19 13.67 -2.38
C THR B 221 27.07 14.67 -3.12
N ARG B 222 26.82 15.96 -2.92
CA ARG B 222 27.62 16.98 -3.57
C ARG B 222 29.09 16.82 -3.25
N ARG B 223 29.39 16.37 -2.02
CA ARG B 223 30.77 16.16 -1.59
C ARG B 223 31.40 15.08 -2.45
N LEU B 224 30.75 13.93 -2.51
CA LEU B 224 31.24 12.85 -3.32
C LEU B 224 31.43 13.35 -4.74
N ALA B 225 30.48 14.13 -5.25
CA ALA B 225 30.55 14.67 -6.63
C ALA B 225 31.75 15.59 -6.82
N LEU B 226 32.04 16.37 -5.78
CA LEU B 226 33.15 17.31 -5.79
C LEU B 226 34.47 16.59 -5.85
N MET B 227 34.57 15.49 -5.13
CA MET B 227 35.80 14.69 -5.13
C MET B 227 35.97 14.04 -6.50
N ASN B 228 34.84 13.69 -7.11
CA ASN B 228 34.84 13.05 -8.41
C ASN B 228 35.45 13.96 -9.48
N CYS B 229 34.98 15.21 -9.54
CA CYS B 229 35.48 16.17 -10.53
C CYS B 229 36.92 16.52 -10.30
N LEU B 230 37.24 16.70 -9.03
CA LEU B 230 38.57 17.06 -8.59
C LEU B 230 39.62 16.07 -9.10
N LEU B 231 39.37 14.78 -8.92
CA LEU B 231 40.31 13.78 -9.40
C LEU B 231 40.19 13.61 -10.92
N HIS B 232 39.28 14.35 -11.53
CA HIS B 232 39.12 14.27 -12.97
C HIS B 232 39.61 15.58 -13.57
N ASP B 233 40.22 16.39 -12.72
CA ASP B 233 40.78 17.66 -13.10
C ASP B 233 39.77 18.70 -13.52
N ILE B 234 38.60 18.67 -12.90
CA ILE B 234 37.53 19.61 -13.18
C ILE B 234 37.42 20.50 -11.96
N GLU B 235 38.03 21.68 -12.04
CA GLU B 235 38.05 22.60 -10.91
C GLU B 235 36.82 23.52 -10.78
N GLY B 236 36.24 23.90 -11.89
CA GLY B 236 35.07 24.75 -11.78
C GLY B 236 35.37 26.09 -11.13
N ASN B 237 34.37 26.66 -10.47
CA ASN B 237 34.49 27.97 -9.85
C ASN B 237 34.70 27.92 -8.33
N LEU B 238 35.86 28.41 -7.89
CA LEU B 238 36.20 28.42 -6.47
C LEU B 238 35.24 29.16 -5.59
N ASP B 239 34.53 30.12 -6.17
CA ASP B 239 33.57 30.89 -5.39
C ASP B 239 32.43 30.03 -4.88
N HIS B 240 32.16 28.93 -5.58
CA HIS B 240 31.08 28.05 -5.21
C HIS B 240 31.55 26.70 -4.72
N GLY B 241 32.86 26.58 -4.49
CA GLY B 241 33.40 25.32 -4.02
C GLY B 241 33.92 24.43 -5.14
N GLY B 242 33.56 24.70 -6.39
CA GLY B 242 34.04 23.86 -7.47
C GLY B 242 33.02 23.72 -8.58
N ALA B 243 33.14 22.66 -9.37
CA ALA B 243 32.21 22.45 -10.47
C ALA B 243 30.76 22.21 -10.02
N ILE B 244 30.57 21.45 -8.95
CA ILE B 244 29.22 21.20 -8.49
C ILE B 244 28.86 22.15 -7.36
N ARG B 245 27.82 22.94 -7.59
CA ARG B 245 27.38 23.88 -6.58
C ARG B 245 26.35 23.20 -5.69
N LEU B 246 26.26 23.65 -4.44
CA LEU B 246 25.33 23.09 -3.47
C LEU B 246 24.08 23.96 -3.38
N GLY B 247 22.93 23.36 -3.64
CA GLY B 247 21.67 24.09 -3.59
C GLY B 247 20.48 23.42 -4.26
N ASN B 248 19.35 24.13 -4.25
CA ASN B 248 18.10 23.67 -4.81
C ASN B 248 17.79 24.22 -6.21
N THR B 249 17.71 23.32 -7.19
CA THR B 249 17.42 23.71 -8.56
C THR B 249 16.05 24.34 -8.67
N LEU B 250 15.15 23.95 -7.77
CA LEU B 250 13.80 24.50 -7.76
C LEU B 250 13.70 25.70 -6.80
N GLY B 251 14.85 26.18 -6.35
CA GLY B 251 14.88 27.32 -5.45
C GLY B 251 15.63 28.49 -6.04
N SER B 252 16.20 29.31 -5.15
CA SER B 252 16.93 30.49 -5.56
C SER B 252 18.18 30.10 -6.33
N ASP B 253 18.82 29.04 -5.88
CA ASP B 253 20.04 28.56 -6.52
C ASP B 253 19.83 28.18 -7.95
N GLY B 254 18.66 27.64 -8.23
CA GLY B 254 18.34 27.24 -9.58
C GLY B 254 18.36 28.39 -10.55
N GLU B 255 17.72 29.51 -10.23
CA GLU B 255 17.73 30.63 -11.15
C GLU B 255 19.01 31.43 -11.14
N ASN B 256 19.84 31.21 -10.13
CA ASN B 256 21.12 31.90 -10.04
C ASN B 256 22.18 31.14 -10.82
N LEU B 257 21.78 30.02 -11.40
CA LEU B 257 22.70 29.20 -12.15
C LEU B 257 22.92 29.82 -13.52
N PRO B 258 24.15 29.77 -14.05
CA PRO B 258 24.41 30.36 -15.38
C PRO B 258 23.83 29.56 -16.53
N LYS B 259 23.43 30.24 -17.60
CA LYS B 259 22.86 29.59 -18.79
C LYS B 259 23.82 28.52 -19.30
N ALA B 260 23.37 27.70 -20.24
CA ALA B 260 24.20 26.63 -20.77
C ALA B 260 23.96 26.31 -22.22
N HIS B 261 24.97 25.78 -22.91
CA HIS B 261 24.82 25.41 -24.32
C HIS B 261 24.23 24.00 -24.43
N ILE B 262 24.58 23.17 -23.46
CA ILE B 262 24.16 21.78 -23.40
C ILE B 262 23.66 21.39 -22.00
N VAL B 263 22.66 20.52 -21.92
CA VAL B 263 22.16 20.06 -20.63
C VAL B 263 21.90 18.56 -20.72
N ALA B 264 22.58 17.77 -19.89
CA ALA B 264 22.38 16.32 -19.87
C ALA B 264 22.13 16.02 -18.42
N THR B 265 20.95 15.50 -18.11
CA THR B 265 20.63 15.29 -16.72
C THR B 265 19.59 14.17 -16.53
N ASN B 266 19.57 13.60 -15.33
CA ASN B 266 18.63 12.55 -14.97
C ASN B 266 18.06 13.03 -13.64
N PRO B 267 17.09 13.98 -13.66
CA PRO B 267 16.53 14.47 -12.41
C PRO B 267 15.86 13.39 -11.58
N PRO B 268 15.66 13.64 -10.26
CA PRO B 268 15.03 12.69 -9.35
C PRO B 268 13.63 12.26 -9.73
N PHE B 269 13.32 11.01 -9.40
CA PHE B 269 12.02 10.43 -9.67
C PHE B 269 11.17 10.56 -8.41
N GLY B 270 9.87 10.33 -8.57
CA GLY B 270 8.94 10.41 -7.46
C GLY B 270 8.69 11.84 -7.02
N SER B 271 8.47 12.04 -5.74
CA SER B 271 8.20 13.39 -5.24
C SER B 271 9.50 14.06 -4.77
N ALA B 272 10.62 13.38 -5.00
CA ALA B 272 11.96 13.87 -4.63
C ALA B 272 12.17 14.08 -3.10
N ALA B 273 13.38 14.50 -2.72
CA ALA B 273 13.69 14.74 -1.31
C ALA B 273 13.16 16.10 -0.87
N GLY B 274 13.74 16.64 0.21
CA GLY B 274 13.30 17.93 0.72
C GLY B 274 13.64 19.08 -0.21
N THR B 275 12.84 19.23 -1.26
CA THR B 275 13.03 20.30 -2.23
C THR B 275 11.76 21.13 -2.41
N ASN B 276 11.67 22.21 -1.65
CA ASN B 276 10.53 23.11 -1.73
C ASN B 276 10.64 23.99 -2.97
N ILE B 277 9.56 24.06 -3.73
CA ILE B 277 9.54 24.85 -4.96
C ILE B 277 9.27 26.31 -4.65
N THR B 278 10.28 27.00 -4.12
CA THR B 278 10.15 28.40 -3.78
C THR B 278 10.61 29.29 -4.92
N ARG B 279 10.24 28.94 -6.14
CA ARG B 279 10.64 29.70 -7.31
C ARG B 279 9.46 29.75 -8.26
N THR B 280 9.25 30.88 -8.91
CA THR B 280 8.11 30.95 -9.80
C THR B 280 8.50 30.51 -11.21
N PHE B 281 7.62 29.72 -11.82
CA PHE B 281 7.87 29.25 -13.18
C PHE B 281 6.76 29.71 -14.10
N VAL B 282 6.99 29.58 -15.40
CA VAL B 282 6.00 30.00 -16.37
C VAL B 282 4.66 29.30 -16.11
N HIS B 283 4.72 28.12 -15.52
CA HIS B 283 3.51 27.35 -15.19
C HIS B 283 3.72 26.63 -13.87
N PRO B 284 3.39 27.31 -12.75
CA PRO B 284 3.54 26.74 -11.40
C PRO B 284 2.97 25.33 -11.31
N THR B 285 3.74 24.40 -10.76
CA THR B 285 3.29 23.02 -10.65
C THR B 285 3.64 22.44 -9.29
N SER B 286 3.14 21.23 -9.02
CA SER B 286 3.41 20.58 -7.75
C SER B 286 4.42 19.51 -8.01
N ASN B 287 4.42 19.03 -9.23
CA ASN B 287 5.31 17.97 -9.62
C ASN B 287 6.74 18.48 -9.69
N LYS B 288 7.66 17.72 -9.12
CA LYS B 288 9.07 18.12 -9.10
C LYS B 288 9.75 17.95 -10.45
N GLN B 289 9.36 16.93 -11.20
CA GLN B 289 9.98 16.68 -12.49
C GLN B 289 9.62 17.73 -13.53
N LEU B 290 8.36 18.14 -13.57
CA LEU B 290 7.93 19.16 -14.52
C LEU B 290 8.55 20.53 -14.18
N CYS B 291 9.05 20.66 -12.96
CA CYS B 291 9.70 21.91 -12.55
C CYS B 291 11.08 21.90 -13.13
N PHE B 292 11.73 20.76 -13.05
CA PHE B 292 13.05 20.64 -13.61
C PHE B 292 13.01 20.95 -15.10
N MET B 293 11.98 20.45 -15.76
CA MET B 293 11.84 20.69 -17.18
C MET B 293 11.79 22.20 -17.46
N GLN B 294 11.02 22.93 -16.65
CA GLN B 294 10.90 24.35 -16.84
C GLN B 294 12.23 25.05 -16.63
N HIS B 295 13.02 24.57 -15.67
CA HIS B 295 14.34 25.13 -15.41
C HIS B 295 15.25 24.88 -16.61
N ILE B 296 15.28 23.63 -17.06
CA ILE B 296 16.11 23.25 -18.19
C ILE B 296 15.79 24.07 -19.45
N ILE B 297 14.51 24.36 -19.66
CA ILE B 297 14.12 25.16 -20.82
C ILE B 297 14.64 26.59 -20.71
N GLU B 298 14.66 27.09 -19.48
CA GLU B 298 15.10 28.44 -19.13
C GLU B 298 16.61 28.69 -19.25
N THR B 299 17.44 27.83 -18.65
CA THR B 299 18.89 28.02 -18.69
C THR B 299 19.55 27.83 -20.04
N LEU B 300 18.89 27.10 -20.93
CA LEU B 300 19.50 26.87 -22.22
C LEU B 300 19.65 28.13 -23.06
N HIS B 301 20.84 28.35 -23.59
CA HIS B 301 21.07 29.49 -24.47
C HIS B 301 20.24 29.22 -25.71
N PRO B 302 19.99 30.25 -26.52
CA PRO B 302 19.21 30.03 -27.73
C PRO B 302 20.04 29.07 -28.59
N GLY B 303 19.41 28.03 -29.12
CA GLY B 303 20.15 27.09 -29.92
C GLY B 303 20.73 25.97 -29.06
N GLY B 304 20.53 26.07 -27.75
CA GLY B 304 21.03 25.05 -26.85
C GLY B 304 20.38 23.70 -27.13
N ARG B 305 20.97 22.66 -26.57
CA ARG B 305 20.45 21.32 -26.75
C ARG B 305 20.51 20.54 -25.45
N ALA B 306 19.58 19.63 -25.28
CA ALA B 306 19.53 18.86 -24.06
C ALA B 306 19.00 17.46 -24.28
N ALA B 307 19.25 16.61 -23.29
CA ALA B 307 18.82 15.21 -23.24
C ALA B 307 18.43 15.05 -21.78
N VAL B 308 17.15 14.82 -21.54
CA VAL B 308 16.67 14.69 -20.17
C VAL B 308 15.93 13.38 -19.90
N VAL B 309 16.41 12.65 -18.90
CA VAL B 309 15.80 11.40 -18.50
C VAL B 309 14.58 11.72 -17.67
N VAL B 310 13.41 11.28 -18.11
CA VAL B 310 12.19 11.56 -17.38
C VAL B 310 11.26 10.34 -17.20
N PRO B 311 10.33 10.42 -16.23
CA PRO B 311 9.35 9.35 -15.94
C PRO B 311 8.15 9.47 -16.87
N ASP B 312 7.40 8.40 -17.04
CA ASP B 312 6.24 8.44 -17.90
C ASP B 312 5.22 9.51 -17.48
N ASN B 313 5.13 9.81 -16.19
CA ASN B 313 4.17 10.80 -15.68
C ASN B 313 4.21 12.14 -16.42
N VAL B 314 5.42 12.68 -16.60
CA VAL B 314 5.66 13.94 -17.29
C VAL B 314 5.00 13.95 -18.67
N LEU B 315 4.93 12.77 -19.28
CA LEU B 315 4.34 12.65 -20.60
C LEU B 315 2.83 12.58 -20.60
N PHE B 316 2.25 11.89 -19.62
CA PHE B 316 0.79 11.74 -19.58
C PHE B 316 0.02 12.44 -18.46
N GLU B 317 0.69 13.29 -17.68
CA GLU B 317 0.03 13.99 -16.59
C GLU B 317 -0.87 15.11 -17.09
N GLY B 318 -2.06 15.24 -16.51
CA GLY B 318 -2.96 16.30 -16.92
C GLY B 318 -2.89 17.50 -16.00
N GLY B 319 -3.94 18.31 -16.01
CA GLY B 319 -3.95 19.51 -15.15
C GLY B 319 -3.00 20.58 -15.63
N LYS B 320 -1.78 20.60 -15.11
CA LYS B 320 -0.83 21.60 -15.53
C LYS B 320 0.22 20.92 -16.39
N GLY B 321 0.23 19.59 -16.36
CA GLY B 321 1.20 18.83 -17.14
C GLY B 321 1.05 19.06 -18.63
N THR B 322 -0.18 19.30 -19.06
CA THR B 322 -0.45 19.55 -20.46
C THR B 322 0.07 20.93 -20.88
N ASP B 323 -0.05 21.90 -19.97
CA ASP B 323 0.41 23.26 -20.23
C ASP B 323 1.92 23.30 -20.38
N ILE B 324 2.63 22.60 -19.49
CA ILE B 324 4.08 22.58 -19.51
C ILE B 324 4.62 21.82 -20.72
N ARG B 325 3.88 20.83 -21.17
CA ARG B 325 4.30 20.03 -22.31
C ARG B 325 4.12 20.84 -23.58
N ARG B 326 3.10 21.69 -23.58
CA ARG B 326 2.84 22.56 -24.72
C ARG B 326 3.87 23.68 -24.73
N ASP B 327 4.32 24.06 -23.54
CA ASP B 327 5.29 25.11 -23.38
C ASP B 327 6.63 24.59 -23.90
N LEU B 328 6.94 23.35 -23.55
CA LEU B 328 8.17 22.74 -24.01
C LEU B 328 8.23 22.67 -25.53
N MET B 329 7.17 22.17 -26.15
CA MET B 329 7.13 22.06 -27.61
C MET B 329 6.98 23.42 -28.29
N ASP B 330 6.77 24.47 -27.51
CA ASP B 330 6.67 25.78 -28.09
C ASP B 330 8.05 26.41 -28.07
N LYS B 331 8.63 26.49 -26.87
CA LYS B 331 9.94 27.09 -26.66
C LYS B 331 11.13 26.24 -27.10
N CYS B 332 10.90 24.95 -27.27
CA CYS B 332 11.93 24.01 -27.68
C CYS B 332 11.50 23.18 -28.86
N HIS B 333 12.50 22.61 -29.51
CA HIS B 333 12.28 21.76 -30.65
C HIS B 333 12.54 20.32 -30.20
N LEU B 334 11.51 19.69 -29.63
CA LEU B 334 11.61 18.32 -29.17
C LEU B 334 11.63 17.49 -30.43
N HIS B 335 12.69 16.74 -30.66
CA HIS B 335 12.77 15.95 -31.87
C HIS B 335 12.82 14.46 -31.66
N THR B 336 13.29 14.02 -30.50
CA THR B 336 13.41 12.59 -30.27
C THR B 336 12.99 12.14 -28.87
N ILE B 337 12.29 11.01 -28.81
CA ILE B 337 11.88 10.46 -27.54
C ILE B 337 12.25 8.99 -27.49
N LEU B 338 13.06 8.62 -26.50
CA LEU B 338 13.50 7.25 -26.33
C LEU B 338 12.77 6.65 -25.12
N ARG B 339 11.98 5.61 -25.36
CA ARG B 339 11.23 4.96 -24.29
C ARG B 339 12.08 3.79 -23.80
N LEU B 340 12.65 3.96 -22.61
CA LEU B 340 13.52 2.95 -22.02
C LEU B 340 12.83 1.69 -21.53
N PRO B 341 13.58 0.58 -21.41
CA PRO B 341 13.02 -0.70 -20.94
C PRO B 341 12.75 -0.60 -19.46
N THR B 342 12.41 -1.73 -18.85
CA THR B 342 12.18 -1.75 -17.41
C THR B 342 13.19 -2.67 -16.75
N GLY B 343 13.50 -2.38 -15.49
CA GLY B 343 14.46 -3.17 -14.76
C GLY B 343 15.92 -2.82 -15.01
N ILE B 344 16.16 -1.64 -15.57
CA ILE B 344 17.52 -1.20 -15.84
C ILE B 344 17.94 -0.26 -14.72
N PHE B 345 16.97 0.15 -13.90
CA PHE B 345 17.23 1.03 -12.78
C PHE B 345 17.18 0.25 -11.48
N TYR B 346 17.99 0.67 -10.52
CA TYR B 346 18.02 0.02 -9.21
C TYR B 346 16.61 -0.08 -8.64
N ALA B 347 15.71 0.80 -9.12
CA ALA B 347 14.33 0.78 -8.69
C ALA B 347 13.75 -0.48 -9.36
N GLN B 348 12.64 -0.36 -10.07
CA GLN B 348 12.08 -1.54 -10.73
C GLN B 348 10.78 -1.23 -11.49
N GLY B 349 9.72 -0.98 -10.73
CA GLY B 349 8.43 -0.69 -11.33
C GLY B 349 8.31 0.75 -11.80
N VAL B 350 9.23 1.16 -12.66
CA VAL B 350 9.21 2.51 -13.19
C VAL B 350 9.34 2.49 -14.70
N LYS B 351 8.91 3.58 -15.32
CA LYS B 351 8.99 3.71 -16.76
C LYS B 351 9.71 5.01 -17.05
N THR B 352 10.81 4.93 -17.78
CA THR B 352 11.59 6.13 -18.06
C THR B 352 11.83 6.39 -19.54
N ASN B 353 12.04 7.66 -19.86
CA ASN B 353 12.30 8.03 -21.24
C ASN B 353 13.44 9.05 -21.27
N VAL B 354 13.85 9.41 -22.46
CA VAL B 354 14.89 10.41 -22.66
C VAL B 354 14.40 11.36 -23.73
N LEU B 355 14.19 12.63 -23.39
CA LEU B 355 13.73 13.61 -24.37
C LEU B 355 14.94 14.33 -24.91
N PHE B 356 14.97 14.50 -26.24
CA PHE B 356 16.06 15.21 -26.89
C PHE B 356 15.44 16.41 -27.58
N PHE B 357 15.95 17.60 -27.29
CA PHE B 357 15.40 18.80 -27.88
C PHE B 357 16.37 19.95 -27.90
N THR B 358 16.04 20.94 -28.73
CA THR B 358 16.85 22.14 -28.91
C THR B 358 16.08 23.39 -28.44
N LYS B 359 16.78 24.34 -27.84
CA LYS B 359 16.17 25.59 -27.39
C LYS B 359 15.95 26.42 -28.67
N GLY B 360 14.69 26.64 -29.06
CA GLY B 360 14.43 27.37 -30.28
C GLY B 360 14.76 26.42 -31.42
N THR B 361 15.20 26.93 -32.56
CA THR B 361 15.55 26.03 -33.65
C THR B 361 16.93 26.43 -34.18
N VAL B 362 17.62 25.50 -34.83
CA VAL B 362 18.92 25.80 -35.37
C VAL B 362 18.84 27.01 -36.29
N ALA B 363 17.81 27.07 -37.12
CA ALA B 363 17.66 28.20 -38.03
C ALA B 363 17.33 29.50 -37.31
N ASN B 364 16.46 29.41 -36.29
CA ASN B 364 16.04 30.57 -35.53
C ASN B 364 16.17 30.29 -34.05
N PRO B 365 17.39 30.47 -33.52
CA PRO B 365 17.75 30.25 -32.13
C PRO B 365 16.86 30.98 -31.14
N ASN B 366 16.09 31.95 -31.60
CA ASN B 366 15.27 32.69 -30.65
C ASN B 366 13.79 32.50 -30.79
N GLN B 367 13.38 31.63 -31.71
CA GLN B 367 11.97 31.37 -31.93
C GLN B 367 11.25 31.04 -30.61
N ASP B 368 10.13 31.69 -30.41
CA ASP B 368 9.32 31.55 -29.21
C ASP B 368 8.17 30.56 -29.31
N LYS B 369 7.75 30.28 -30.53
CA LYS B 369 6.63 29.41 -30.74
C LYS B 369 6.76 28.46 -31.93
N ASN B 370 5.91 27.45 -31.92
CA ASN B 370 5.88 26.45 -32.98
C ASN B 370 7.22 25.87 -33.36
N CYS B 371 8.12 25.74 -32.40
CA CYS B 371 9.43 25.20 -32.67
C CYS B 371 9.42 23.73 -33.02
N THR B 372 8.53 23.00 -32.38
CA THR B 372 8.43 21.58 -32.63
C THR B 372 7.52 21.32 -33.80
N ASP B 373 7.96 20.43 -34.69
CA ASP B 373 7.17 20.04 -35.85
C ASP B 373 7.02 18.51 -35.90
N ASP B 374 8.10 17.80 -36.11
CA ASP B 374 8.04 16.35 -36.15
C ASP B 374 8.77 15.75 -34.97
N VAL B 375 8.10 14.83 -34.29
CA VAL B 375 8.73 14.17 -33.14
C VAL B 375 8.96 12.70 -33.46
N TRP B 376 10.22 12.28 -33.34
CA TRP B 376 10.59 10.89 -33.57
C TRP B 376 10.65 10.14 -32.25
N VAL B 377 10.02 8.97 -32.22
CA VAL B 377 9.98 8.16 -31.01
C VAL B 377 10.62 6.80 -31.27
N TYR B 378 11.43 6.33 -30.33
CA TYR B 378 12.07 5.02 -30.47
C TYR B 378 11.66 4.12 -29.33
N ASP B 379 10.86 3.10 -29.63
CA ASP B 379 10.40 2.17 -28.61
C ASP B 379 11.46 1.14 -28.29
N LEU B 380 12.18 1.33 -27.19
CA LEU B 380 13.19 0.37 -26.81
C LEU B 380 12.72 -0.30 -25.50
N ARG B 381 11.41 -0.29 -25.25
CA ARG B 381 10.84 -0.85 -24.04
C ARG B 381 9.96 -2.09 -24.23
N THR B 382 8.88 -1.94 -25.00
CA THR B 382 7.97 -3.06 -25.19
C THR B 382 8.64 -4.22 -25.90
N ASN B 383 8.38 -5.43 -25.39
CA ASN B 383 8.92 -6.65 -25.95
C ASN B 383 10.45 -6.67 -25.91
N MET B 384 11.01 -6.37 -24.76
CA MET B 384 12.45 -6.34 -24.58
C MET B 384 12.84 -7.41 -23.57
N PRO B 385 14.09 -7.87 -23.64
CA PRO B 385 14.61 -8.90 -22.73
C PRO B 385 14.65 -8.41 -21.29
N SER B 386 13.94 -9.11 -20.40
CA SER B 386 13.91 -8.74 -18.96
C SER B 386 15.31 -8.50 -18.38
N PHE B 387 15.72 -7.23 -18.31
CA PHE B 387 17.05 -6.90 -17.81
C PHE B 387 17.25 -7.14 -16.30
N GLY B 388 18.47 -7.51 -15.94
CA GLY B 388 18.79 -7.76 -14.55
C GLY B 388 20.26 -8.13 -14.48
N LYS B 389 20.73 -8.57 -13.31
CA LYS B 389 22.14 -8.96 -13.16
C LYS B 389 22.40 -10.13 -14.10
N ARG B 390 21.33 -10.83 -14.44
CA ARG B 390 21.43 -11.98 -15.35
C ARG B 390 21.48 -11.45 -16.77
N THR B 391 20.52 -10.59 -17.10
CA THR B 391 20.43 -9.97 -18.43
C THR B 391 20.80 -8.49 -18.27
N PRO B 392 22.11 -8.18 -18.38
CA PRO B 392 22.64 -6.82 -18.25
C PRO B 392 22.32 -5.92 -19.44
N PHE B 393 22.11 -4.64 -19.14
CA PHE B 393 21.80 -3.63 -20.16
C PHE B 393 23.13 -3.07 -20.61
N THR B 394 23.51 -3.30 -21.87
CA THR B 394 24.79 -2.82 -22.39
C THR B 394 24.65 -1.78 -23.50
N ASP B 395 25.79 -1.31 -23.98
CA ASP B 395 25.82 -0.33 -25.05
C ASP B 395 25.26 -0.92 -26.31
N GLU B 396 25.32 -2.24 -26.42
CA GLU B 396 24.81 -2.93 -27.58
C GLU B 396 23.31 -2.67 -27.79
N HIS B 397 22.58 -2.56 -26.69
CA HIS B 397 21.15 -2.33 -26.76
C HIS B 397 20.79 -0.93 -27.27
N LEU B 398 21.75 -0.01 -27.18
CA LEU B 398 21.52 1.36 -27.59
C LEU B 398 22.08 1.71 -28.98
N GLN B 399 22.94 0.87 -29.54
CA GLN B 399 23.52 1.13 -30.87
C GLN B 399 22.49 1.32 -32.01
N PRO B 400 21.43 0.50 -32.05
CA PRO B 400 20.45 0.67 -33.13
C PRO B 400 19.83 2.05 -33.09
N PHE B 401 19.42 2.46 -31.89
CA PHE B 401 18.80 3.76 -31.71
C PHE B 401 19.77 4.87 -32.08
N GLU B 402 21.00 4.79 -31.62
CA GLU B 402 21.93 5.83 -31.95
C GLU B 402 22.24 5.87 -33.45
N ARG B 403 22.10 4.74 -34.14
CA ARG B 403 22.33 4.73 -35.58
C ARG B 403 21.25 5.53 -36.30
N VAL B 404 19.99 5.18 -36.10
CA VAL B 404 18.90 5.88 -36.75
C VAL B 404 18.83 7.34 -36.32
N TYR B 405 19.21 7.63 -35.09
CA TYR B 405 19.21 8.99 -34.55
C TYR B 405 19.89 10.01 -35.46
N GLY B 406 21.06 9.65 -35.97
CA GLY B 406 21.81 10.53 -36.85
C GLY B 406 23.07 11.01 -36.17
N GLU B 407 23.97 11.65 -36.92
CA GLU B 407 25.22 12.12 -36.34
C GLU B 407 25.16 13.59 -35.94
N ASP B 408 24.06 14.25 -36.30
CA ASP B 408 23.87 15.63 -35.98
C ASP B 408 23.29 15.72 -34.58
N PRO B 409 23.97 16.47 -33.69
CA PRO B 409 23.56 16.67 -32.29
C PRO B 409 22.22 17.39 -32.13
N HIS B 410 21.72 17.98 -33.20
CA HIS B 410 20.44 18.67 -33.15
C HIS B 410 19.35 17.82 -33.77
N GLY B 411 19.66 16.56 -34.03
CA GLY B 411 18.69 15.66 -34.61
C GLY B 411 18.17 16.13 -35.96
N LEU B 412 19.07 16.70 -36.75
CA LEU B 412 18.70 17.18 -38.06
C LEU B 412 19.24 16.28 -39.17
N SER B 413 19.93 15.22 -38.79
CA SER B 413 20.44 14.29 -39.79
C SER B 413 19.23 13.63 -40.46
N PRO B 414 19.34 13.30 -41.75
CA PRO B 414 18.20 12.66 -42.43
C PRO B 414 17.74 11.39 -41.70
N ARG B 415 16.42 11.26 -41.54
CA ARG B 415 15.81 10.12 -40.86
C ARG B 415 14.66 9.54 -41.68
N THR B 416 14.48 8.23 -41.55
CA THR B 416 13.41 7.53 -42.27
C THR B 416 12.86 6.45 -41.35
N GLU B 417 11.56 6.47 -41.11
CA GLU B 417 10.95 5.48 -40.24
C GLU B 417 11.37 4.09 -40.69
N GLY B 418 11.57 3.20 -39.72
CA GLY B 418 11.97 1.86 -40.09
C GLY B 418 13.14 1.29 -39.31
N GLU B 419 12.84 0.58 -38.25
CA GLU B 419 13.87 -0.04 -37.44
C GLU B 419 13.21 -1.20 -36.71
N TRP B 420 13.65 -2.41 -37.03
CA TRP B 420 13.05 -3.60 -36.44
C TRP B 420 14.01 -4.48 -35.66
N SER B 421 14.66 -3.91 -34.66
CA SER B 421 15.59 -4.68 -33.85
C SER B 421 14.86 -5.41 -32.74
N PHE B 422 15.62 -6.12 -31.91
CA PHE B 422 15.06 -6.88 -30.79
C PHE B 422 13.70 -7.50 -31.07
N ASN B 423 13.61 -8.22 -32.19
CA ASN B 423 12.39 -8.89 -32.60
C ASN B 423 11.19 -7.97 -32.65
N ALA B 424 11.35 -6.88 -33.37
CA ALA B 424 10.28 -5.91 -33.50
C ALA B 424 9.16 -6.48 -34.37
N GLU B 425 9.54 -7.32 -35.33
CA GLU B 425 8.59 -7.92 -36.26
C GLU B 425 7.68 -8.95 -35.61
N GLU B 426 8.14 -9.52 -34.50
CA GLU B 426 7.37 -10.54 -33.78
C GLU B 426 6.61 -9.94 -32.61
N THR B 427 6.58 -8.62 -32.52
CA THR B 427 5.88 -7.95 -31.43
C THR B 427 4.44 -7.66 -31.84
N GLU B 428 3.53 -7.76 -30.87
CA GLU B 428 2.13 -7.50 -31.12
C GLU B 428 1.87 -6.00 -31.33
N VAL B 429 1.18 -5.66 -32.41
CA VAL B 429 0.87 -4.28 -32.75
C VAL B 429 -0.42 -3.84 -32.03
N ALA B 430 -0.39 -2.66 -31.42
CA ALA B 430 -1.57 -2.14 -30.72
C ALA B 430 -2.50 -1.42 -31.68
N ASP B 431 -3.79 -1.46 -31.36
CA ASP B 431 -4.79 -0.80 -32.18
C ASP B 431 -5.10 0.55 -31.55
N SER B 432 -4.45 1.59 -32.04
CA SER B 432 -4.64 2.94 -31.52
C SER B 432 -4.36 3.98 -32.60
N GLU B 433 -4.69 5.23 -32.30
CA GLU B 433 -4.49 6.30 -33.26
C GLU B 433 -3.10 6.25 -33.91
N GLU B 434 -2.10 5.88 -33.14
CA GLU B 434 -0.75 5.83 -33.67
C GLU B 434 -0.63 4.92 -34.88
N ASN B 435 -1.28 3.75 -34.83
CA ASN B 435 -1.22 2.81 -35.93
C ASN B 435 -2.34 2.94 -36.96
N LYS B 436 -3.11 4.01 -36.85
CA LYS B 436 -4.20 4.23 -37.78
C LYS B 436 -3.65 4.52 -39.19
N ASN B 437 -4.17 3.82 -40.19
CA ASN B 437 -3.75 4.01 -41.57
C ASN B 437 -2.27 3.69 -41.76
N THR B 438 -1.75 2.79 -40.92
CA THR B 438 -0.35 2.40 -40.98
C THR B 438 -0.19 0.97 -41.51
N ASP B 439 0.69 0.77 -42.47
CA ASP B 439 0.92 -0.55 -43.03
C ASP B 439 1.59 -1.50 -42.08
N GLN B 440 1.37 -2.78 -42.32
CA GLN B 440 1.91 -3.86 -41.50
C GLN B 440 3.37 -3.70 -41.08
N HIS B 441 4.23 -3.35 -42.03
CA HIS B 441 5.66 -3.21 -41.75
C HIS B 441 6.00 -2.10 -40.77
N LEU B 442 5.43 -0.92 -41.00
CA LEU B 442 5.70 0.23 -40.14
C LEU B 442 5.13 0.07 -38.73
N ALA B 443 3.94 -0.49 -38.63
CA ALA B 443 3.29 -0.68 -37.34
C ALA B 443 4.09 -1.57 -36.40
N THR B 444 5.17 -2.15 -36.89
CA THR B 444 5.97 -3.01 -36.03
C THR B 444 7.35 -2.43 -35.82
N SER B 445 7.59 -1.27 -36.42
CA SER B 445 8.89 -0.60 -36.31
C SER B 445 9.05 0.06 -34.95
N ARG B 446 10.26 0.02 -34.42
CA ARG B 446 10.54 0.64 -33.12
C ARG B 446 10.85 2.12 -33.34
N TRP B 447 11.04 2.51 -34.60
CA TRP B 447 11.37 3.88 -34.98
C TRP B 447 10.26 4.47 -35.85
N ARG B 448 9.53 5.43 -35.27
CA ARG B 448 8.42 6.09 -35.97
C ARG B 448 8.32 7.58 -35.66
N LYS B 449 7.82 8.37 -36.61
CA LYS B 449 7.68 9.81 -36.44
C LYS B 449 6.21 10.22 -36.34
N PHE B 450 5.96 11.28 -35.58
CA PHE B 450 4.61 11.78 -35.40
C PHE B 450 4.61 13.32 -35.53
N SER B 451 3.62 13.83 -36.25
CA SER B 451 3.54 15.28 -36.45
C SER B 451 3.01 16.05 -35.24
N ARG B 452 3.30 17.34 -35.21
CA ARG B 452 2.85 18.19 -34.14
C ARG B 452 1.32 18.27 -34.12
N GLU B 453 0.73 18.41 -35.30
CA GLU B 453 -0.70 18.49 -35.40
C GLU B 453 -1.33 17.20 -34.93
N TRP B 454 -0.67 16.08 -35.21
CA TRP B 454 -1.22 14.79 -34.78
C TRP B 454 -1.19 14.73 -33.27
N ILE B 455 -0.04 15.03 -32.66
CA ILE B 455 0.07 15.01 -31.21
C ILE B 455 -0.98 15.94 -30.60
N ARG B 456 -1.20 17.09 -31.23
CA ARG B 456 -2.18 18.05 -30.74
C ARG B 456 -3.59 17.47 -30.77
N THR B 457 -3.99 16.97 -31.93
CA THR B 457 -5.30 16.38 -32.15
C THR B 457 -5.54 15.04 -31.50
N ALA B 458 -4.99 14.00 -32.10
CA ALA B 458 -5.13 12.64 -31.60
C ALA B 458 -4.74 12.52 -30.16
N LYS B 459 -3.51 12.90 -29.85
CA LYS B 459 -3.00 12.79 -28.49
C LYS B 459 -3.35 13.88 -27.52
N SER B 460 -4.05 14.90 -27.97
CA SER B 460 -4.45 15.99 -27.08
C SER B 460 -3.21 16.50 -26.34
N ASP B 461 -2.13 16.66 -27.08
CA ASP B 461 -0.88 17.14 -26.52
C ASP B 461 -0.33 16.31 -25.39
N SER B 462 -0.20 15.02 -25.65
CA SER B 462 0.37 14.08 -24.71
C SER B 462 1.50 13.41 -25.46
N LEU B 463 2.63 13.25 -24.80
CA LEU B 463 3.76 12.63 -25.44
C LEU B 463 3.94 11.16 -25.04
N ASP B 464 2.91 10.59 -24.44
CA ASP B 464 2.95 9.20 -24.04
C ASP B 464 2.54 8.40 -25.27
N ILE B 465 3.37 8.47 -26.30
CA ILE B 465 3.13 7.82 -27.57
C ILE B 465 3.63 6.38 -27.60
N SER B 466 2.73 5.46 -27.88
CA SER B 466 3.05 4.04 -27.92
C SER B 466 2.21 3.35 -28.98
N TRP B 467 2.80 2.41 -29.71
CA TRP B 467 2.06 1.71 -30.75
C TRP B 467 2.42 0.23 -30.80
N LEU B 468 3.44 -0.82 -29.77
CA LEU B 468 3.56 -2.26 -29.81
C LEU B 468 3.17 -2.98 -28.55
N LYS B 469 2.36 -4.05 -28.72
CA LYS B 469 1.97 -4.98 -27.68
C LYS B 469 3.07 -5.95 -27.36
N ASP B 470 3.77 -6.49 -28.39
CA ASP B 470 4.78 -7.51 -28.21
C ASP B 470 4.23 -8.58 -27.32
N LYS B 471 3.09 -9.17 -27.72
CA LYS B 471 2.44 -10.18 -26.93
C LYS B 471 3.37 -11.35 -26.82
N ASP B 472 3.37 -12.02 -25.67
CA ASP B 472 4.24 -13.16 -25.52
C ASP B 472 3.43 -14.38 -25.79
N SER B 473 3.35 -14.79 -27.06
CA SER B 473 2.62 -15.98 -27.38
C SER B 473 3.22 -16.54 -28.62
N ILE B 474 3.01 -17.85 -28.88
CA ILE B 474 3.53 -18.41 -30.10
C ILE B 474 2.36 -18.74 -30.97
N ASP B 475 2.26 -18.06 -32.12
CA ASP B 475 1.17 -18.28 -33.00
C ASP B 475 1.74 -18.33 -34.38
N ALA B 476 1.14 -19.12 -35.29
CA ALA B 476 1.65 -19.17 -36.63
C ALA B 476 1.47 -17.80 -37.19
N ASP B 477 2.41 -17.38 -38.06
CA ASP B 477 2.34 -16.06 -38.60
C ASP B 477 1.85 -16.13 -40.03
N SER B 478 0.56 -16.43 -40.22
CA SER B 478 0.06 -16.45 -41.56
C SER B 478 -1.09 -15.48 -41.60
N LEU B 479 -0.97 -14.39 -42.37
CA LEU B 479 -2.07 -13.48 -42.42
C LEU B 479 -2.04 -12.75 -43.72
N PRO B 480 -3.19 -12.23 -44.07
CA PRO B 480 -3.30 -11.43 -45.25
C PRO B 480 -2.69 -10.09 -44.97
N GLU B 481 -2.26 -9.35 -46.02
CA GLU B 481 -1.67 -8.06 -45.80
C GLU B 481 -2.69 -7.13 -45.22
N PRO B 482 -3.89 -7.13 -45.72
CA PRO B 482 -4.87 -6.24 -45.20
C PRO B 482 -5.20 -6.56 -43.79
N ASP B 483 -5.10 -7.84 -43.40
CA ASP B 483 -5.40 -8.22 -42.06
C ASP B 483 -4.39 -7.61 -41.14
N VAL B 484 -3.11 -7.69 -41.55
CA VAL B 484 -2.03 -7.21 -40.74
C VAL B 484 -2.15 -5.72 -40.61
N LEU B 485 -2.56 -5.04 -41.69
CA LEU B 485 -2.60 -3.61 -41.69
C LEU B 485 -3.53 -3.16 -40.61
N ALA B 486 -4.72 -3.80 -40.50
CA ALA B 486 -5.62 -3.35 -39.48
C ALA B 486 -5.38 -4.19 -38.27
N ALA B 487 -4.88 -3.56 -37.20
CA ALA B 487 -4.57 -4.27 -35.98
C ALA B 487 -5.84 -4.80 -35.40
N GLU B 488 -6.89 -3.97 -35.40
CA GLU B 488 -8.16 -4.31 -34.82
C GLU B 488 -8.78 -5.43 -35.60
N ALA B 489 -8.57 -5.43 -36.92
CA ALA B 489 -9.16 -6.38 -37.81
C ALA B 489 -8.69 -7.74 -37.43
N MET B 490 -7.46 -7.83 -36.89
CA MET B 490 -6.85 -9.10 -36.62
C MET B 490 -7.74 -9.92 -35.74
N GLY B 491 -8.38 -9.31 -34.73
CA GLY B 491 -9.18 -10.11 -33.85
C GLY B 491 -10.26 -10.81 -34.62
N GLU B 492 -10.95 -10.09 -35.53
CA GLU B 492 -12.02 -10.69 -36.25
C GLU B 492 -11.49 -11.74 -37.18
N LEU B 493 -10.41 -11.42 -37.91
CA LEU B 493 -9.88 -12.36 -38.86
C LEU B 493 -9.38 -13.57 -38.15
N VAL B 494 -8.70 -13.38 -37.01
CA VAL B 494 -8.11 -14.48 -36.28
C VAL B 494 -9.19 -15.41 -35.83
N GLN B 495 -10.36 -14.86 -35.49
CA GLN B 495 -11.41 -15.69 -34.96
C GLN B 495 -11.75 -16.73 -35.97
N ALA B 496 -11.77 -16.35 -37.26
CA ALA B 496 -12.10 -17.26 -38.32
C ALA B 496 -11.09 -18.37 -38.35
N LEU B 497 -9.81 -18.04 -38.07
CA LEU B 497 -8.76 -19.01 -38.12
C LEU B 497 -8.98 -20.09 -37.10
N SER B 498 -9.52 -19.73 -35.92
CA SER B 498 -9.68 -20.70 -34.87
C SER B 498 -10.52 -21.83 -35.33
N GLU B 499 -11.65 -21.53 -36.02
CA GLU B 499 -12.55 -22.56 -36.45
C GLU B 499 -11.87 -23.38 -37.50
N LEU B 500 -11.07 -22.73 -38.36
CA LEU B 500 -10.43 -23.38 -39.48
C LEU B 500 -9.52 -24.46 -38.97
N ASP B 501 -8.80 -24.20 -37.87
CA ASP B 501 -7.86 -25.17 -37.36
C ASP B 501 -8.60 -26.42 -36.99
N ALA B 502 -9.79 -26.27 -36.39
CA ALA B 502 -10.52 -27.42 -35.95
C ALA B 502 -10.86 -28.27 -37.13
N LEU B 503 -11.31 -27.65 -38.23
CA LEU B 503 -11.69 -28.37 -39.40
C LEU B 503 -10.50 -29.06 -39.97
N MET B 504 -9.35 -28.36 -39.96
CA MET B 504 -8.14 -28.88 -40.55
C MET B 504 -7.76 -30.14 -39.84
N ARG B 505 -7.95 -30.18 -38.51
CA ARG B 505 -7.54 -31.33 -37.76
C ARG B 505 -8.31 -32.52 -38.24
N GLU B 506 -9.62 -32.36 -38.49
CA GLU B 506 -10.40 -33.47 -38.93
C GLU B 506 -9.89 -33.90 -40.28
N LEU B 507 -9.58 -32.92 -41.14
CA LEU B 507 -9.11 -33.20 -42.47
C LEU B 507 -7.79 -33.90 -42.39
N GLY B 508 -6.91 -33.48 -41.46
CA GLY B 508 -5.63 -34.12 -41.38
C GLY B 508 -4.74 -33.50 -42.41
N ALA B 509 -5.04 -32.24 -42.78
CA ALA B 509 -4.23 -31.58 -43.76
C ALA B 509 -2.85 -31.47 -43.20
N SER B 510 -1.84 -31.54 -44.09
CA SER B 510 -0.47 -31.50 -43.67
C SER B 510 -0.12 -30.09 -43.33
N ASP B 511 0.98 -29.90 -42.58
CA ASP B 511 1.40 -28.59 -42.20
C ASP B 511 2.21 -28.01 -43.31
N GLU B 512 1.53 -27.41 -44.31
CA GLU B 512 2.25 -26.82 -45.39
C GLU B 512 1.63 -25.49 -45.66
N ALA B 513 2.44 -24.55 -46.19
CA ALA B 513 1.99 -23.21 -46.47
C ALA B 513 0.92 -23.27 -47.52
N ASP B 514 1.10 -24.12 -48.54
CA ASP B 514 0.18 -24.17 -49.63
C ASP B 514 -1.17 -24.55 -49.10
N LEU B 515 -1.22 -25.53 -48.17
CA LEU B 515 -2.48 -25.97 -47.66
C LEU B 515 -3.16 -24.84 -46.96
N GLN B 516 -2.39 -24.06 -46.17
CA GLN B 516 -2.98 -22.99 -45.42
C GLN B 516 -3.54 -21.98 -46.36
N ARG B 517 -2.81 -21.69 -47.45
CA ARG B 517 -3.24 -20.67 -48.37
C ARG B 517 -4.54 -21.07 -48.99
N GLN B 518 -4.69 -22.36 -49.35
CA GLN B 518 -5.87 -22.80 -50.02
C GLN B 518 -7.06 -22.57 -49.14
N LEU B 519 -6.96 -22.94 -47.85
CA LEU B 519 -8.06 -22.81 -46.94
C LEU B 519 -8.37 -21.37 -46.73
N LEU B 520 -7.34 -20.54 -46.60
CA LEU B 520 -7.49 -19.13 -46.31
C LEU B 520 -8.22 -18.49 -47.44
N GLU B 521 -8.01 -18.99 -48.66
CA GLU B 521 -8.60 -18.37 -49.81
C GLU B 521 -10.09 -18.34 -49.62
N GLU B 522 -10.70 -19.48 -49.24
CA GLU B 522 -12.12 -19.52 -49.05
C GLU B 522 -12.55 -18.86 -47.77
N ALA B 523 -11.89 -19.21 -46.64
CA ALA B 523 -12.28 -18.75 -45.34
C ALA B 523 -12.14 -17.26 -45.23
N PHE B 524 -11.02 -16.73 -45.73
CA PHE B 524 -10.71 -15.33 -45.63
C PHE B 524 -11.76 -14.54 -46.35
N GLY B 525 -12.11 -14.99 -47.57
CA GLY B 525 -13.06 -14.29 -48.39
C GLY B 525 -14.40 -14.26 -47.72
N GLY B 526 -14.76 -15.36 -47.03
CA GLY B 526 -16.07 -15.45 -46.45
C GLY B 526 -16.26 -14.35 -45.44
N VAL B 527 -15.23 -14.06 -44.64
CA VAL B 527 -15.35 -13.06 -43.62
C VAL B 527 -15.62 -11.74 -44.27
N LYS B 528 -14.96 -11.48 -45.41
CA LYS B 528 -15.11 -10.20 -46.04
C LYS B 528 -16.55 -9.99 -46.35
N GLU B 529 -17.25 -11.06 -46.81
CA GLU B 529 -18.63 -10.92 -47.14
C GLU B 529 -19.39 -10.35 -45.95
N MET C 1 -1.49 22.24 35.91
CA MET C 1 -0.80 21.09 35.28
C MET C 1 -0.99 21.13 33.81
N ASN C 2 -2.12 21.71 33.37
CA ASN C 2 -2.40 21.79 31.97
C ASN C 2 -1.38 22.71 31.39
N ASN C 3 -1.25 22.70 30.05
CA ASN C 3 -0.29 23.57 29.45
C ASN C 3 -0.78 24.94 29.70
N ASN C 4 0.16 25.87 29.99
CA ASN C 4 -0.24 27.22 30.29
C ASN C 4 0.65 28.13 29.54
N ASP C 5 0.59 29.30 30.08
CA ASP C 5 1.41 30.46 29.69
C ASP C 5 2.86 30.04 29.48
N LEU C 6 3.32 29.12 30.32
CA LEU C 6 4.69 28.62 30.24
C LEU C 6 4.84 27.71 29.03
N VAL C 7 3.84 26.84 28.84
CA VAL C 7 3.85 25.91 27.71
C VAL C 7 3.76 26.65 26.39
N ALA C 8 2.99 27.73 26.37
CA ALA C 8 2.85 28.51 25.15
C ALA C 8 4.15 29.25 24.88
N LYS C 9 4.83 29.64 25.96
CA LYS C 9 6.11 30.37 25.88
C LYS C 9 7.23 29.46 25.40
N LEU C 10 7.17 28.19 25.79
CA LEU C 10 8.15 27.21 25.38
C LEU C 10 7.89 26.85 23.93
N TRP C 11 6.63 26.83 23.55
CA TRP C 11 6.23 26.51 22.18
C TRP C 11 6.83 27.50 21.19
N LYS C 12 6.72 28.79 21.49
CA LYS C 12 7.24 29.83 20.60
C LYS C 12 8.70 29.64 20.29
N LEU C 13 9.46 29.17 21.27
CA LEU C 13 10.87 28.94 21.08
C LEU C 13 11.08 27.80 20.07
N CYS C 14 10.22 26.79 20.11
CA CYS C 14 10.35 25.66 19.19
C CYS C 14 10.25 26.10 17.73
N ASP C 15 9.83 27.35 17.52
CA ASP C 15 9.71 27.87 16.18
C ASP C 15 11.11 28.02 15.60
N ASN C 16 12.08 28.25 16.46
CA ASN C 16 13.46 28.40 16.04
C ASN C 16 14.02 27.03 15.70
N LEU C 17 13.62 26.04 16.51
CA LEU C 17 14.05 24.67 16.31
C LEU C 17 13.48 24.12 15.02
N ARG C 18 12.21 24.44 14.78
CA ARG C 18 11.52 24.00 13.58
C ARG C 18 12.26 24.52 12.36
N ASP C 19 12.51 25.83 12.37
CA ASP C 19 13.20 26.47 11.26
C ASP C 19 14.71 26.35 11.40
N GLY C 20 15.16 25.46 12.29
CA GLY C 20 16.59 25.27 12.48
C GLY C 20 17.01 23.89 12.04
N GLY C 21 16.04 23.08 11.65
CA GLY C 21 16.30 21.72 11.20
C GLY C 21 15.82 20.68 12.19
N VAL C 22 15.38 21.13 13.36
CA VAL C 22 14.92 20.21 14.38
C VAL C 22 13.50 19.70 14.12
N SER C 23 13.29 18.42 14.37
CA SER C 23 11.99 17.78 14.19
C SER C 23 11.08 18.06 15.39
N TYR C 24 9.78 17.86 15.22
CA TYR C 24 8.82 18.07 16.30
C TYR C 24 9.03 17.06 17.42
N GLN C 25 9.72 15.97 17.11
CA GLN C 25 9.97 14.93 18.09
C GLN C 25 11.10 15.28 19.03
N ASN C 26 12.05 16.10 18.58
CA ASN C 26 13.18 16.46 19.43
C ASN C 26 13.12 17.84 20.06
N TYR C 27 11.99 18.52 19.87
CA TYR C 27 11.83 19.85 20.43
C TYR C 27 12.21 19.89 21.91
N VAL C 28 11.47 19.12 22.70
CA VAL C 28 11.70 19.05 24.14
C VAL C 28 13.15 18.76 24.49
N ASN C 29 13.75 17.77 23.82
CA ASN C 29 15.15 17.40 24.08
C ASN C 29 16.08 18.59 23.89
N GLU C 30 15.89 19.31 22.79
CA GLU C 30 16.70 20.47 22.48
C GLU C 30 16.55 21.55 23.55
N LEU C 31 15.30 21.81 23.92
CA LEU C 31 14.97 22.80 24.94
C LEU C 31 15.47 22.46 26.33
N ALA C 32 15.28 21.19 26.72
CA ALA C 32 15.70 20.74 28.04
C ALA C 32 17.17 21.02 28.28
N SER C 33 17.99 20.68 27.29
CA SER C 33 19.43 20.90 27.37
C SER C 33 19.74 22.35 27.67
N LEU C 34 19.33 23.22 26.76
CA LEU C 34 19.57 24.64 26.92
C LEU C 34 19.01 25.17 28.21
N LEU C 35 17.77 24.81 28.54
CA LEU C 35 17.17 25.29 29.76
C LEU C 35 17.97 24.90 31.00
N PHE C 36 18.48 23.67 30.99
CA PHE C 36 19.26 23.18 32.11
C PHE C 36 20.50 24.02 32.35
N LEU C 37 21.27 24.25 31.28
CA LEU C 37 22.48 25.06 31.37
C LEU C 37 22.14 26.47 31.87
N LYS C 38 21.04 27.02 31.34
CA LYS C 38 20.57 28.36 31.71
C LYS C 38 20.17 28.40 33.17
N MET C 39 19.49 27.35 33.64
CA MET C 39 19.06 27.25 35.02
C MET C 39 20.25 27.11 35.98
N CYS C 40 21.27 26.36 35.56
CA CYS C 40 22.42 26.18 36.42
C CYS C 40 23.07 27.52 36.68
N LYS C 41 23.06 28.38 35.67
CA LYS C 41 23.67 29.68 35.88
C LYS C 41 22.76 30.43 36.86
N GLU C 42 21.47 30.50 36.57
CA GLU C 42 20.51 31.21 37.42
C GLU C 42 20.55 30.76 38.86
N THR C 43 21.03 29.55 39.07
CA THR C 43 21.14 28.99 40.40
C THR C 43 22.19 29.76 41.19
N GLY C 44 23.21 30.24 40.49
CA GLY C 44 24.27 30.99 41.14
C GLY C 44 25.40 30.12 41.66
N GLN C 45 25.40 28.86 41.27
CA GLN C 45 26.44 27.94 41.70
C GLN C 45 26.78 26.97 40.58
N GLU C 46 26.68 27.43 39.34
CA GLU C 46 26.97 26.60 38.17
C GLU C 46 28.37 25.99 38.29
N ALA C 47 29.18 26.60 39.13
CA ALA C 47 30.54 26.13 39.35
C ALA C 47 30.55 24.75 39.98
N GLU C 48 29.45 24.37 40.61
CA GLU C 48 29.34 23.09 41.26
C GLU C 48 28.76 22.01 40.36
N TYR C 49 27.98 22.42 39.36
CA TYR C 49 27.35 21.50 38.43
C TYR C 49 28.12 21.28 37.12
N LEU C 50 28.44 22.38 36.44
CA LEU C 50 29.14 22.33 35.16
C LEU C 50 30.62 22.67 35.24
N PRO C 51 31.43 22.05 34.39
CA PRO C 51 32.86 22.27 34.35
C PRO C 51 33.21 23.61 33.74
N GLU C 52 34.28 24.22 34.21
CA GLU C 52 34.71 25.51 33.69
C GLU C 52 34.94 25.41 32.17
N GLY C 53 34.65 26.49 31.45
CA GLY C 53 34.84 26.48 30.01
C GLY C 53 33.64 26.00 29.24
N TYR C 54 32.71 25.36 29.94
CA TYR C 54 31.50 24.83 29.31
C TYR C 54 30.26 25.18 30.11
N ARG C 55 29.99 26.47 30.24
CA ARG C 55 28.83 26.93 30.99
C ARG C 55 27.97 27.84 30.13
N TRP C 56 26.82 28.24 30.66
CA TRP C 56 25.90 29.08 29.93
C TRP C 56 26.55 30.27 29.24
N ASP C 57 27.41 31.01 29.94
CA ASP C 57 28.05 32.16 29.32
C ASP C 57 28.92 31.77 28.11
N ASP C 58 29.58 30.62 28.19
CA ASP C 58 30.43 30.17 27.11
C ASP C 58 29.66 29.86 25.82
N LEU C 59 28.41 29.48 25.97
CA LEU C 59 27.56 29.15 24.83
C LEU C 59 26.78 30.40 24.39
N LYS C 60 26.15 31.06 25.36
CA LYS C 60 25.36 32.25 25.14
C LYS C 60 26.14 33.42 24.52
N SER C 61 27.42 33.56 24.84
CA SER C 61 28.22 34.66 24.33
C SER C 61 28.65 34.48 22.89
N ARG C 62 28.78 33.23 22.46
CA ARG C 62 29.20 32.93 21.10
C ARG C 62 28.10 33.20 20.09
N ILE C 63 28.41 33.15 18.80
CA ILE C 63 27.40 33.41 17.77
C ILE C 63 27.71 32.66 16.48
N GLY C 64 26.67 32.40 15.70
CA GLY C 64 26.84 31.72 14.42
C GLY C 64 27.43 30.33 14.47
N GLN C 65 28.12 29.95 13.40
CA GLN C 65 28.73 28.62 13.33
C GLN C 65 29.73 28.40 14.45
N GLU C 66 30.37 29.47 14.87
CA GLU C 66 31.34 29.39 15.95
C GLU C 66 30.64 28.84 17.20
N GLN C 67 29.33 29.12 17.29
CA GLN C 67 28.50 28.69 18.40
C GLN C 67 27.98 27.25 18.26
N LEU C 68 27.53 26.89 17.06
CA LEU C 68 27.02 25.55 16.79
C LEU C 68 28.12 24.54 16.97
N GLN C 69 29.32 24.87 16.50
CA GLN C 69 30.43 23.95 16.65
C GLN C 69 30.86 23.88 18.10
N PHE C 70 30.82 25.01 18.80
CA PHE C 70 31.22 24.98 20.19
C PHE C 70 30.19 24.18 20.95
N TYR C 71 28.93 24.35 20.59
CA TYR C 71 27.86 23.65 21.27
C TYR C 71 28.04 22.13 21.12
N ARG C 72 28.39 21.69 19.92
CA ARG C 72 28.62 20.29 19.65
C ARG C 72 29.70 19.73 20.57
N LYS C 73 30.87 20.35 20.52
CA LYS C 73 31.99 19.95 21.35
C LYS C 73 31.59 19.95 22.82
N MET C 74 30.71 20.87 23.17
CA MET C 74 30.25 21.00 24.55
C MET C 74 29.33 19.85 24.91
N LEU C 75 28.47 19.44 23.98
CA LEU C 75 27.55 18.34 24.24
C LEU C 75 28.35 17.06 24.49
N VAL C 76 29.45 16.92 23.78
CA VAL C 76 30.28 15.75 23.92
C VAL C 76 31.13 15.82 25.16
N HIS C 77 31.67 16.99 25.43
CA HIS C 77 32.53 17.15 26.58
C HIS C 77 31.79 16.91 27.89
N LEU C 78 30.53 17.31 27.96
CA LEU C 78 29.75 17.16 29.18
C LEU C 78 29.32 15.72 29.40
N GLY C 79 29.00 15.03 28.30
CA GLY C 79 28.55 13.65 28.42
C GLY C 79 29.65 12.64 28.62
N GLU C 80 30.86 13.10 28.88
CA GLU C 80 31.98 12.19 29.09
C GLU C 80 32.96 12.67 30.14
N ASP C 81 32.81 12.15 31.35
CA ASP C 81 33.70 12.50 32.46
C ASP C 81 33.32 11.72 33.72
N ASP C 82 34.16 11.80 34.74
CA ASP C 82 33.92 11.08 35.99
C ASP C 82 32.79 11.69 36.83
N LYS C 83 32.51 12.98 36.58
CA LYS C 83 31.45 13.70 37.28
C LYS C 83 30.11 13.19 36.82
N LYS C 84 30.04 11.88 36.70
CA LYS C 84 28.86 11.18 36.24
C LYS C 84 27.53 11.83 36.65
N LEU C 85 27.55 12.68 37.67
CA LEU C 85 26.31 13.31 38.10
C LEU C 85 25.70 14.05 36.91
N VAL C 86 26.44 15.03 36.41
CA VAL C 86 25.98 15.80 35.26
C VAL C 86 26.06 14.94 34.02
N GLN C 87 27.09 14.11 33.94
CA GLN C 87 27.28 13.23 32.81
C GLN C 87 26.03 12.40 32.48
N ALA C 88 25.38 12.06 33.44
CA ALA C 88 24.26 11.21 33.19
C ALA C 88 23.28 11.95 32.33
N VAL C 89 23.17 13.27 32.56
CA VAL C 89 22.17 14.11 31.91
C VAL C 89 22.51 14.45 30.46
N PHE C 90 23.78 14.29 30.10
CA PHE C 90 24.23 14.59 28.73
C PHE C 90 24.88 13.41 28.02
N HIS C 91 24.67 12.22 28.57
CA HIS C 91 25.21 11.00 28.01
C HIS C 91 24.42 10.63 26.75
N ASN C 92 25.14 10.44 25.64
CA ASN C 92 24.53 10.11 24.35
C ASN C 92 23.58 11.21 23.90
N VAL C 93 23.81 12.42 24.39
CA VAL C 93 22.97 13.55 24.03
C VAL C 93 23.63 14.35 22.93
N SER C 94 22.85 14.74 21.94
CA SER C 94 23.37 15.53 20.84
C SER C 94 22.27 16.41 20.25
N THR C 95 22.63 17.58 19.76
CA THR C 95 21.62 18.48 19.20
C THR C 95 21.34 18.17 17.73
N THR C 96 20.13 18.48 17.29
CA THR C 96 19.76 18.24 15.91
C THR C 96 19.59 19.56 15.18
N ILE C 97 20.23 20.61 15.69
CA ILE C 97 20.16 21.92 15.09
C ILE C 97 21.21 22.04 14.00
N THR C 98 20.82 22.59 12.86
CA THR C 98 21.73 22.75 11.73
C THR C 98 21.84 24.20 11.29
N GLU C 99 20.77 24.97 11.47
CA GLU C 99 20.77 26.39 11.11
C GLU C 99 21.40 27.25 12.20
N PRO C 100 22.64 27.72 11.97
CA PRO C 100 23.37 28.55 12.94
C PRO C 100 22.62 29.81 13.40
N LYS C 101 21.78 30.37 12.55
CA LYS C 101 21.05 31.55 12.96
C LYS C 101 19.95 31.18 13.96
N GLN C 102 19.48 29.95 13.88
CA GLN C 102 18.43 29.44 14.76
C GLN C 102 18.85 29.19 16.21
N ILE C 103 20.06 28.69 16.39
CA ILE C 103 20.52 28.43 17.75
C ILE C 103 20.75 29.77 18.44
N THR C 104 21.36 30.71 17.74
CA THR C 104 21.61 32.02 18.29
C THR C 104 20.28 32.66 18.71
N ALA C 105 19.26 32.43 17.92
CA ALA C 105 17.93 32.97 18.20
C ALA C 105 17.26 32.26 19.37
N LEU C 106 17.64 31.01 19.58
CA LEU C 106 17.04 30.21 20.65
C LEU C 106 17.65 30.54 21.99
N VAL C 107 18.97 30.42 22.07
CA VAL C 107 19.67 30.67 23.31
C VAL C 107 19.36 32.05 23.87
N SER C 108 19.33 33.06 23.01
CA SER C 108 19.04 34.41 23.48
C SER C 108 17.57 34.56 23.84
N ASN C 109 16.73 33.81 23.15
CA ASN C 109 15.31 33.86 23.41
C ASN C 109 15.00 33.45 24.83
N MET C 110 15.44 32.26 25.21
CA MET C 110 15.16 31.80 26.55
C MET C 110 16.06 32.42 27.60
N ASP C 111 17.16 33.01 27.16
CA ASP C 111 18.06 33.65 28.10
C ASP C 111 17.25 34.78 28.72
N SER C 112 16.36 35.38 27.95
CA SER C 112 15.55 36.46 28.47
C SER C 112 14.15 35.98 28.88
N LEU C 113 14.03 34.71 29.25
CA LEU C 113 12.75 34.16 29.69
C LEU C 113 12.64 34.34 31.19
N ASP C 114 11.44 34.16 31.73
CA ASP C 114 11.19 34.29 33.16
C ASP C 114 11.07 32.91 33.82
N TRP C 115 11.12 33.10 34.99
CA TRP C 115 10.79 32.03 35.88
C TRP C 115 9.31 31.91 35.74
N TYR C 116 8.76 32.46 34.24
CA TYR C 116 7.38 32.86 34.21
C TYR C 116 6.57 31.88 34.96
N ASN C 117 6.75 30.58 34.68
CA ASN C 117 6.06 29.75 35.60
C ASN C 117 7.06 29.52 36.66
N GLY C 118 6.76 30.03 37.88
CA GLY C 118 7.67 29.92 38.97
C GLY C 118 6.83 29.68 40.18
N ALA C 119 7.39 29.96 41.36
CA ALA C 119 6.68 29.78 42.59
C ALA C 119 7.60 30.27 43.65
N HIS C 120 7.22 30.11 44.94
CA HIS C 120 8.13 30.53 45.95
C HIS C 120 9.34 29.66 45.79
N GLY C 121 10.53 30.29 45.79
CA GLY C 121 11.72 29.53 45.58
C GLY C 121 11.81 29.30 44.11
N LYS C 122 12.91 28.71 43.63
CA LYS C 122 12.99 28.49 42.22
C LYS C 122 12.02 27.39 41.90
N SER C 123 11.25 27.54 40.81
CA SER C 123 10.37 26.46 40.50
C SER C 123 11.01 25.69 39.40
N ARG C 124 12.04 24.91 39.77
CA ARG C 124 12.70 24.08 38.83
C ARG C 124 11.73 23.02 38.46
N ASP C 125 10.89 22.63 39.45
CA ASP C 125 9.95 21.57 39.27
C ASP C 125 9.01 21.93 38.19
N ASP C 126 8.62 23.21 38.13
CA ASP C 126 7.65 23.64 37.17
C ASP C 126 8.17 23.47 35.78
N PHE C 127 9.45 23.81 35.52
CA PHE C 127 9.95 23.73 34.18
C PHE C 127 9.89 22.30 33.76
N GLY C 128 10.30 21.39 34.66
CA GLY C 128 10.30 19.99 34.33
C GLY C 128 8.90 19.54 34.08
N ASP C 129 7.93 20.02 34.89
CA ASP C 129 6.56 19.59 34.74
C ASP C 129 6.03 20.06 33.42
N MET C 130 6.32 21.32 33.05
CA MET C 130 5.82 21.90 31.84
C MET C 130 6.42 21.15 30.69
N TYR C 131 7.70 20.78 30.86
CA TYR C 131 8.52 20.10 29.91
C TYR C 131 7.86 18.78 29.61
N GLU C 132 7.39 18.07 30.66
CA GLU C 132 6.76 16.80 30.47
C GLU C 132 5.48 16.99 29.72
N GLY C 133 4.69 18.02 30.10
CA GLY C 133 3.40 18.23 29.50
C GLY C 133 3.55 18.51 28.04
N LEU C 134 4.56 19.32 27.68
CA LEU C 134 4.79 19.70 26.31
C LEU C 134 5.17 18.50 25.52
N LEU C 135 5.92 17.59 26.17
CA LEU C 135 6.41 16.39 25.57
C LEU C 135 5.21 15.55 25.22
N GLN C 136 4.17 15.59 26.09
CA GLN C 136 2.95 14.85 25.91
C GLN C 136 2.28 15.31 24.66
N LYS C 137 2.26 16.62 24.38
CA LYS C 137 1.59 17.06 23.20
C LYS C 137 2.26 16.41 22.01
N ASN C 138 3.60 16.33 22.03
CA ASN C 138 4.35 15.73 20.96
C ASN C 138 4.10 14.26 20.92
N ALA C 139 4.08 13.64 22.11
CA ALA C 139 3.88 12.23 22.21
C ALA C 139 2.54 11.94 21.58
N ASN C 140 1.58 12.88 21.70
CA ASN C 140 0.26 12.73 21.15
C ASN C 140 0.19 12.94 19.65
N GLU C 141 1.11 13.75 19.06
CA GLU C 141 1.06 14.11 17.67
C GLU C 141 1.52 12.98 16.79
N THR C 142 0.75 12.74 15.70
CA THR C 142 1.00 11.67 14.77
C THR C 142 2.27 11.88 14.00
N LYS C 143 2.39 13.02 13.30
CA LYS C 143 3.53 13.28 12.45
C LYS C 143 4.83 12.93 13.13
N SER C 144 4.93 13.18 14.45
CA SER C 144 6.15 13.04 15.20
C SER C 144 6.68 11.64 15.22
N GLY C 145 5.83 10.62 15.45
CA GLY C 145 6.33 9.27 15.54
C GLY C 145 6.65 8.97 16.99
N ALA C 146 6.56 10.00 17.85
CA ALA C 146 6.80 9.97 19.27
C ALA C 146 5.76 9.13 19.95
N GLY C 147 4.60 9.00 19.30
CA GLY C 147 3.43 8.35 19.80
C GLY C 147 3.77 6.97 20.19
N GLN C 148 4.89 6.44 19.66
CA GLN C 148 5.20 5.09 19.93
C GLN C 148 5.23 4.98 21.42
N TYR C 149 6.00 6.00 22.09
CA TYR C 149 5.98 5.88 23.56
C TYR C 149 5.01 6.85 24.26
N PHE C 150 3.72 6.62 24.03
CA PHE C 150 2.66 7.42 24.63
C PHE C 150 1.66 6.43 25.21
N THR C 151 1.23 6.67 26.43
CA THR C 151 0.25 5.79 27.06
C THR C 151 -0.78 6.67 27.76
N PRO C 152 -2.07 6.46 27.46
CA PRO C 152 -3.11 7.26 28.10
C PRO C 152 -2.88 7.41 29.61
N ARG C 153 -2.69 8.64 30.06
CA ARG C 153 -2.47 8.96 31.47
C ARG C 153 -3.47 8.20 32.34
N PRO C 154 -4.77 8.32 32.04
CA PRO C 154 -5.73 7.60 32.88
C PRO C 154 -5.50 6.07 32.97
N LEU C 155 -4.78 5.52 32.00
CA LEU C 155 -4.49 4.10 31.95
C LEU C 155 -3.35 3.84 32.93
N ILE C 156 -2.35 4.71 32.90
CA ILE C 156 -1.23 4.58 33.80
C ILE C 156 -1.76 4.68 35.22
N LYS C 157 -2.44 5.77 35.53
CA LYS C 157 -2.98 5.93 36.86
C LYS C 157 -3.69 4.66 37.29
N THR C 158 -4.62 4.18 36.46
CA THR C 158 -5.40 2.98 36.77
C THR C 158 -4.56 1.73 36.99
N ILE C 159 -3.57 1.53 36.13
CA ILE C 159 -2.72 0.37 36.26
C ILE C 159 -2.01 0.42 37.62
N ILE C 160 -1.40 1.55 37.98
CA ILE C 160 -0.70 1.62 39.26
C ILE C 160 -1.65 1.53 40.46
N HIS C 161 -2.85 2.03 40.27
CA HIS C 161 -3.87 2.02 41.31
C HIS C 161 -4.29 0.58 41.64
N LEU C 162 -4.35 -0.28 40.62
CA LEU C 162 -4.74 -1.65 40.83
C LEU C 162 -3.56 -2.52 41.29
N LEU C 163 -2.33 -2.07 41.05
CA LEU C 163 -1.15 -2.84 41.47
C LEU C 163 -0.84 -2.48 42.90
N LYS C 164 -1.21 -1.27 43.31
CA LYS C 164 -0.96 -0.77 44.67
C LYS C 164 0.46 -1.04 45.16
N PRO C 165 1.47 -0.44 44.51
CA PRO C 165 2.84 -0.68 44.95
C PRO C 165 3.11 -0.19 46.39
N GLN C 166 3.76 -1.02 47.19
CA GLN C 166 4.08 -0.66 48.56
C GLN C 166 5.56 -0.33 48.69
N PRO C 167 5.93 0.43 49.74
CA PRO C 167 7.37 0.73 49.81
C PRO C 167 8.13 -0.57 50.03
N ARG C 168 9.42 -0.56 49.66
CA ARG C 168 10.30 -1.73 49.77
C ARG C 168 10.08 -2.73 48.63
N GLU C 169 9.11 -2.43 47.76
CA GLU C 169 8.84 -3.27 46.61
C GLU C 169 9.55 -2.63 45.42
N VAL C 170 10.27 -3.45 44.67
CA VAL C 170 11.01 -3.03 43.51
C VAL C 170 10.07 -3.09 42.30
N VAL C 171 9.83 -1.94 41.70
CA VAL C 171 8.95 -1.82 40.53
C VAL C 171 9.80 -1.67 39.28
N GLN C 172 9.66 -2.60 38.34
CA GLN C 172 10.45 -2.54 37.12
C GLN C 172 9.65 -2.18 35.87
N ASP C 173 10.33 -1.58 34.89
CA ASP C 173 9.71 -1.24 33.60
C ASP C 173 10.71 -1.54 32.47
N PRO C 174 10.58 -2.73 31.84
CA PRO C 174 11.42 -3.20 30.73
C PRO C 174 11.45 -2.23 29.56
N ALA C 175 10.35 -1.50 29.39
CA ALA C 175 10.24 -0.55 28.30
C ALA C 175 9.88 0.80 28.89
N ALA C 176 10.75 1.27 29.78
CA ALA C 176 10.58 2.53 30.48
C ALA C 176 10.00 3.68 29.65
N GLY C 177 10.60 3.92 28.48
CA GLY C 177 10.13 5.02 27.66
C GLY C 177 10.55 6.27 28.39
N THR C 178 9.59 7.12 28.72
CA THR C 178 9.91 8.33 29.46
C THR C 178 9.65 8.14 30.95
N ALA C 179 9.65 6.88 31.39
CA ALA C 179 9.44 6.54 32.79
C ALA C 179 8.04 6.89 33.32
N GLY C 180 7.04 6.84 32.45
CA GLY C 180 5.70 7.15 32.87
C GLY C 180 5.16 6.29 34.00
N PHE C 181 5.34 4.98 33.92
CA PHE C 181 4.81 4.08 34.96
C PHE C 181 5.57 4.19 36.26
N LEU C 182 6.87 4.36 36.17
CA LEU C 182 7.68 4.47 37.37
C LEU C 182 7.34 5.74 38.12
N ILE C 183 7.23 6.85 37.41
CA ILE C 183 6.94 8.11 38.06
C ILE C 183 5.61 7.96 38.80
N GLU C 184 4.61 7.39 38.14
CA GLU C 184 3.31 7.21 38.74
C GLU C 184 3.35 6.24 39.92
N ALA C 185 4.16 5.21 39.83
CA ALA C 185 4.25 4.26 40.91
C ALA C 185 4.85 4.96 42.10
N ASP C 186 5.83 5.82 41.85
CA ASP C 186 6.47 6.53 42.93
C ASP C 186 5.48 7.52 43.54
N ARG C 187 4.68 8.17 42.69
CA ARG C 187 3.70 9.15 43.16
C ARG C 187 2.68 8.47 44.09
N TYR C 188 2.26 7.27 43.71
CA TYR C 188 1.31 6.51 44.49
C TYR C 188 1.94 6.18 45.84
N VAL C 189 3.17 5.70 45.83
CA VAL C 189 3.81 5.35 47.10
C VAL C 189 3.92 6.58 48.00
N LYS C 190 4.30 7.71 47.43
CA LYS C 190 4.41 8.91 48.24
C LYS C 190 3.06 9.36 48.78
N SER C 191 1.99 9.13 48.03
CA SER C 191 0.67 9.54 48.47
C SER C 191 0.15 8.68 49.61
N GLN C 192 0.88 7.65 49.98
CA GLN C 192 0.44 6.75 51.03
C GLN C 192 1.41 6.77 52.20
N THR C 193 2.41 7.62 52.11
CA THR C 193 3.43 7.70 53.16
C THR C 193 3.86 9.13 53.45
N ASN C 194 2.99 10.10 53.17
CA ASN C 194 3.35 11.49 53.41
C ASN C 194 4.69 11.81 52.76
N ASP C 195 4.82 11.53 51.47
CA ASP C 195 6.05 11.79 50.75
C ASP C 195 7.27 11.16 51.40
N LEU C 196 7.11 9.90 51.81
CA LEU C 196 8.17 9.14 52.42
C LEU C 196 8.46 9.47 53.87
N ASP C 197 7.79 10.50 54.39
CA ASP C 197 8.00 10.93 55.76
C ASP C 197 7.51 9.94 56.83
N ASP C 198 6.68 8.97 56.43
CA ASP C 198 6.17 8.00 57.38
C ASP C 198 7.14 6.84 57.49
N LEU C 199 8.17 6.87 56.66
CA LEU C 199 9.15 5.80 56.63
C LEU C 199 10.49 6.19 57.21
N ASP C 200 11.21 5.21 57.73
CA ASP C 200 12.53 5.48 58.29
C ASP C 200 13.50 5.80 57.17
N GLY C 201 14.47 6.66 57.50
CA GLY C 201 15.47 7.08 56.53
C GLY C 201 15.98 5.98 55.62
N ASP C 202 16.20 4.78 56.16
CA ASP C 202 16.72 3.71 55.33
C ASP C 202 15.76 3.27 54.24
N THR C 203 14.48 3.22 54.58
CA THR C 203 13.49 2.83 53.61
C THR C 203 13.36 3.96 52.59
N GLN C 204 13.57 5.18 53.04
CA GLN C 204 13.49 6.33 52.14
C GLN C 204 14.58 6.23 51.12
N ASP C 205 15.75 5.79 51.57
CA ASP C 205 16.87 5.64 50.66
C ASP C 205 16.59 4.55 49.64
N PHE C 206 15.88 3.52 50.08
CA PHE C 206 15.53 2.41 49.21
C PHE C 206 14.61 2.91 48.10
N GLN C 207 13.59 3.66 48.49
CA GLN C 207 12.65 4.22 47.54
C GLN C 207 13.31 5.19 46.58
N ILE C 208 14.36 5.84 47.04
CA ILE C 208 15.04 6.80 46.22
C ILE C 208 16.05 6.18 45.27
N HIS C 209 16.71 5.13 45.72
CA HIS C 209 17.74 4.48 44.93
C HIS C 209 17.49 3.08 44.44
N ARG C 210 16.58 2.34 45.05
CA ARG C 210 16.39 0.97 44.60
C ARG C 210 14.96 0.53 44.26
N ALA C 211 13.98 1.30 44.67
CA ALA C 211 12.60 0.93 44.44
C ALA C 211 12.18 0.88 42.99
N PHE C 212 12.70 1.79 42.16
CA PHE C 212 12.30 1.82 40.76
C PHE C 212 13.44 1.64 39.79
N ILE C 213 13.19 0.79 38.80
CA ILE C 213 14.18 0.52 37.79
C ILE C 213 13.55 0.46 36.43
N GLY C 214 14.25 0.99 35.43
CA GLY C 214 13.75 0.99 34.08
C GLY C 214 14.87 0.64 33.13
N LEU C 215 14.51 0.38 31.88
CA LEU C 215 15.46 0.05 30.83
C LEU C 215 14.90 0.61 29.52
N GLU C 216 15.67 1.44 28.85
CA GLU C 216 15.26 2.05 27.57
C GLU C 216 16.33 1.84 26.51
N LEU C 217 15.90 1.44 25.31
CA LEU C 217 16.82 1.18 24.21
C LEU C 217 17.36 2.45 23.56
N VAL C 218 16.45 3.36 23.25
CA VAL C 218 16.82 4.60 22.60
C VAL C 218 17.43 5.61 23.54
N PRO C 219 18.74 5.84 23.42
CA PRO C 219 19.44 6.79 24.28
C PRO C 219 18.79 8.16 24.38
N GLY C 220 18.20 8.62 23.28
CA GLY C 220 17.56 9.93 23.29
C GLY C 220 16.40 9.91 24.25
N THR C 221 15.58 8.87 24.17
CA THR C 221 14.44 8.74 25.06
C THR C 221 14.88 8.51 26.49
N ARG C 222 15.87 7.67 26.69
CA ARG C 222 16.36 7.40 28.03
C ARG C 222 16.80 8.70 28.72
N ARG C 223 17.34 9.63 27.95
CA ARG C 223 17.79 10.91 28.49
C ARG C 223 16.58 11.66 29.05
N LEU C 224 15.57 11.82 28.22
CA LEU C 224 14.37 12.48 28.65
C LEU C 224 13.84 11.79 29.90
N ALA C 225 13.86 10.47 29.90
CA ALA C 225 13.36 9.67 31.06
C ALA C 225 14.18 9.94 32.32
N LEU C 226 15.49 10.10 32.14
CA LEU C 226 16.41 10.35 33.23
C LEU C 226 16.13 11.70 33.86
N MET C 227 15.84 12.67 33.03
CA MET C 227 15.54 14.02 33.52
C MET C 227 14.21 14.00 34.26
N ASN C 228 13.30 13.15 33.79
CA ASN C 228 12.00 13.01 34.40
C ASN C 228 12.09 12.51 35.83
N CYS C 229 12.84 11.44 36.06
CA CYS C 229 13.01 10.86 37.39
C CYS C 229 13.73 11.79 38.32
N LEU C 230 14.77 12.40 37.78
CA LEU C 230 15.62 13.33 38.51
C LEU C 230 14.80 14.46 39.13
N LEU C 231 13.93 15.09 38.35
CA LEU C 231 13.10 16.16 38.89
C LEU C 231 11.97 15.58 39.74
N HIS C 232 11.89 14.26 39.83
CA HIS C 232 10.86 13.64 40.64
C HIS C 232 11.51 13.00 41.84
N ASP C 233 12.79 13.31 42.00
CA ASP C 233 13.59 12.84 43.11
C ASP C 233 13.84 11.34 43.13
N ILE C 234 13.94 10.77 41.94
CA ILE C 234 14.21 9.34 41.78
C ILE C 234 15.63 9.22 41.26
N GLU C 235 16.56 8.95 42.17
CA GLU C 235 17.98 8.86 41.80
C GLU C 235 18.44 7.51 41.27
N GLY C 236 17.86 6.43 41.75
CA GLY C 236 18.28 5.15 41.25
C GLY C 236 19.75 4.85 41.54
N ASN C 237 20.35 4.05 40.68
CA ASN C 237 21.74 3.62 40.85
C ASN C 237 22.74 4.39 39.99
N LEU C 238 23.65 5.12 40.64
CA LEU C 238 24.66 5.91 39.96
C LEU C 238 25.56 5.12 39.04
N ASP C 239 25.71 3.84 39.31
CA ASP C 239 26.55 3.00 38.47
C ASP C 239 26.01 2.86 37.07
N HIS C 240 24.71 3.04 36.92
CA HIS C 240 24.07 2.90 35.63
C HIS C 240 23.52 4.21 35.10
N GLY C 241 23.87 5.31 35.76
CA GLY C 241 23.39 6.61 35.33
C GLY C 241 22.14 7.07 36.05
N GLY C 242 21.44 6.17 36.73
CA GLY C 242 20.22 6.58 37.43
C GLY C 242 19.16 5.50 37.42
N ALA C 243 17.91 5.89 37.61
CA ALA C 243 16.83 4.91 37.64
C ALA C 243 16.62 4.18 36.31
N ILE C 244 16.74 4.89 35.19
CA ILE C 244 16.56 4.24 33.91
C ILE C 244 17.90 3.86 33.31
N ARG C 245 18.09 2.57 33.08
CA ARG C 245 19.33 2.10 32.50
C ARG C 245 19.17 2.10 30.98
N LEU C 246 20.29 2.26 30.28
CA LEU C 246 20.33 2.28 28.83
C LEU C 246 20.74 0.91 28.28
N GLY C 247 19.86 0.32 27.47
CA GLY C 247 20.14 -0.98 26.90
C GLY C 247 18.95 -1.72 26.30
N ASN C 248 19.23 -2.94 25.82
CA ASN C 248 18.23 -3.79 25.19
C ASN C 248 17.65 -4.87 26.10
N THR C 249 16.34 -4.79 26.34
CA THR C 249 15.66 -5.74 27.20
C THR C 249 15.73 -7.15 26.60
N LEU C 250 15.84 -7.22 25.29
CA LEU C 250 15.94 -8.51 24.62
C LEU C 250 17.41 -8.89 24.38
N GLY C 251 18.31 -8.17 25.04
CA GLY C 251 19.72 -8.45 24.90
C GLY C 251 20.37 -8.81 26.23
N SER C 252 21.66 -8.54 26.34
CA SER C 252 22.40 -8.85 27.54
C SER C 252 21.90 -8.02 28.70
N ASP C 253 21.58 -6.77 28.43
CA ASP C 253 21.09 -5.86 29.46
C ASP C 253 19.83 -6.35 30.11
N GLY C 254 18.99 -6.99 29.31
CA GLY C 254 17.74 -7.51 29.81
C GLY C 254 17.94 -8.53 30.91
N GLU C 255 18.82 -9.51 30.71
CA GLU C 255 19.02 -10.51 31.74
C GLU C 255 19.89 -10.03 32.90
N ASN C 256 20.59 -8.92 32.69
CA ASN C 256 21.44 -8.37 33.74
C ASN C 256 20.61 -7.45 34.65
N LEU C 257 19.34 -7.33 34.33
CA LEU C 257 18.45 -6.48 35.11
C LEU C 257 18.06 -7.21 36.38
N PRO C 258 17.95 -6.49 37.51
CA PRO C 258 17.57 -7.16 38.77
C PRO C 258 16.10 -7.56 38.83
N LYS C 259 15.81 -8.66 39.53
CA LYS C 259 14.44 -9.14 39.68
C LYS C 259 13.55 -8.03 40.23
N ALA C 260 12.23 -8.26 40.23
CA ALA C 260 11.31 -7.24 40.70
C ALA C 260 10.05 -7.79 41.36
N HIS C 261 9.46 -7.01 42.28
CA HIS C 261 8.24 -7.47 42.94
C HIS C 261 7.02 -7.12 42.09
N ILE C 262 7.13 -6.02 41.35
CA ILE C 262 6.07 -5.49 40.51
C ILE C 262 6.59 -5.09 39.13
N VAL C 263 5.78 -5.27 38.09
CA VAL C 263 6.19 -4.88 36.74
C VAL C 263 4.99 -4.24 36.05
N ALA C 264 5.11 -2.97 35.66
CA ALA C 264 4.04 -2.27 34.95
C ALA C 264 4.72 -1.72 33.72
N THR C 265 4.28 -2.16 32.56
CA THR C 265 4.97 -1.73 31.35
C THR C 265 4.05 -1.76 30.13
N ASN C 266 4.42 -0.99 29.11
CA ASN C 266 3.69 -0.93 27.85
C ASN C 266 4.77 -1.10 26.80
N PRO C 267 5.23 -2.34 26.55
CA PRO C 267 6.27 -2.56 25.55
C PRO C 267 5.89 -2.10 24.16
N PRO C 268 6.88 -1.89 23.27
CA PRO C 268 6.65 -1.43 21.90
C PRO C 268 5.78 -2.35 21.06
N PHE C 269 5.02 -1.72 20.17
CA PHE C 269 4.14 -2.43 19.27
C PHE C 269 4.85 -2.60 17.92
N GLY C 270 4.35 -3.53 17.12
CA GLY C 270 4.92 -3.80 15.82
C GLY C 270 6.17 -4.63 15.90
N SER C 271 7.01 -4.55 14.88
CA SER C 271 8.25 -5.31 14.88
C SER C 271 9.34 -4.62 15.68
N ALA C 272 8.98 -3.50 16.32
CA ALA C 272 9.88 -2.69 17.16
C ALA C 272 11.06 -2.06 16.40
N ALA C 273 11.87 -1.27 17.09
CA ALA C 273 13.03 -0.62 16.48
C ALA C 273 14.20 -1.59 16.39
N GLY C 274 15.42 -1.04 16.29
CA GLY C 274 16.60 -1.88 16.19
C GLY C 274 16.90 -2.64 17.46
N THR C 275 16.16 -3.73 17.67
CA THR C 275 16.34 -4.57 18.86
C THR C 275 16.57 -6.02 18.48
N ASN C 276 17.84 -6.40 18.36
CA ASN C 276 18.20 -7.76 18.02
C ASN C 276 18.06 -8.66 19.25
N ILE C 277 17.39 -9.79 19.07
CA ILE C 277 17.16 -10.72 20.16
C ILE C 277 18.38 -11.61 20.37
N THR C 278 19.42 -11.05 20.96
CA THR C 278 20.64 -11.80 21.20
C THR C 278 20.65 -12.40 22.60
N ARG C 279 19.50 -12.96 23.01
CA ARG C 279 19.39 -13.55 24.33
C ARG C 279 18.56 -14.81 24.19
N THR C 280 18.92 -15.85 24.93
CA THR C 280 18.14 -17.06 24.80
C THR C 280 16.99 -17.10 25.78
N PHE C 281 15.82 -17.52 25.30
CA PHE C 281 14.64 -17.62 26.15
C PHE C 281 14.16 -19.06 26.21
N VAL C 282 13.26 -19.32 27.14
CA VAL C 282 12.72 -20.65 27.29
C VAL C 282 12.11 -21.14 25.98
N HIS C 283 11.64 -20.22 25.16
CA HIS C 283 11.05 -20.53 23.86
C HIS C 283 11.47 -19.49 22.84
N PRO C 284 12.60 -19.70 22.16
CA PRO C 284 13.11 -18.76 21.16
C PRO C 284 12.03 -18.32 20.17
N THR C 285 11.91 -17.02 19.96
CA THR C 285 10.89 -16.49 19.05
C THR C 285 11.44 -15.39 18.18
N SER C 286 10.61 -14.87 17.29
CA SER C 286 11.03 -13.80 16.42
C SER C 286 10.29 -12.56 16.81
N ASN C 287 9.11 -12.78 17.36
CA ASN C 287 8.25 -11.70 17.77
C ASN C 287 8.88 -10.94 18.92
N LYS C 288 8.79 -9.62 18.87
CA LYS C 288 9.37 -8.78 19.91
C LYS C 288 8.54 -8.71 21.18
N GLN C 289 7.22 -8.69 21.01
CA GLN C 289 6.33 -8.59 22.16
C GLN C 289 6.32 -9.86 23.02
N LEU C 290 6.32 -11.02 22.38
CA LEU C 290 6.34 -12.28 23.09
C LEU C 290 7.67 -12.49 23.81
N CYS C 291 8.69 -11.74 23.40
CA CYS C 291 10.00 -11.82 24.03
C CYS C 291 9.93 -11.05 25.31
N PHE C 292 9.29 -9.88 25.25
CA PHE C 292 9.14 -9.09 26.43
C PHE C 292 8.39 -9.87 27.48
N MET C 293 7.36 -10.58 27.06
CA MET C 293 6.57 -11.36 27.99
C MET C 293 7.48 -12.38 28.71
N GLN C 294 8.34 -13.04 27.97
CA GLN C 294 9.23 -14.02 28.56
C GLN C 294 10.18 -13.38 29.57
N HIS C 295 10.62 -12.16 29.26
CA HIS C 295 11.49 -11.43 30.17
C HIS C 295 10.74 -11.10 31.46
N ILE C 296 9.55 -10.52 31.30
CA ILE C 296 8.72 -10.14 32.43
C ILE C 296 8.42 -11.34 33.34
N ILE C 297 8.20 -12.51 32.75
CA ILE C 297 7.93 -13.70 33.56
C ILE C 297 9.15 -14.10 34.38
N GLU C 298 10.32 -13.90 33.79
CA GLU C 298 11.62 -14.21 34.38
C GLU C 298 12.08 -13.32 35.53
N THR C 299 12.03 -12.00 35.35
CA THR C 299 12.46 -11.06 36.40
C THR C 299 11.59 -11.00 37.63
N LEU C 300 10.34 -11.41 37.50
CA LEU C 300 9.46 -11.33 38.65
C LEU C 300 9.85 -12.27 39.78
N HIS C 301 9.92 -11.75 41.00
CA HIS C 301 10.22 -12.57 42.15
C HIS C 301 9.03 -13.50 42.31
N PRO C 302 9.20 -14.58 43.07
CA PRO C 302 8.05 -15.49 43.27
C PRO C 302 6.98 -14.66 44.00
N GLY C 303 5.75 -14.72 43.53
CA GLY C 303 4.71 -13.96 44.17
C GLY C 303 4.60 -12.57 43.56
N GLY C 304 5.48 -12.26 42.62
CA GLY C 304 5.45 -10.97 41.97
C GLY C 304 4.16 -10.77 41.20
N ARG C 305 3.90 -9.53 40.82
CA ARG C 305 2.69 -9.21 40.08
C ARG C 305 3.00 -8.22 38.97
N ALA C 306 2.24 -8.30 37.90
CA ALA C 306 2.47 -7.42 36.78
C ALA C 306 1.19 -7.08 36.04
N ALA C 307 1.29 -6.03 35.23
CA ALA C 307 0.22 -5.52 34.38
C ALA C 307 0.98 -5.15 33.11
N VAL C 308 0.68 -5.84 32.01
CA VAL C 308 1.38 -5.59 30.76
C VAL C 308 0.43 -5.27 29.61
N VAL C 309 0.69 -4.11 28.99
CA VAL C 309 -0.11 -3.68 27.84
C VAL C 309 0.40 -4.41 26.62
N VAL C 310 -0.48 -5.18 25.98
CA VAL C 310 -0.06 -5.94 24.81
C VAL C 310 -1.03 -5.85 23.63
N PRO C 311 -0.55 -6.19 22.40
CA PRO C 311 -1.36 -6.16 21.18
C PRO C 311 -2.14 -7.46 21.04
N ASP C 312 -3.20 -7.44 20.24
CA ASP C 312 -3.98 -8.65 20.06
C ASP C 312 -3.17 -9.84 19.55
N ASN C 313 -2.19 -9.59 18.68
CA ASN C 313 -1.36 -10.67 18.11
C ASN C 313 -0.87 -11.68 19.16
N VAL C 314 -0.33 -11.16 20.27
CA VAL C 314 0.18 -11.96 21.37
C VAL C 314 -0.85 -12.99 21.83
N LEU C 315 -2.11 -12.61 21.73
CA LEU C 315 -3.19 -13.49 22.16
C LEU C 315 -3.57 -14.56 21.15
N PHE C 316 -3.55 -14.23 19.87
CA PHE C 316 -3.94 -15.18 18.85
C PHE C 316 -2.88 -15.63 17.84
N GLU C 317 -1.60 -15.49 18.16
CA GLU C 317 -0.53 -15.89 17.25
C GLU C 317 -0.16 -17.35 17.42
N GLY C 318 -0.09 -18.08 16.32
CA GLY C 318 0.28 -19.49 16.39
C GLY C 318 1.78 -19.68 16.45
N GLY C 319 2.24 -20.87 16.09
CA GLY C 319 3.68 -21.14 16.10
C GLY C 319 4.25 -21.22 17.51
N LYS C 320 5.10 -20.28 17.87
CA LYS C 320 5.68 -20.28 19.19
C LYS C 320 4.78 -19.46 20.11
N GLY C 321 3.80 -18.78 19.51
CA GLY C 321 2.88 -17.96 20.28
C GLY C 321 2.04 -18.77 21.24
N THR C 322 1.66 -19.95 20.81
CA THR C 322 0.86 -20.85 21.63
C THR C 322 1.69 -21.41 22.78
N ASP C 323 2.96 -21.71 22.48
CA ASP C 323 3.87 -22.25 23.47
C ASP C 323 4.15 -21.25 24.59
N ILE C 324 4.39 -20.00 24.19
CA ILE C 324 4.68 -18.94 25.15
C ILE C 324 3.46 -18.58 26.00
N ARG C 325 2.28 -18.72 25.42
CA ARG C 325 1.06 -18.40 26.12
C ARG C 325 0.77 -19.47 27.15
N ARG C 326 1.15 -20.70 26.82
CA ARG C 326 0.97 -21.83 27.72
C ARG C 326 2.02 -21.74 28.83
N ASP C 327 3.16 -21.17 28.50
CA ASP C 327 4.25 -21.01 29.44
C ASP C 327 3.83 -19.95 30.44
N LEU C 328 3.23 -18.87 29.95
CA LEU C 328 2.77 -17.81 30.82
C LEU C 328 1.74 -18.32 31.81
N MET C 329 0.72 -19.03 31.33
CA MET C 329 -0.31 -19.57 32.22
C MET C 329 0.19 -20.71 33.07
N ASP C 330 1.41 -21.16 32.84
CA ASP C 330 1.96 -22.22 33.66
C ASP C 330 2.73 -21.57 34.79
N LYS C 331 3.70 -20.74 34.42
CA LYS C 331 4.56 -20.06 35.37
C LYS C 331 3.94 -18.89 36.13
N CYS C 332 2.84 -18.38 35.57
CA CYS C 332 2.13 -17.26 36.15
C CYS C 332 0.66 -17.53 36.31
N HIS C 333 0.05 -16.74 37.17
CA HIS C 333 -1.37 -16.85 37.44
C HIS C 333 -2.06 -15.66 36.77
N LEU C 334 -2.36 -15.83 35.48
CA LEU C 334 -3.03 -14.77 34.71
C LEU C 334 -4.45 -14.79 35.23
N HIS C 335 -4.90 -13.68 35.77
CA HIS C 335 -6.25 -13.64 36.31
C HIS C 335 -7.18 -12.65 35.63
N THR C 336 -6.63 -11.61 35.01
CA THR C 336 -7.48 -10.62 34.39
C THR C 336 -6.98 -10.13 33.04
N ILE C 337 -7.91 -9.95 32.12
CA ILE C 337 -7.57 -9.45 30.80
C ILE C 337 -8.53 -8.32 30.44
N LEU C 338 -7.96 -7.14 30.18
CA LEU C 338 -8.73 -5.97 29.83
C LEU C 338 -8.54 -5.67 28.34
N ARG C 339 -9.62 -5.75 27.57
CA ARG C 339 -9.57 -5.50 26.14
C ARG C 339 -9.88 -4.03 25.91
N LEU C 340 -8.87 -3.26 25.58
CA LEU C 340 -9.02 -1.82 25.38
C LEU C 340 -9.76 -1.40 24.11
N PRO C 341 -10.32 -0.17 24.11
CA PRO C 341 -11.05 0.34 22.95
C PRO C 341 -10.07 0.66 21.85
N THR C 342 -10.56 1.30 20.79
CA THR C 342 -9.69 1.69 19.69
C THR C 342 -9.69 3.21 19.58
N GLY C 343 -8.59 3.74 19.07
CA GLY C 343 -8.46 5.18 18.92
C GLY C 343 -8.05 5.93 20.17
N ILE C 344 -7.50 5.22 21.15
CA ILE C 344 -7.06 5.84 22.38
C ILE C 344 -5.55 6.03 22.30
N PHE C 345 -4.96 5.41 21.29
CA PHE C 345 -3.51 5.52 21.08
C PHE C 345 -3.24 6.43 19.89
N TYR C 346 -2.13 7.16 19.96
CA TYR C 346 -1.73 8.05 18.87
C TYR C 346 -1.75 7.31 17.55
N ALA C 347 -1.62 5.99 17.61
CA ALA C 347 -1.68 5.16 16.42
C ALA C 347 -3.15 5.21 15.98
N GLN C 348 -3.77 4.06 15.77
CA GLN C 348 -5.18 4.07 15.37
C GLN C 348 -5.75 2.67 15.14
N GLY C 349 -5.32 2.05 14.05
CA GLY C 349 -5.79 0.72 13.71
C GLY C 349 -5.08 -0.38 14.49
N VAL C 350 -5.12 -0.27 15.81
CA VAL C 350 -4.49 -1.26 16.67
C VAL C 350 -5.46 -1.72 17.73
N LYS C 351 -5.21 -2.92 18.24
CA LYS C 351 -6.04 -3.49 19.28
C LYS C 351 -5.12 -3.83 20.44
N THR C 352 -5.42 -3.27 21.61
CA THR C 352 -4.57 -3.51 22.76
C THR C 352 -5.29 -4.06 23.98
N ASN C 353 -4.54 -4.76 24.81
CA ASN C 353 -5.10 -5.31 26.02
C ASN C 353 -4.14 -5.09 27.18
N VAL C 354 -4.57 -5.46 28.38
CA VAL C 354 -3.74 -5.36 29.56
C VAL C 354 -3.87 -6.67 30.30
N LEU C 355 -2.78 -7.42 30.43
CA LEU C 355 -2.82 -8.69 31.15
C LEU C 355 -2.38 -8.45 32.58
N PHE C 356 -3.12 -9.02 33.52
CA PHE C 356 -2.79 -8.90 34.93
C PHE C 356 -2.51 -10.30 35.44
N PHE C 357 -1.34 -10.50 36.04
CA PHE C 357 -0.99 -11.82 36.53
C PHE C 357 0.05 -11.79 37.61
N THR C 358 0.14 -12.92 38.33
CA THR C 358 1.07 -13.09 39.43
C THR C 358 2.10 -14.19 39.10
N LYS C 359 3.35 -13.99 39.54
CA LYS C 359 4.40 -14.98 39.33
C LYS C 359 4.11 -16.12 40.34
N GLY C 360 3.74 -17.30 39.86
CA GLY C 360 3.40 -18.38 40.76
C GLY C 360 2.05 -18.03 41.34
N THR C 361 1.77 -18.45 42.57
CA THR C 361 0.48 -18.10 43.17
C THR C 361 0.73 -17.53 44.58
N VAL C 362 -0.21 -16.76 45.08
CA VAL C 362 -0.05 -16.19 46.41
C VAL C 362 0.20 -17.31 47.42
N ALA C 363 -0.53 -18.41 47.30
CA ALA C 363 -0.35 -19.50 48.24
C ALA C 363 0.99 -20.23 48.05
N ASN C 364 1.39 -20.40 46.79
CA ASN C 364 2.63 -21.09 46.46
C ASN C 364 3.43 -20.26 45.48
N PRO C 365 4.18 -19.28 46.00
CA PRO C 365 5.01 -18.36 45.24
C PRO C 365 5.99 -19.02 44.30
N ASN C 366 6.21 -20.32 44.47
CA ASN C 366 7.19 -20.97 43.61
C ASN C 366 6.62 -21.98 42.65
N GLN C 367 5.31 -22.13 42.64
CA GLN C 367 4.66 -23.09 41.76
C GLN C 367 5.12 -22.90 40.31
N ASP C 368 5.48 -24.02 39.70
CA ASP C 368 5.98 -24.05 38.32
C ASP C 368 4.93 -24.35 37.26
N LYS C 369 3.84 -24.97 37.67
CA LYS C 369 2.82 -25.36 36.73
C LYS C 369 1.40 -25.18 37.23
N ASN C 370 0.47 -25.20 36.28
CA ASN C 370 -0.94 -25.07 36.56
C ASN C 370 -1.32 -23.91 37.46
N CYS C 371 -0.58 -22.82 37.38
CA CYS C 371 -0.85 -21.66 38.21
C CYS C 371 -2.15 -20.96 37.86
N THR C 372 -2.45 -20.93 36.58
CA THR C 372 -3.66 -20.29 36.12
C THR C 372 -4.82 -21.24 36.19
N ASP C 373 -5.95 -20.76 36.71
CA ASP C 373 -7.17 -21.55 36.80
C ASP C 373 -8.33 -20.80 36.14
N ASP C 374 -8.74 -19.69 36.72
CA ASP C 374 -9.82 -18.92 36.14
C ASP C 374 -9.33 -17.60 35.62
N VAL C 375 -9.69 -17.28 34.38
CA VAL C 375 -9.28 -16.02 33.80
C VAL C 375 -10.49 -15.12 33.59
N TRP C 376 -10.44 -13.93 34.17
CA TRP C 376 -11.50 -12.93 34.03
C TRP C 376 -11.16 -11.97 32.92
N VAL C 377 -12.13 -11.73 32.04
CA VAL C 377 -11.94 -10.83 30.92
C VAL C 377 -12.95 -9.69 30.98
N TYR C 378 -12.50 -8.47 30.71
CA TYR C 378 -13.39 -7.31 30.72
C TYR C 378 -13.37 -6.65 29.36
N ASP C 379 -14.48 -6.75 28.64
CA ASP C 379 -14.60 -6.17 27.30
C ASP C 379 -14.89 -4.69 27.40
N LEU C 380 -13.87 -3.85 27.23
CA LEU C 380 -14.09 -2.41 27.27
C LEU C 380 -13.82 -1.87 25.85
N ARG C 381 -13.94 -2.73 24.85
CA ARG C 381 -13.68 -2.34 23.46
C ARG C 381 -14.90 -2.35 22.54
N THR C 382 -15.54 -3.50 22.38
CA THR C 382 -16.67 -3.58 21.48
C THR C 382 -17.83 -2.71 21.93
N ASN C 383 -18.42 -2.02 20.96
CA ASN C 383 -19.55 -1.13 21.21
C ASN C 383 -19.20 -0.01 22.19
N MET C 384 -18.10 0.67 21.91
CA MET C 384 -17.63 1.76 22.74
C MET C 384 -17.67 3.04 21.93
N PRO C 385 -17.76 4.19 22.62
CA PRO C 385 -17.78 5.50 21.96
C PRO C 385 -16.49 5.82 21.25
N SER C 386 -16.55 6.05 19.94
CA SER C 386 -15.37 6.35 19.13
C SER C 386 -14.49 7.46 19.77
N PHE C 387 -13.44 7.05 20.47
CA PHE C 387 -12.57 8.02 21.13
C PHE C 387 -11.71 8.87 20.20
N GLY C 388 -11.46 10.11 20.62
CA GLY C 388 -10.66 11.02 19.84
C GLY C 388 -10.55 12.32 20.61
N LYS C 389 -10.01 13.37 19.98
CA LYS C 389 -9.88 14.66 20.66
C LYS C 389 -11.27 15.16 20.99
N ARG C 390 -12.25 14.67 20.24
CA ARG C 390 -13.64 15.05 20.45
C ARG C 390 -14.18 14.23 21.62
N THR C 391 -13.99 12.91 21.53
CA THR C 391 -14.43 11.98 22.58
C THR C 391 -13.18 11.47 23.29
N PRO C 392 -12.73 12.18 24.34
CA PRO C 392 -11.55 11.84 25.13
C PRO C 392 -11.75 10.63 26.03
N PHE C 393 -10.68 9.85 26.19
CA PHE C 393 -10.68 8.65 27.04
C PHE C 393 -10.27 9.13 28.43
N THR C 394 -11.18 9.04 29.40
CA THR C 394 -10.89 9.49 30.76
C THR C 394 -10.90 8.37 31.79
N ASP C 395 -10.61 8.73 33.03
CA ASP C 395 -10.59 7.78 34.12
C ASP C 395 -11.98 7.23 34.36
N GLU C 396 -12.99 7.98 33.95
CA GLU C 396 -14.37 7.57 34.11
C GLU C 396 -14.65 6.26 33.35
N HIS C 397 -14.01 6.10 32.21
CA HIS C 397 -14.21 4.89 31.41
C HIS C 397 -13.61 3.64 32.04
N LEU C 398 -12.68 3.83 32.96
CA LEU C 398 -12.02 2.73 33.62
C LEU C 398 -12.54 2.38 35.02
N GLN C 399 -13.33 3.27 35.62
CA GLN C 399 -13.88 3.03 36.96
C GLN C 399 -14.72 1.75 37.11
N PRO C 400 -15.57 1.43 36.12
CA PRO C 400 -16.38 0.21 36.25
C PRO C 400 -15.50 -1.02 36.35
N PHE C 401 -14.51 -1.09 35.46
CA PHE C 401 -13.59 -2.21 35.44
C PHE C 401 -12.81 -2.29 36.74
N GLU C 402 -12.29 -1.17 37.22
CA GLU C 402 -11.55 -1.23 38.44
C GLU C 402 -12.44 -1.61 39.64
N ARG C 403 -13.73 -1.33 39.56
CA ARG C 403 -14.63 -1.72 40.63
C ARG C 403 -14.76 -3.23 40.71
N VAL C 404 -15.17 -3.86 39.62
CA VAL C 404 -15.34 -5.30 39.60
C VAL C 404 -14.02 -6.03 39.84
N TYR C 405 -12.92 -5.43 39.40
CA TYR C 405 -11.59 -6.01 39.57
C TYR C 405 -11.30 -6.45 41.00
N GLY C 406 -11.62 -5.60 41.96
CA GLY C 406 -11.39 -5.91 43.36
C GLY C 406 -10.32 -5.01 43.93
N GLU C 407 -10.15 -5.02 45.25
CA GLU C 407 -9.14 -4.15 45.88
C GLU C 407 -7.83 -4.90 46.15
N ASP C 408 -7.85 -6.20 45.92
CA ASP C 408 -6.67 -7.00 46.11
C ASP C 408 -5.82 -6.95 44.86
N PRO C 409 -4.55 -6.54 45.00
CA PRO C 409 -3.59 -6.42 43.91
C PRO C 409 -3.25 -7.73 43.20
N HIS C 410 -3.65 -8.85 43.81
CA HIS C 410 -3.40 -10.15 43.20
C HIS C 410 -4.67 -10.68 42.57
N GLY C 411 -5.68 -9.83 42.44
CA GLY C 411 -6.93 -10.24 41.84
C GLY C 411 -7.59 -11.40 42.56
N LEU C 412 -7.49 -11.39 43.88
CA LEU C 412 -8.08 -12.44 44.68
C LEU C 412 -9.34 -11.97 45.41
N SER C 413 -9.70 -10.71 45.20
CA SER C 413 -10.91 -10.20 45.83
C SER C 413 -12.10 -10.95 45.22
N PRO C 414 -13.17 -11.17 46.00
CA PRO C 414 -14.32 -11.89 45.44
C PRO C 414 -14.86 -11.22 44.18
N ARG C 415 -15.15 -12.03 43.16
CA ARG C 415 -15.66 -11.55 41.88
C ARG C 415 -16.88 -12.36 41.44
N THR C 416 -17.78 -11.68 40.72
CA THR C 416 -18.99 -12.33 40.22
C THR C 416 -19.29 -11.76 38.86
N GLU C 417 -19.41 -12.62 37.86
CA GLU C 417 -19.69 -12.15 36.50
C GLU C 417 -20.89 -11.22 36.54
N GLY C 418 -20.87 -10.19 35.70
CA GLY C 418 -21.98 -9.27 35.68
C GLY C 418 -21.62 -7.81 35.73
N GLU C 419 -21.50 -7.20 34.56
CA GLU C 419 -21.19 -5.79 34.46
C GLU C 419 -21.71 -5.33 33.12
N TRP C 420 -22.69 -4.42 33.15
CA TRP C 420 -23.29 -3.94 31.91
C TRP C 420 -23.20 -2.45 31.69
N SER C 421 -21.98 -1.92 31.69
CA SER C 421 -21.81 -0.50 31.48
C SER C 421 -21.76 -0.18 29.99
N PHE C 422 -21.56 1.10 29.67
CA PHE C 422 -21.50 1.56 28.29
C PHE C 422 -22.45 0.83 27.34
N ASN C 423 -23.72 0.75 27.74
CA ASN C 423 -24.75 0.09 26.93
C ASN C 423 -24.38 -1.32 26.56
N ALA C 424 -24.03 -2.12 27.54
CA ALA C 424 -23.65 -3.50 27.29
C ALA C 424 -24.89 -4.31 26.91
N GLU C 425 -26.03 -3.92 27.46
CA GLU C 425 -27.29 -4.62 27.20
C GLU C 425 -27.82 -4.43 25.79
N GLU C 426 -27.39 -3.34 25.14
CA GLU C 426 -27.83 -3.04 23.79
C GLU C 426 -26.81 -3.48 22.75
N THR C 427 -25.80 -4.22 23.19
CA THR C 427 -24.76 -4.70 22.28
C THR C 427 -25.14 -6.06 21.72
N GLU C 428 -24.79 -6.28 20.46
CA GLU C 428 -25.08 -7.55 19.79
C GLU C 428 -24.19 -8.67 20.34
N VAL C 429 -24.81 -9.79 20.72
CA VAL C 429 -24.10 -10.93 21.27
C VAL C 429 -23.60 -11.84 20.14
N ALA C 430 -22.34 -12.26 20.22
CA ALA C 430 -21.78 -13.14 19.19
C ALA C 430 -22.10 -14.59 19.48
N ASP C 431 -22.21 -15.38 18.41
CA ASP C 431 -22.49 -16.80 18.55
C ASP C 431 -21.17 -17.55 18.45
N SER C 432 -20.59 -17.87 19.60
CA SER C 432 -19.33 -18.58 19.65
C SER C 432 -19.22 -19.39 20.93
N GLU C 433 -18.20 -20.24 21.01
CA GLU C 433 -18.01 -21.08 22.18
C GLU C 433 -18.16 -20.31 23.49
N GLU C 434 -17.69 -19.06 23.50
CA GLU C 434 -17.77 -18.26 24.71
C GLU C 434 -19.20 -18.12 25.23
N ASN C 435 -20.15 -17.90 24.32
CA ASN C 435 -21.54 -17.74 24.71
C ASN C 435 -22.36 -19.01 24.69
N LYS C 436 -21.69 -20.15 24.54
CA LYS C 436 -22.40 -21.42 24.51
C LYS C 436 -22.98 -21.74 25.90
N ASN C 437 -24.25 -22.10 25.94
CA ASN C 437 -24.93 -22.43 27.19
C ASN C 437 -24.95 -21.25 28.15
N THR C 438 -24.94 -20.04 27.60
CA THR C 438 -24.95 -18.83 28.41
C THR C 438 -26.28 -18.09 28.29
N ASP C 439 -26.86 -17.71 29.43
CA ASP C 439 -28.14 -17.01 29.43
C ASP C 439 -28.04 -15.60 28.89
N GLN C 440 -29.17 -15.12 28.39
CA GLN C 440 -29.29 -13.80 27.81
C GLN C 440 -28.57 -12.68 28.55
N HIS C 441 -28.75 -12.62 29.87
CA HIS C 441 -28.14 -11.55 30.67
C HIS C 441 -26.62 -11.57 30.69
N LEU C 442 -26.05 -12.74 30.91
CA LEU C 442 -24.61 -12.89 30.98
C LEU C 442 -23.92 -12.66 29.63
N ALA C 443 -24.53 -13.16 28.57
CA ALA C 443 -23.96 -13.03 27.23
C ALA C 443 -23.82 -11.57 26.80
N THR C 444 -24.32 -10.64 27.60
CA THR C 444 -24.19 -9.25 27.23
C THR C 444 -23.32 -8.50 28.23
N SER C 445 -22.82 -9.22 29.22
CA SER C 445 -21.98 -8.63 30.26
C SER C 445 -20.58 -8.36 29.73
N ARG C 446 -19.98 -7.27 30.16
CA ARG C 446 -18.63 -6.92 29.75
C ARG C 446 -17.62 -7.63 30.67
N TRP C 447 -18.12 -8.20 31.75
CA TRP C 447 -17.31 -8.90 32.75
C TRP C 447 -17.70 -10.38 32.81
N ARG C 448 -16.81 -11.23 32.33
CA ARG C 448 -17.03 -12.68 32.31
C ARG C 448 -15.77 -13.49 32.63
N LYS C 449 -15.95 -14.67 33.22
CA LYS C 449 -14.82 -15.54 33.57
C LYS C 449 -14.78 -16.78 32.70
N PHE C 450 -13.58 -17.29 32.45
CA PHE C 450 -13.40 -18.49 31.64
C PHE C 450 -12.38 -19.42 32.31
N SER C 451 -12.70 -20.70 32.33
CA SER C 451 -11.81 -21.66 32.97
C SER C 451 -10.59 -22.03 32.14
N ARG C 452 -9.57 -22.55 32.81
CA ARG C 452 -8.35 -22.95 32.14
C ARG C 452 -8.63 -24.08 31.17
N GLU C 453 -9.43 -25.06 31.61
CA GLU C 453 -9.75 -26.18 30.75
C GLU C 453 -10.53 -25.70 29.54
N TRP C 454 -11.36 -24.69 29.72
CA TRP C 454 -12.14 -24.18 28.60
C TRP C 454 -11.19 -23.54 27.60
N ILE C 455 -10.32 -22.65 28.08
CA ILE C 455 -9.35 -22.01 27.19
C ILE C 455 -8.53 -23.06 26.47
N ARG C 456 -8.16 -24.11 27.18
CA ARG C 456 -7.37 -25.19 26.59
C ARG C 456 -8.11 -25.88 25.45
N THR C 457 -9.32 -26.33 25.75
CA THR C 457 -10.18 -27.03 24.82
C THR C 457 -10.78 -26.18 23.71
N ALA C 458 -11.81 -25.42 24.08
CA ALA C 458 -12.49 -24.55 23.13
C ALA C 458 -11.54 -23.63 22.40
N LYS C 459 -10.78 -22.84 23.16
CA LYS C 459 -9.87 -21.89 22.57
C LYS C 459 -8.51 -22.40 22.12
N SER C 460 -8.23 -23.67 22.34
CA SER C 460 -6.95 -24.23 21.93
C SER C 460 -5.82 -23.35 22.46
N ASP C 461 -5.95 -22.95 23.71
CA ASP C 461 -4.96 -22.10 24.35
C ASP C 461 -4.70 -20.78 23.64
N SER C 462 -5.77 -20.06 23.41
CA SER C 462 -5.70 -18.74 22.80
C SER C 462 -6.43 -17.83 23.77
N LEU C 463 -5.85 -16.67 24.02
CA LEU C 463 -6.47 -15.73 24.95
C LEU C 463 -7.22 -14.62 24.24
N ASP C 464 -7.47 -14.80 22.95
CA ASP C 464 -8.21 -13.81 22.17
C ASP C 464 -9.68 -14.13 22.39
N ILE C 465 -10.12 -13.96 23.63
CA ILE C 465 -11.48 -14.25 24.05
C ILE C 465 -12.42 -13.07 23.86
N SER C 466 -13.47 -13.31 23.08
CA SER C 466 -14.44 -12.28 22.78
C SER C 466 -15.83 -12.90 22.66
N TRP C 467 -16.85 -12.21 23.14
CA TRP C 467 -18.21 -12.74 23.07
C TRP C 467 -19.22 -11.65 22.76
N LEU C 468 -19.06 -9.89 22.36
CA LEU C 468 -20.09 -8.99 21.91
C LEU C 468 -19.87 -8.36 20.57
N LYS C 469 -20.94 -8.40 19.72
CA LYS C 469 -21.02 -7.74 18.44
C LYS C 469 -21.26 -6.27 18.56
N ASP C 470 -22.17 -5.86 19.49
CA ASP C 470 -22.55 -4.48 19.65
C ASP C 470 -22.87 -3.91 18.29
N LYS C 471 -23.82 -4.55 17.57
CA LYS C 471 -24.18 -4.12 16.26
C LYS C 471 -24.75 -2.74 16.35
N ASP C 472 -24.47 -1.89 15.34
CA ASP C 472 -25.00 -0.58 15.38
C ASP C 472 -26.23 -0.56 14.54
N SER C 473 -27.38 -0.86 15.16
CA SER C 473 -28.62 -0.83 14.43
C SER C 473 -29.71 -0.56 15.42
N ILE C 474 -30.85 -0.06 14.94
CA ILE C 474 -31.94 0.16 15.85
C ILE C 474 -33.01 -0.82 15.53
N ASP C 475 -33.29 -1.72 16.48
CA ASP C 475 -34.29 -2.73 16.25
C ASP C 475 -35.09 -2.82 17.50
N ALA C 476 -36.39 -3.15 17.39
CA ALA C 476 -37.19 -3.27 18.57
C ALA C 476 -36.62 -4.41 19.35
N ASP C 477 -36.66 -4.31 20.69
CA ASP C 477 -36.08 -5.34 21.51
C ASP C 477 -37.17 -6.20 22.08
N SER C 478 -37.81 -7.03 21.24
CA SER C 478 -38.80 -7.90 21.78
C SER C 478 -38.41 -9.29 21.42
N LEU C 479 -38.09 -10.13 22.43
CA LEU C 479 -37.72 -11.47 22.09
C LEU C 479 -38.04 -12.37 23.23
N PRO C 480 -38.14 -13.63 22.90
CA PRO C 480 -38.36 -14.63 23.91
C PRO C 480 -37.08 -14.86 24.63
N GLU C 481 -37.13 -15.38 25.87
CA GLU C 481 -35.93 -15.60 26.63
C GLU C 481 -35.11 -16.65 25.94
N PRO C 482 -35.72 -17.71 25.48
CA PRO C 482 -34.93 -18.73 24.84
C PRO C 482 -34.31 -18.23 23.58
N ASP C 483 -34.97 -17.27 22.90
CA ASP C 483 -34.43 -16.75 21.68
C ASP C 483 -33.16 -16.03 21.99
N VAL C 484 -33.19 -15.21 23.05
CA VAL C 484 -32.07 -14.41 23.43
C VAL C 484 -30.95 -15.29 23.85
N LEU C 485 -31.25 -16.39 24.54
CA LEU C 485 -30.23 -17.25 25.06
C LEU C 485 -29.41 -17.76 23.92
N ALA C 486 -30.06 -18.21 22.83
CA ALA C 486 -29.27 -18.71 21.74
C ALA C 486 -29.03 -17.59 20.79
N ALA C 487 -27.76 -17.17 20.66
CA ALA C 487 -27.41 -16.08 19.81
C ALA C 487 -27.69 -16.46 18.39
N GLU C 488 -27.33 -17.69 18.02
CA GLU C 488 -27.48 -18.19 16.69
C GLU C 488 -28.93 -18.30 16.35
N ALA C 489 -29.76 -18.66 17.34
CA ALA C 489 -31.16 -18.88 17.17
C ALA C 489 -31.79 -17.61 16.71
N MET C 490 -31.22 -16.47 17.13
CA MET C 490 -31.83 -15.19 16.86
C MET C 490 -32.04 -15.02 15.39
N GLY C 491 -31.09 -15.44 14.55
CA GLY C 491 -31.27 -15.21 13.15
C GLY C 491 -32.52 -15.89 12.67
N GLU C 492 -32.74 -17.15 13.08
CA GLU C 492 -33.90 -17.85 12.62
C GLU C 492 -35.15 -17.23 13.18
N LEU C 493 -35.15 -16.91 14.48
CA LEU C 493 -36.33 -16.36 15.08
C LEU C 493 -36.63 -15.03 14.48
N VAL C 494 -35.59 -14.21 14.26
CA VAL C 494 -35.77 -12.87 13.75
C VAL C 494 -36.39 -12.94 12.39
N GLN C 495 -36.03 -13.96 11.60
CA GLN C 495 -36.52 -14.04 10.25
C GLN C 495 -38.02 -14.08 10.29
N ALA C 496 -38.59 -14.80 11.26
CA ALA C 496 -40.01 -14.93 11.38
C ALA C 496 -40.61 -13.58 11.64
N LEU C 497 -39.89 -12.74 12.43
CA LEU C 497 -40.39 -11.44 12.77
C LEU C 497 -40.55 -10.60 11.55
N SER C 498 -39.63 -10.72 10.57
CA SER C 498 -39.69 -9.88 9.42
C SER C 498 -41.00 -10.01 8.72
N GLU C 499 -41.48 -11.26 8.53
CA GLU C 499 -42.72 -11.49 7.84
C GLU C 499 -43.84 -10.93 8.65
N LEU C 500 -43.75 -11.06 9.98
CA LEU C 500 -44.80 -10.65 10.87
C LEU C 500 -45.05 -9.19 10.73
N ASP C 501 -43.98 -8.39 10.59
CA ASP C 501 -44.13 -6.97 10.50
C ASP C 501 -44.95 -6.63 9.30
N ALA C 502 -44.73 -7.34 8.17
CA ALA C 502 -45.44 -7.04 6.97
C ALA C 502 -46.90 -7.25 7.19
N LEU C 503 -47.27 -8.35 7.85
CA LEU C 503 -48.65 -8.67 8.07
C LEU C 503 -49.25 -7.64 8.98
N MET C 504 -48.48 -7.20 9.99
CA MET C 504 -48.96 -6.26 10.96
C MET C 504 -49.32 -4.99 10.26
N ARG C 505 -48.52 -4.59 9.26
CA ARG C 505 -48.76 -3.34 8.59
C ARG C 505 -50.12 -3.40 7.95
N GLU C 506 -50.46 -4.53 7.30
CA GLU C 506 -51.73 -4.62 6.65
C GLU C 506 -52.80 -4.53 7.71
N LEU C 507 -52.59 -5.21 8.85
CA LEU C 507 -53.55 -5.22 9.90
C LEU C 507 -53.71 -3.83 10.44
N GLY C 508 -52.61 -3.08 10.59
CA GLY C 508 -52.73 -1.76 11.12
C GLY C 508 -52.75 -1.87 12.61
N ALA C 509 -52.15 -2.96 13.16
CA ALA C 509 -52.14 -3.13 14.57
C ALA C 509 -51.38 -1.98 15.15
N SER C 510 -51.80 -1.56 16.37
CA SER C 510 -51.17 -0.43 17.01
C SER C 510 -49.85 -0.86 17.56
N ASP C 511 -48.98 0.12 17.87
CA ASP C 511 -47.70 -0.20 18.40
C ASP C 511 -47.82 -0.37 19.88
N GLU C 512 -48.19 -1.59 20.30
CA GLU C 512 -48.31 -1.84 21.71
C GLU C 512 -47.67 -3.16 21.99
N ALA C 513 -47.16 -3.32 23.22
CA ALA C 513 -46.47 -4.51 23.62
C ALA C 513 -47.44 -5.66 23.58
N ASP C 514 -48.68 -5.43 24.04
CA ASP C 514 -49.64 -6.50 24.11
C ASP C 514 -49.88 -7.04 22.75
N LEU C 515 -49.98 -6.15 21.74
CA LEU C 515 -50.25 -6.61 20.40
C LEU C 515 -49.13 -7.47 19.94
N GLN C 516 -47.88 -7.07 20.24
CA GLN C 516 -46.74 -7.81 19.77
C GLN C 516 -46.76 -9.17 20.40
N ARG C 517 -47.09 -9.23 21.70
CA ARG C 517 -47.06 -10.48 22.41
C ARG C 517 -48.05 -11.43 21.80
N GLN C 518 -49.24 -10.92 21.44
CA GLN C 518 -50.27 -11.80 20.93
C GLN C 518 -49.80 -12.44 19.67
N LEU C 519 -49.19 -11.65 18.76
CA LEU C 519 -48.75 -12.17 17.49
C LEU C 519 -47.65 -13.14 17.70
N LEU C 520 -46.72 -12.82 18.62
CA LEU C 520 -45.56 -13.63 18.87
C LEU C 520 -46.00 -14.96 19.37
N GLU C 521 -47.11 -14.99 20.12
CA GLU C 521 -47.54 -16.23 20.70
C GLU C 521 -47.74 -17.24 19.63
N GLU C 522 -48.46 -16.88 18.54
CA GLU C 522 -48.67 -17.81 17.47
C GLU C 522 -47.45 -18.00 16.61
N ALA C 523 -46.82 -16.88 16.18
CA ALA C 523 -45.72 -16.93 15.25
C ALA C 523 -44.55 -17.63 15.84
N PHE C 524 -44.23 -17.33 17.11
CA PHE C 524 -43.09 -17.88 17.78
C PHE C 524 -43.24 -19.37 17.86
N GLY C 525 -44.43 -19.83 18.25
CA GLY C 525 -44.68 -21.24 18.44
C GLY C 525 -44.52 -21.95 17.13
N GLY C 526 -44.94 -21.32 16.02
CA GLY C 526 -44.91 -21.98 14.75
C GLY C 526 -43.51 -22.36 14.40
N VAL C 527 -42.55 -21.47 14.66
CA VAL C 527 -41.19 -21.74 14.31
C VAL C 527 -40.71 -22.95 15.06
N LYS C 528 -41.11 -23.07 16.33
CA LYS C 528 -40.64 -24.15 17.14
C LYS C 528 -41.02 -25.43 16.48
N GLU C 529 -42.24 -25.50 15.91
CA GLU C 529 -42.68 -26.70 15.26
C GLU C 529 -41.65 -27.12 14.21
N MET D 6 7.55 8.37 1.19
CA MET D 6 6.56 9.41 0.70
C MET D 6 5.35 9.37 1.62
N THR D 7 4.81 10.52 1.99
CA THR D 7 3.68 10.56 2.89
C THR D 7 2.42 11.16 2.29
N TYR D 8 1.32 10.92 2.96
CA TYR D 8 0.03 11.44 2.54
C TYR D 8 0.14 13.00 2.59
N ASN D 9 0.78 13.52 3.65
CA ASN D 9 0.91 15.02 3.74
C ASN D 9 1.67 15.59 2.58
N ASN D 10 2.61 14.83 1.97
CA ASN D 10 3.36 15.34 0.81
C ASN D 10 2.37 15.47 -0.36
N VAL D 11 1.55 14.43 -0.64
CA VAL D 11 0.56 14.50 -1.72
C VAL D 11 -0.49 15.59 -1.45
N PHE D 12 -0.97 15.67 -0.20
CA PHE D 12 -1.94 16.66 0.12
C PHE D 12 -1.33 18.08 -0.06
N ASP D 13 -0.06 18.27 0.31
CA ASP D 13 0.54 19.61 0.16
C ASP D 13 0.70 19.96 -1.33
N HIS D 14 0.56 18.94 -2.20
CA HIS D 14 0.74 19.17 -3.65
C HIS D 14 -0.62 19.64 -4.20
N ALA D 15 -1.68 18.84 -4.02
CA ALA D 15 -3.04 19.26 -4.53
C ALA D 15 -3.50 20.60 -3.96
N TYR D 16 -3.17 20.85 -2.69
CA TYR D 16 -3.52 22.12 -2.01
C TYR D 16 -2.92 23.30 -2.72
N GLU D 17 -1.68 23.14 -3.12
CA GLU D 17 -0.98 24.23 -3.87
C GLU D 17 -1.47 24.34 -5.31
N MET D 18 -1.92 23.25 -5.89
CA MET D 18 -2.40 23.32 -7.25
C MET D 18 -3.73 24.05 -7.31
N LEU D 19 -4.56 23.81 -6.28
CA LEU D 19 -5.95 24.30 -6.25
C LEU D 19 -5.77 25.82 -6.09
N LYS D 20 -4.80 26.25 -5.26
CA LYS D 20 -4.48 27.68 -5.04
C LYS D 20 -4.17 28.34 -6.37
N GLU D 21 -3.30 27.68 -7.14
CA GLU D 21 -2.98 28.15 -8.48
C GLU D 21 -4.24 28.22 -9.38
N ASN D 22 -4.96 27.12 -9.52
CA ASN D 22 -6.16 27.02 -10.38
C ASN D 22 -7.21 28.11 -9.95
N ILE D 23 -7.26 28.39 -8.65
CA ILE D 23 -8.19 29.40 -8.17
C ILE D 23 -7.84 30.76 -8.76
N ARG D 24 -6.55 31.10 -8.73
CA ARG D 24 -6.10 32.37 -9.31
C ARG D 24 -6.25 32.44 -10.81
N TYR D 25 -5.87 31.37 -11.48
CA TYR D 25 -5.93 31.42 -12.94
C TYR D 25 -7.34 31.68 -13.47
N ASP D 26 -8.36 31.21 -12.78
CA ASP D 26 -9.75 31.40 -13.28
C ASP D 26 -10.60 32.37 -12.48
N ASP D 27 -9.97 33.12 -11.57
CA ASP D 27 -10.70 34.06 -10.67
C ASP D 27 -11.93 33.38 -10.06
N ILE D 28 -11.71 32.28 -9.34
CA ILE D 28 -12.86 31.54 -8.75
C ILE D 28 -13.21 32.21 -7.42
N ARG D 29 -14.50 32.47 -7.23
CA ARG D 29 -14.94 33.21 -6.05
C ARG D 29 -15.98 32.52 -5.19
N ASP D 30 -16.50 31.43 -5.70
CA ASP D 30 -17.62 30.72 -5.04
C ASP D 30 -17.41 29.21 -5.00
N THR D 31 -17.76 28.59 -3.88
CA THR D 31 -17.63 27.12 -3.77
C THR D 31 -18.44 26.36 -4.80
N ASP D 32 -19.47 26.99 -5.34
CA ASP D 32 -20.31 26.27 -6.27
C ASP D 32 -19.69 26.18 -7.65
N ASP D 33 -18.50 26.76 -7.78
CA ASP D 33 -17.75 26.79 -9.02
C ASP D 33 -16.37 26.13 -8.80
N LEU D 34 -16.22 25.40 -7.70
CA LEU D 34 -14.92 24.81 -7.32
C LEU D 34 -14.75 23.35 -7.66
N HIS D 35 -15.85 22.68 -7.95
CA HIS D 35 -15.80 21.24 -8.18
C HIS D 35 -14.67 20.78 -9.12
N ASP D 36 -14.62 21.34 -10.34
CA ASP D 36 -13.63 20.90 -11.28
C ASP D 36 -12.24 21.27 -10.85
N ALA D 37 -12.05 22.43 -10.23
CA ALA D 37 -10.68 22.76 -9.82
C ALA D 37 -10.11 21.77 -8.78
N ILE D 38 -10.96 21.35 -7.84
CA ILE D 38 -10.62 20.43 -6.73
C ILE D 38 -10.26 19.05 -7.29
N HIS D 39 -11.09 18.57 -8.20
CA HIS D 39 -10.86 17.23 -8.86
C HIS D 39 -9.66 17.19 -9.75
N MET D 40 -9.33 18.26 -10.50
CA MET D 40 -8.08 18.34 -11.31
C MET D 40 -6.86 18.40 -10.41
N ALA D 41 -7.02 19.04 -9.25
CA ALA D 41 -5.93 19.22 -8.29
C ALA D 41 -5.48 17.84 -7.78
N ALA D 42 -6.46 17.03 -7.41
CA ALA D 42 -6.14 15.66 -7.02
C ALA D 42 -5.34 14.88 -8.17
N ASP D 43 -5.84 15.02 -9.39
CA ASP D 43 -5.27 14.32 -10.53
C ASP D 43 -3.81 14.62 -10.64
N ASN D 44 -3.50 15.87 -10.47
CA ASN D 44 -2.12 16.26 -10.53
C ASN D 44 -1.25 15.81 -9.33
N ALA D 45 -1.85 15.57 -8.17
CA ALA D 45 -1.12 15.20 -6.98
C ALA D 45 -1.10 13.67 -6.72
N VAL D 46 -1.98 12.88 -7.28
CA VAL D 46 -1.97 11.43 -6.99
C VAL D 46 -0.65 10.87 -7.47
N PRO D 47 -0.06 9.97 -6.71
CA PRO D 47 1.23 9.45 -7.07
C PRO D 47 1.09 8.53 -8.28
N HIS D 48 2.17 8.36 -9.01
CA HIS D 48 2.15 7.45 -10.10
C HIS D 48 2.95 6.10 -9.90
N TYR D 49 3.98 6.13 -9.08
CA TYR D 49 4.75 4.91 -8.94
C TYR D 49 4.04 3.89 -8.06
N TYR D 50 4.41 2.63 -8.13
CA TYR D 50 3.78 1.61 -7.24
C TYR D 50 4.11 1.89 -5.79
N ALA D 51 5.41 1.96 -5.45
CA ALA D 51 5.78 2.09 -4.05
C ALA D 51 5.27 3.37 -3.43
N ASP D 52 5.26 4.46 -4.22
CA ASP D 52 4.79 5.75 -3.72
C ASP D 52 3.32 5.61 -3.33
N ILE D 53 2.53 4.94 -4.16
CA ILE D 53 1.13 4.73 -3.83
C ILE D 53 1.02 3.87 -2.49
N PHE D 54 1.79 2.77 -2.41
CA PHE D 54 1.82 1.97 -1.20
C PHE D 54 2.36 2.81 0.00
N SER D 55 3.37 3.66 -0.21
CA SER D 55 3.96 4.41 0.93
C SER D 55 2.95 5.41 1.50
N VAL D 56 2.16 5.98 0.58
CA VAL D 56 1.13 6.96 0.92
C VAL D 56 0.08 6.25 1.73
N MET D 57 -0.35 5.05 1.33
CA MET D 57 -1.35 4.25 2.07
C MET D 57 -0.84 3.84 3.48
N ALA D 58 0.47 3.71 3.64
CA ALA D 58 1.11 3.38 4.92
C ALA D 58 1.20 4.58 5.89
N SER D 59 0.98 5.82 5.41
CA SER D 59 1.23 6.96 6.27
C SER D 59 -0.01 7.55 6.90
N GLU D 60 0.24 8.56 7.74
CA GLU D 60 -0.76 9.23 8.51
C GLU D 60 -1.77 10.04 7.69
N GLY D 61 -3.05 9.99 8.03
CA GLY D 61 -4.05 10.79 7.39
C GLY D 61 -5.06 10.15 6.45
N ILE D 62 -4.94 8.85 6.17
CA ILE D 62 -5.85 8.25 5.26
C ILE D 62 -6.10 6.80 5.66
N ASP D 63 -7.39 6.48 5.72
CA ASP D 63 -7.79 5.05 5.87
C ASP D 63 -8.22 4.31 4.58
N LEU D 64 -8.38 3.00 4.67
CA LEU D 64 -8.73 2.18 3.51
C LEU D 64 -10.21 2.25 3.07
N GLU D 65 -11.11 2.60 3.98
CA GLU D 65 -12.53 2.61 3.64
C GLU D 65 -12.93 3.83 2.83
N PHE D 66 -13.82 3.66 1.86
CA PHE D 66 -14.42 4.75 1.10
C PHE D 66 -15.57 5.39 1.82
N GLU D 67 -15.69 6.70 1.64
CA GLU D 67 -16.82 7.44 2.18
C GLU D 67 -18.07 7.25 1.31
N ASP D 68 -17.89 7.37 -0.02
CA ASP D 68 -18.98 7.14 -1.03
C ASP D 68 -18.48 6.00 -1.94
N SER D 69 -19.18 4.86 -1.90
CA SER D 69 -18.78 3.65 -2.60
C SER D 69 -18.92 3.83 -4.12
N GLY D 70 -19.67 4.85 -4.52
CA GLY D 70 -19.73 5.20 -5.92
C GLY D 70 -18.42 5.67 -6.52
N LEU D 71 -17.45 6.08 -5.67
CA LEU D 71 -16.19 6.54 -6.18
C LEU D 71 -15.20 5.34 -6.15
N MET D 72 -15.67 4.15 -5.77
CA MET D 72 -14.86 2.94 -5.72
C MET D 72 -15.07 2.05 -6.95
N PRO D 73 -14.04 1.79 -7.75
CA PRO D 73 -14.25 0.96 -8.93
C PRO D 73 -14.45 -0.48 -8.58
N ASP D 74 -15.40 -1.13 -9.25
CA ASP D 74 -15.61 -2.57 -9.14
C ASP D 74 -14.58 -3.22 -10.07
N THR D 75 -13.45 -3.61 -9.51
CA THR D 75 -12.35 -4.12 -10.31
C THR D 75 -11.48 -5.05 -9.48
N LYS D 76 -10.78 -5.94 -10.18
CA LYS D 76 -9.85 -6.88 -9.56
C LYS D 76 -8.45 -6.24 -9.38
N ASP D 77 -8.22 -5.12 -10.05
CA ASP D 77 -6.93 -4.42 -9.94
C ASP D 77 -6.78 -3.67 -8.60
N VAL D 78 -6.10 -4.29 -7.63
CA VAL D 78 -5.89 -3.68 -6.30
C VAL D 78 -5.29 -2.22 -6.33
N ILE D 79 -4.31 -1.98 -7.17
CA ILE D 79 -3.61 -0.68 -7.22
C ILE D 79 -4.59 0.43 -7.65
N ARG D 80 -5.58 0.10 -8.47
CA ARG D 80 -6.54 1.12 -8.88
C ARG D 80 -7.50 1.49 -7.76
N ILE D 81 -7.85 0.50 -6.96
CA ILE D 81 -8.69 0.72 -5.81
C ILE D 81 -7.99 1.68 -4.82
N LEU D 82 -6.70 1.43 -4.53
CA LEU D 82 -5.87 2.32 -3.67
C LEU D 82 -5.71 3.71 -4.24
N GLN D 83 -5.47 3.82 -5.52
CA GLN D 83 -5.35 5.13 -6.11
C GLN D 83 -6.69 5.91 -5.98
N ALA D 84 -7.79 5.22 -6.20
CA ALA D 84 -9.11 5.80 -6.12
C ALA D 84 -9.42 6.29 -4.73
N ARG D 85 -8.88 5.60 -3.73
CA ARG D 85 -9.07 6.00 -2.31
C ARG D 85 -8.26 7.30 -1.95
N ILE D 86 -7.05 7.42 -2.51
CA ILE D 86 -6.23 8.62 -2.33
C ILE D 86 -6.97 9.79 -2.97
N TYR D 87 -7.44 9.56 -4.20
CA TYR D 87 -8.16 10.55 -4.98
C TYR D 87 -9.39 11.04 -4.21
N GLU D 88 -10.12 10.09 -3.65
CA GLU D 88 -11.30 10.48 -2.87
C GLU D 88 -10.91 11.32 -1.59
N GLN D 89 -9.91 10.88 -0.83
CA GLN D 89 -9.52 11.61 0.40
C GLN D 89 -9.03 13.01 0.07
N LEU D 90 -8.32 13.15 -1.05
CA LEU D 90 -7.87 14.46 -1.47
C LEU D 90 -9.06 15.36 -1.69
N THR D 91 -10.06 14.86 -2.40
CA THR D 91 -11.19 15.72 -2.77
C THR D 91 -11.97 16.09 -1.48
N ILE D 92 -12.10 15.15 -0.56
CA ILE D 92 -12.77 15.47 0.68
C ILE D 92 -12.02 16.58 1.45
N ASP D 93 -10.69 16.41 1.62
CA ASP D 93 -9.90 17.35 2.41
C ASP D 93 -9.79 18.75 1.77
N LEU D 94 -9.73 18.79 0.45
CA LEU D 94 -9.69 20.06 -0.28
C LEU D 94 -11.05 20.74 -0.09
N TRP D 95 -12.20 20.01 -0.15
CA TRP D 95 -13.48 20.64 0.11
C TRP D 95 -13.55 21.25 1.55
N GLU D 96 -12.94 20.66 2.52
CA GLU D 96 -12.94 21.26 3.87
C GLU D 96 -12.14 22.58 3.90
N ASP D 97 -11.19 22.77 2.98
CA ASP D 97 -10.45 24.03 2.93
C ASP D 97 -10.95 25.07 1.90
N ALA D 98 -12.06 24.73 1.22
CA ALA D 98 -12.58 25.56 0.14
C ALA D 98 -12.91 26.99 0.56
N GLU D 99 -13.70 27.15 1.59
CA GLU D 99 -14.02 28.52 2.00
C GLU D 99 -12.78 29.31 2.39
N ASP D 100 -11.86 28.68 3.17
CA ASP D 100 -10.65 29.34 3.66
C ASP D 100 -9.80 29.84 2.51
N LEU D 101 -9.64 28.97 1.51
CA LEU D 101 -8.87 29.32 0.32
C LEU D 101 -9.49 30.40 -0.52
N LEU D 102 -10.82 30.34 -0.69
CA LEU D 102 -11.49 31.42 -1.44
C LEU D 102 -11.40 32.77 -0.69
N ASN D 103 -11.50 32.75 0.64
CA ASN D 103 -11.30 34.02 1.45
C ASN D 103 -9.86 34.55 1.32
N GLU D 104 -8.84 33.68 1.44
CA GLU D 104 -7.44 34.14 1.31
C GLU D 104 -7.22 34.80 -0.09
N TYR D 105 -7.80 34.24 -1.15
CA TYR D 105 -7.62 34.82 -2.47
C TYR D 105 -8.23 36.25 -2.56
N LEU D 106 -9.50 36.33 -2.14
CA LEU D 106 -10.26 37.58 -2.19
C LEU D 106 -9.52 38.66 -1.37
N GLU D 107 -9.02 38.27 -0.20
CA GLU D 107 -8.33 39.20 0.76
C GLU D 107 -6.87 39.58 0.43
N GLU D 108 -6.31 39.10 -0.67
CA GLU D 108 -4.90 39.41 -0.94
C GLU D 108 -4.57 40.72 -1.61
N VAL D 109 -5.54 41.59 -1.76
CA VAL D 109 -5.29 42.91 -2.33
C VAL D 109 -6.13 43.91 -1.57
N GLU D 110 -5.70 45.17 -1.53
CA GLU D 110 -6.52 46.22 -0.88
C GLU D 110 -6.18 47.59 -1.40
N GLU D 111 -7.19 48.44 -1.63
CA GLU D 111 -6.85 49.79 -2.08
C GLU D 111 -6.67 50.69 -0.80
N TYR D 112 -5.51 50.95 -0.39
N MET E 6 8.08 0.08 8.79
CA MET E 6 8.30 -1.43 8.85
C MET E 6 8.58 -1.90 7.44
N THR E 7 9.52 -2.83 7.27
CA THR E 7 9.87 -3.32 5.96
C THR E 7 9.60 -4.81 5.74
N TYR E 8 9.61 -5.18 4.49
CA TYR E 8 9.39 -6.56 4.11
C TYR E 8 10.55 -7.40 4.74
N ASN E 9 11.78 -6.85 4.67
CA ASN E 9 12.93 -7.61 5.26
C ASN E 9 12.75 -7.86 6.74
N ASN E 10 12.04 -6.97 7.47
CA ASN E 10 11.79 -7.18 8.90
C ASN E 10 10.87 -8.40 9.06
N VAL E 11 9.75 -8.47 8.29
CA VAL E 11 8.84 -9.62 8.36
C VAL E 11 9.55 -10.92 7.90
N PHE E 12 10.32 -10.83 6.83
CA PHE E 12 11.00 -11.97 6.33
C PHE E 12 12.02 -12.46 7.39
N ASP E 13 12.71 -11.53 8.06
CA ASP E 13 13.72 -11.97 9.07
C ASP E 13 13.02 -12.62 10.28
N HIS E 14 11.70 -12.42 10.37
CA HIS E 14 10.94 -12.98 11.52
C HIS E 14 10.56 -14.44 11.14
N ALA E 15 9.93 -14.63 9.98
CA ALA E 15 9.55 -16.04 9.57
C ALA E 15 10.77 -16.95 9.39
N TYR E 16 11.87 -16.39 8.87
CA TYR E 16 13.12 -17.14 8.67
C TYR E 16 13.65 -17.68 9.96
N GLU E 17 13.58 -16.84 10.99
CA GLU E 17 14.03 -17.27 12.35
C GLU E 17 13.05 -18.23 13.01
N MET E 18 11.78 -18.10 12.72
CA MET E 18 10.82 -19.00 13.32
C MET E 18 10.97 -20.40 12.75
N LEU E 19 11.28 -20.46 11.45
CA LEU E 19 11.30 -21.72 10.69
C LEU E 19 12.53 -22.45 11.29
N LYS E 20 13.63 -21.69 11.56
CA LYS E 20 14.86 -22.24 12.16
C LYS E 20 14.52 -22.91 13.48
N GLU E 21 13.75 -22.19 14.30
CA GLU E 21 13.28 -22.75 15.56
C GLU E 21 12.43 -24.03 15.34
N ASN E 22 11.37 -23.93 14.53
CA ASN E 22 10.45 -25.05 14.26
C ASN E 22 11.25 -26.28 13.71
N ILE E 23 12.30 -26.00 12.94
CA ILE E 23 13.12 -27.07 12.40
C ILE E 23 13.77 -27.86 13.53
N ARG E 24 14.33 -27.13 14.50
CA ARG E 24 14.97 -27.78 15.67
C ARG E 24 13.98 -28.50 16.54
N TYR E 25 12.87 -27.85 16.82
CA TYR E 25 11.92 -28.47 17.74
C TYR E 25 11.41 -29.83 17.25
N ASP E 26 11.29 -30.01 15.95
CA ASP E 26 10.76 -31.29 15.43
C ASP E 26 11.77 -32.18 14.71
N ASP E 27 13.05 -31.83 14.84
CA ASP E 27 14.15 -32.56 14.12
C ASP E 27 13.77 -32.80 12.65
N ILE E 28 13.52 -31.72 11.91
CA ILE E 28 13.11 -31.87 10.49
C ILE E 28 14.38 -32.01 9.64
N ARG E 29 14.39 -33.01 8.77
CA ARG E 29 15.58 -33.32 7.99
C ARG E 29 15.41 -33.33 6.49
N ASP E 30 14.17 -33.24 6.06
CA ASP E 30 13.83 -33.35 4.63
C ASP E 30 12.83 -32.30 4.17
N THR E 31 13.06 -31.76 2.97
CA THR E 31 12.11 -30.74 2.44
C THR E 31 10.69 -31.25 2.28
N ASP E 32 10.53 -32.57 2.19
CA ASP E 32 9.21 -33.09 1.96
C ASP E 32 8.38 -33.12 3.24
N ASP E 33 8.99 -32.66 4.33
CA ASP E 33 8.37 -32.62 5.63
C ASP E 33 8.39 -31.16 6.16
N LEU E 34 8.63 -30.21 5.26
CA LEU E 34 8.78 -28.80 5.65
C LEU E 34 7.55 -27.94 5.43
N HIS E 35 6.62 -28.43 4.65
CA HIS E 35 5.45 -27.62 4.29
C HIS E 35 4.78 -26.91 5.47
N ASP E 36 4.38 -27.67 6.49
CA ASP E 36 3.69 -27.05 7.59
C ASP E 36 4.57 -26.13 8.38
N ALA E 37 5.85 -26.45 8.54
CA ALA E 37 6.69 -25.51 9.32
C ALA E 37 6.81 -24.14 8.64
N ILE E 38 6.93 -24.13 7.31
CA ILE E 38 7.10 -22.92 6.46
C ILE E 38 5.83 -22.06 6.55
N HIS E 39 4.69 -22.70 6.41
CA HIS E 39 3.36 -22.00 6.48
C HIS E 39 3.03 -21.46 7.84
N MET E 40 3.37 -22.15 8.94
CA MET E 40 3.20 -21.60 10.33
C MET E 40 4.13 -20.44 10.58
N ALA E 41 5.30 -20.48 9.96
CA ALA E 41 6.33 -19.45 10.12
C ALA E 41 5.79 -18.12 9.57
N ALA E 42 5.22 -18.20 8.37
CA ALA E 42 4.58 -17.02 7.81
C ALA E 42 3.45 -16.43 8.79
N ASP E 43 2.63 -17.33 9.32
CA ASP E 43 1.51 -16.94 10.16
C ASP E 43 2.01 -16.14 11.32
N ASN E 44 3.12 -16.57 11.84
CA ASN E 44 3.69 -15.84 12.95
C ASN E 44 4.37 -14.50 12.57
N ALA E 45 4.81 -14.33 11.34
CA ALA E 45 5.52 -13.14 10.94
C ALA E 45 4.62 -12.12 10.20
N VAL E 46 3.48 -12.50 9.66
CA VAL E 46 2.64 -11.51 8.95
C VAL E 46 2.22 -10.43 9.92
N PRO E 47 2.24 -9.18 9.49
CA PRO E 47 1.92 -8.10 10.38
C PRO E 47 0.43 -8.12 10.71
N HIS E 48 0.08 -7.55 11.85
CA HIS E 48 -1.28 -7.44 12.17
C HIS E 48 -1.92 -6.00 12.12
N TYR E 49 -1.08 -4.97 12.15
CA TYR E 49 -1.66 -3.64 12.14
C TYR E 49 -1.98 -3.16 10.75
N TYR E 50 -2.84 -2.18 10.58
CA TYR E 50 -3.14 -1.64 9.23
C TYR E 50 -1.90 -1.02 8.62
N ALA E 51 -1.31 -0.01 9.30
CA ALA E 51 -0.21 0.70 8.69
C ALA E 51 1.01 -0.19 8.43
N ASP E 52 1.23 -1.14 9.36
CA ASP E 52 2.38 -2.06 9.22
C ASP E 52 2.19 -2.87 7.94
N ILE E 53 0.97 -3.36 7.70
CA ILE E 53 0.71 -4.10 6.49
C ILE E 53 0.95 -3.16 5.22
N PHE E 54 0.41 -1.94 5.25
CA PHE E 54 0.64 -0.98 4.18
C PHE E 54 2.18 -0.63 4.08
N SER E 55 2.87 -0.50 5.21
CA SER E 55 4.30 -0.09 5.15
C SER E 55 5.15 -1.19 4.50
N VAL E 56 4.76 -2.43 4.79
CA VAL E 56 5.44 -3.62 4.26
C VAL E 56 5.23 -3.63 2.77
N MET E 57 4.00 -3.39 2.29
CA MET E 57 3.69 -3.34 0.85
C MET E 57 4.44 -2.21 0.11
N ALA E 58 4.78 -1.14 0.83
CA ALA E 58 5.54 -0.01 0.30
C ALA E 58 7.05 -0.28 0.18
N SER E 59 7.56 -1.35 0.83
CA SER E 59 9.01 -1.52 0.88
C SER E 59 9.55 -2.52 -0.14
N GLU E 60 10.88 -2.62 -0.13
CA GLU E 60 11.63 -3.43 -1.02
C GLU E 60 11.42 -4.94 -0.85
N GLY E 61 11.26 -5.69 -1.94
CA GLY E 61 11.18 -7.12 -1.87
C GLY E 61 9.86 -7.82 -2.18
N ILE E 62 8.77 -7.06 -2.42
CA ILE E 62 7.53 -7.70 -2.66
C ILE E 62 6.71 -6.87 -3.64
N ASP E 63 6.21 -7.59 -4.64
CA ASP E 63 5.20 -6.97 -5.57
C ASP E 63 3.72 -7.33 -5.29
N LEU E 64 2.80 -6.62 -5.94
CA LEU E 64 1.37 -6.83 -5.72
C LEU E 64 0.77 -8.08 -6.42
N GLU E 65 1.40 -8.58 -7.45
CA GLU E 65 0.84 -9.72 -8.18
C GLU E 65 1.07 -11.04 -7.46
N PHE E 66 0.09 -11.94 -7.49
CA PHE E 66 0.21 -13.29 -6.98
C PHE E 66 0.87 -14.22 -7.97
N GLU E 67 1.65 -15.16 -7.44
CA GLU E 67 2.25 -16.19 -8.26
C GLU E 67 1.23 -17.29 -8.59
N ASP E 68 0.48 -17.73 -7.57
CA ASP E 68 -0.61 -18.74 -7.72
C ASP E 68 -1.91 -18.07 -7.23
N SER E 69 -2.85 -17.86 -8.15
CA SER E 69 -4.08 -17.12 -7.89
C SER E 69 -4.99 -17.90 -6.93
N GLY E 70 -4.72 -19.19 -6.78
CA GLY E 70 -5.40 -19.97 -5.79
C GLY E 70 -5.15 -19.56 -4.35
N LEU E 71 -4.07 -18.80 -4.11
CA LEU E 71 -3.77 -18.36 -2.76
C LEU E 71 -4.35 -16.94 -2.57
N MET E 72 -5.07 -16.41 -3.58
CA MET E 72 -5.69 -15.10 -3.53
C MET E 72 -7.19 -15.19 -3.20
N PRO E 73 -7.64 -14.60 -2.10
CA PRO E 73 -9.06 -14.71 -1.79
C PRO E 73 -9.91 -13.85 -2.69
N ASP E 74 -11.05 -14.39 -3.14
CA ASP E 74 -12.05 -13.64 -3.89
C ASP E 74 -12.87 -12.87 -2.85
N THR E 75 -12.50 -11.62 -2.61
CA THR E 75 -13.12 -10.85 -1.55
C THR E 75 -13.02 -9.37 -1.85
N LYS E 76 -13.94 -8.60 -1.29
CA LYS E 76 -13.97 -7.15 -1.42
C LYS E 76 -13.05 -6.48 -0.36
N ASP E 77 -12.64 -7.23 0.63
CA ASP E 77 -11.76 -6.70 1.68
C ASP E 77 -10.30 -6.52 1.20
N VAL E 78 -9.93 -5.31 0.79
CA VAL E 78 -8.58 -5.01 0.30
C VAL E 78 -7.41 -5.48 1.26
N ILE E 79 -7.57 -5.24 2.56
CA ILE E 79 -6.50 -5.55 3.53
C ILE E 79 -6.24 -7.07 3.57
N ARG E 80 -7.25 -7.89 3.34
CA ARG E 80 -7.03 -9.33 3.34
C ARG E 80 -6.27 -9.80 2.13
N ILE E 81 -6.53 -9.15 1.00
CA ILE E 81 -5.81 -9.45 -0.22
C ILE E 81 -4.31 -9.14 -0.03
N LEU E 82 -3.98 -7.98 0.54
CA LEU E 82 -2.58 -7.59 0.87
C LEU E 82 -1.92 -8.52 1.87
N GLN E 83 -2.64 -8.91 2.89
CA GLN E 83 -2.08 -9.84 3.84
C GLN E 83 -1.77 -11.20 3.17
N ALA E 84 -2.67 -11.64 2.32
CA ALA E 84 -2.52 -12.90 1.62
C ALA E 84 -1.34 -12.87 0.70
N ARG E 85 -1.02 -11.70 0.15
CA ARG E 85 0.16 -11.54 -0.75
C ARG E 85 1.51 -11.60 0.04
N ILE E 86 1.52 -11.03 1.26
CA ILE E 86 2.69 -11.10 2.13
C ILE E 86 2.91 -12.57 2.49
N TYR E 87 1.83 -13.23 2.90
CA TYR E 87 1.83 -14.62 3.28
C TYR E 87 2.39 -15.48 2.16
N GLU E 88 1.91 -15.24 0.94
CA GLU E 88 2.42 -16.00 -0.17
C GLU E 88 3.94 -15.76 -0.43
N GLN E 89 4.38 -14.49 -0.44
CA GLN E 89 5.81 -14.18 -0.70
C GLN E 89 6.70 -14.79 0.36
N LEU E 90 6.24 -14.80 1.62
CA LEU E 90 6.99 -15.44 2.68
C LEU E 90 7.20 -16.88 2.38
N THR E 91 6.14 -17.56 1.99
CA THR E 91 6.21 -19.02 1.78
C THR E 91 7.15 -19.31 0.59
N ILE E 92 7.06 -18.49 -0.45
CA ILE E 92 7.94 -18.69 -1.57
C ILE E 92 9.41 -18.52 -1.16
N ASP E 93 9.73 -17.41 -0.45
CA ASP E 93 11.12 -17.12 -0.09
C ASP E 93 11.72 -18.12 0.92
N LEU E 94 10.88 -18.60 1.83
CA LEU E 94 11.30 -19.61 2.81
C LEU E 94 11.58 -20.91 2.03
N TRP E 95 10.75 -21.30 1.04
CA TRP E 95 11.05 -22.48 0.27
C TRP E 95 12.43 -22.36 -0.48
N GLU E 96 12.80 -21.19 -0.93
CA GLU E 96 14.11 -21.06 -1.57
C GLU E 96 15.26 -21.27 -0.58
N ASP E 97 15.01 -21.06 0.73
CA ASP E 97 16.06 -21.29 1.73
C ASP E 97 16.00 -22.65 2.44
N ALA E 98 15.05 -23.50 2.03
CA ALA E 98 14.78 -24.77 2.69
C ALA E 98 15.99 -25.69 2.74
N GLU E 99 16.59 -25.96 1.60
CA GLU E 99 17.75 -26.85 1.64
C GLU E 99 18.88 -26.29 2.50
N ASP E 100 19.17 -24.98 2.38
CA ASP E 100 20.27 -24.33 3.10
C ASP E 100 20.06 -24.46 4.60
N LEU E 101 18.82 -24.21 5.03
CA LEU E 101 18.48 -24.32 6.45
C LEU E 101 18.53 -25.73 6.99
N LEU E 102 18.05 -26.68 6.19
CA LEU E 102 18.16 -28.09 6.64
C LEU E 102 19.63 -28.55 6.72
N ASN E 103 20.47 -28.10 5.79
CA ASN E 103 21.95 -28.42 5.87
C ASN E 103 22.60 -27.77 7.11
N GLU E 104 22.31 -26.48 7.39
CA GLU E 104 22.90 -25.81 8.56
C GLU E 104 22.49 -26.58 9.88
N TYR E 105 21.26 -27.06 9.96
CA TYR E 105 20.83 -27.77 11.16
C TYR E 105 21.64 -29.10 11.33
N LEU E 106 21.66 -29.88 10.26
CA LEU E 106 22.33 -31.19 10.26
C LEU E 106 23.82 -30.99 10.63
N GLU E 107 24.44 -29.96 10.07
CA GLU E 107 25.91 -29.67 10.25
C GLU E 107 26.31 -28.98 11.58
N GLU E 108 25.38 -28.72 12.46
CA GLU E 108 25.76 -28.01 13.69
C GLU E 108 26.32 -28.81 14.84
N VAL E 109 26.61 -30.07 14.62
CA VAL E 109 27.23 -30.91 15.66
C VAL E 109 28.22 -31.80 14.98
N GLU E 110 29.26 -32.23 15.72
CA GLU E 110 30.24 -33.20 15.13
C GLU E 110 30.95 -33.97 16.22
N GLU E 111 31.15 -35.28 16.02
CA GLU E 111 31.89 -36.01 17.04
C GLU E 111 33.42 -35.93 16.67
#